data_5YPM
#
_entry.id   5YPM
#
_cell.length_a   69.790
_cell.length_b   74.020
_cell.length_c   155.040
_cell.angle_alpha   90.00
_cell.angle_beta   90.44
_cell.angle_gamma   90.00
#
_symmetry.space_group_name_H-M   'P 1 21 1'
#
loop_
_entity.id
_entity.type
_entity.pdbx_description
1 polymer 'Metallo-beta-lactamase NDM-1'
2 non-polymer 'ZINC ION'
3 non-polymer '(2S,3R)-2-[(2S,3R)-1,3-bis(oxidanyl)-1-oxidanylidene-butan-2-yl]-4-[(3S,5S)-5-(dimethylcarbamoyl)pyrrolidin-3-yl]sulfan yl-3-methyl-2,3-dihydro-1H-pyrrole-5-carboxylic acid'
4 non-polymer 'SULFATE ION'
5 water water
#
_entity_poly.entity_id   1
_entity_poly.type   'polypeptide(L)'
_entity_poly.pdbx_seq_one_letter_code
;GEIRPTIGQQMETGDQRFGDLVFRQLAPNVWQHTSYLDMPGFGAVASNGLIVRDGGRVLVVDTAWTDDQTAQILNWIKQE
INLPVALAVVTHAHQDKMGGMDALHAAGIATYANALSNQLAPQEGMVAAQHSLTFAANGWVEPATAPNFGPLKVFYPGPG
HTSDNITVGIDGTDIAFGGCLIKDSKAKSLGNLGDADTEHYAASARAFGAAFPKASMIVMSHSAPDSRAAITHTARMADK
LR
;
_entity_poly.pdbx_strand_id   A,B,C,D,E,F,G,H
#
loop_
_chem_comp.id
_chem_comp.type
_chem_comp.name
_chem_comp.formula
8YL non-polymer '(2S,3R)-2-[(2S,3R)-1,3-bis(oxidanyl)-1-oxidanylidene-butan-2-yl]-4-[(3S,5S)-5-(dimethylcarbamoyl)pyrrolidin-3-yl]sulfan yl-3-methyl-2,3-dihydro-1H-pyrrole-5-carboxylic acid' 'C17 H27 N3 O6 S'
SO4 non-polymer 'SULFATE ION' 'O4 S -2'
ZN non-polymer 'ZINC ION' 'Zn 2'
#
# COMPACT_ATOMS: atom_id res chain seq x y z
N ASP A 15 -41.18 -9.06 19.65
CA ASP A 15 -42.10 -9.32 18.55
C ASP A 15 -43.44 -9.86 19.06
N GLN A 16 -44.53 -9.33 18.53
CA GLN A 16 -45.87 -9.80 18.89
C GLN A 16 -46.54 -10.49 17.71
N ARG A 17 -47.05 -11.70 17.95
CA ARG A 17 -47.72 -12.45 16.90
C ARG A 17 -49.25 -12.43 16.98
N PHE A 18 -49.87 -12.06 15.87
CA PHE A 18 -51.32 -12.14 15.73
C PHE A 18 -51.61 -12.94 14.46
N GLY A 19 -52.05 -14.19 14.64
CA GLY A 19 -52.22 -15.08 13.50
C GLY A 19 -50.91 -15.43 12.83
N ASP A 20 -50.82 -15.17 11.53
CA ASP A 20 -49.62 -15.45 10.75
C ASP A 20 -48.71 -14.23 10.62
N LEU A 21 -48.97 -13.19 11.42
CA LEU A 21 -48.18 -11.98 11.32
C LEU A 21 -47.37 -11.65 12.56
N VAL A 22 -46.31 -10.90 12.33
CA VAL A 22 -45.41 -10.46 13.40
C VAL A 22 -45.37 -8.93 13.44
N PHE A 23 -45.46 -8.37 14.64
CA PHE A 23 -45.43 -6.92 14.78
C PHE A 23 -44.27 -6.50 15.68
N ARG A 24 -43.53 -5.49 15.23
CA ARG A 24 -42.41 -4.97 16.00
C ARG A 24 -42.54 -3.47 16.17
N GLN A 25 -42.51 -3.01 17.41
CA GLN A 25 -42.57 -1.58 17.67
C GLN A 25 -41.20 -0.96 17.42
N LEU A 26 -41.17 0.09 16.59
CA LEU A 26 -39.92 0.72 16.23
C LEU A 26 -39.78 2.07 16.95
N ALA A 27 -40.93 2.62 17.33
CA ALA A 27 -41.02 3.91 17.98
C ALA A 27 -42.34 3.97 18.76
N PRO A 28 -42.47 4.92 19.71
CA PRO A 28 -43.71 5.03 20.49
C PRO A 28 -45.02 5.02 19.69
N ASN A 29 -44.99 5.53 18.45
CA ASN A 29 -46.21 5.57 17.64
C ASN A 29 -46.04 4.87 16.30
N VAL A 30 -45.00 4.04 16.18
CA VAL A 30 -44.73 3.34 14.93
C VAL A 30 -44.45 1.85 15.15
N TRP A 31 -45.18 1.01 14.41
CA TRP A 31 -44.94 -0.43 14.41
C TRP A 31 -44.63 -0.91 13.01
N GLN A 32 -43.81 -1.97 12.94
CA GLN A 32 -43.57 -2.65 11.67
C GLN A 32 -44.36 -3.94 11.63
N HIS A 33 -45.15 -4.13 10.59
CA HIS A 33 -45.86 -5.39 10.44
C HIS A 33 -45.15 -6.26 9.41
N THR A 34 -45.07 -7.56 9.68
CA THR A 34 -44.36 -8.49 8.82
C THR A 34 -45.21 -9.70 8.47
N SER A 35 -45.36 -9.98 7.19
CA SER A 35 -46.07 -11.17 6.73
C SER A 35 -45.18 -12.01 5.83
N TYR A 36 -45.54 -13.27 5.67
CA TYR A 36 -44.75 -14.22 4.90
C TYR A 36 -45.54 -14.95 3.83
N LEU A 37 -44.90 -15.15 2.68
CA LEU A 37 -45.47 -15.99 1.66
C LEU A 37 -44.41 -16.96 1.18
N ASP A 38 -44.67 -18.26 1.37
CA ASP A 38 -43.75 -19.28 0.89
C ASP A 38 -44.01 -19.57 -0.58
N MET A 39 -42.99 -19.38 -1.40
CA MET A 39 -43.13 -19.58 -2.84
C MET A 39 -42.36 -20.83 -3.25
N PRO A 40 -42.94 -21.60 -4.19
CA PRO A 40 -42.40 -22.89 -4.62
C PRO A 40 -40.95 -22.77 -5.09
N GLY A 41 -40.05 -23.37 -4.31
CA GLY A 41 -38.63 -23.39 -4.65
C GLY A 41 -37.80 -22.30 -3.99
N PHE A 42 -38.43 -21.44 -3.21
CA PHE A 42 -37.70 -20.35 -2.54
C PHE A 42 -37.85 -20.35 -1.03
N GLY A 43 -38.94 -20.95 -0.55
CA GLY A 43 -39.28 -20.92 0.85
C GLY A 43 -39.99 -19.62 1.24
N ALA A 44 -39.93 -19.27 2.52
CA ALA A 44 -40.66 -18.13 3.05
C ALA A 44 -40.00 -16.79 2.72
N VAL A 45 -40.76 -15.91 2.07
CA VAL A 45 -40.27 -14.55 1.81
C VAL A 45 -41.01 -13.57 2.70
N ALA A 46 -40.25 -12.80 3.48
CA ALA A 46 -40.83 -11.82 4.39
C ALA A 46 -41.11 -10.50 3.68
N SER A 47 -42.14 -9.80 4.14
CA SER A 47 -42.45 -8.46 3.62
C SER A 47 -42.90 -7.55 4.75
N ASN A 48 -42.30 -6.36 4.80
CA ASN A 48 -42.57 -5.42 5.90
C ASN A 48 -43.41 -4.23 5.48
N GLY A 49 -44.25 -3.76 6.38
CA GLY A 49 -44.99 -2.53 6.21
C GLY A 49 -45.04 -1.78 7.53
N LEU A 50 -45.72 -0.63 7.55
CA LEU A 50 -45.74 0.19 8.76
C LEU A 50 -47.15 0.43 9.31
N ILE A 51 -47.23 0.53 10.63
CA ILE A 51 -48.44 0.96 11.31
C ILE A 51 -48.09 2.20 12.13
N VAL A 52 -48.82 3.29 11.90
CA VAL A 52 -48.50 4.55 12.55
C VAL A 52 -49.71 5.11 13.31
N ARG A 53 -49.52 5.34 14.60
CA ARG A 53 -50.54 5.94 15.44
C ARG A 53 -50.45 7.47 15.41
N ASP A 54 -51.53 8.13 14.97
CA ASP A 54 -51.56 9.58 14.90
C ASP A 54 -52.75 10.15 15.66
N GLY A 55 -52.54 10.50 16.93
CA GLY A 55 -53.62 11.02 17.75
C GLY A 55 -54.68 9.98 18.06
N GLY A 56 -55.89 10.19 17.54
CA GLY A 56 -56.98 9.28 17.80
C GLY A 56 -57.26 8.35 16.65
N ARG A 57 -56.26 8.14 15.81
CA ARG A 57 -56.42 7.30 14.64
C ARG A 57 -55.13 6.56 14.28
N VAL A 58 -55.27 5.54 13.44
CA VAL A 58 -54.14 4.74 13.00
C VAL A 58 -53.99 4.86 11.49
N LEU A 59 -52.74 4.99 11.02
CA LEU A 59 -52.44 5.03 9.60
C LEU A 59 -51.63 3.80 9.20
N VAL A 60 -51.90 3.26 8.02
CA VAL A 60 -51.24 2.03 7.58
C VAL A 60 -50.45 2.22 6.29
N VAL A 61 -49.22 1.71 6.27
CA VAL A 61 -48.42 1.70 5.07
C VAL A 61 -48.22 0.27 4.56
N ASP A 62 -48.72 0.03 3.34
CA ASP A 62 -48.65 -1.26 2.64
C ASP A 62 -49.52 -2.35 3.26
N THR A 63 -50.04 -3.22 2.41
CA THR A 63 -50.79 -4.37 2.88
C THR A 63 -49.82 -5.53 3.10
N ALA A 64 -50.36 -6.69 3.46
CA ALA A 64 -49.57 -7.91 3.52
C ALA A 64 -49.66 -8.61 2.16
N TRP A 65 -49.12 -9.82 2.06
CA TRP A 65 -49.16 -10.56 0.80
C TRP A 65 -50.59 -10.87 0.35
N THR A 66 -51.45 -11.21 1.32
CA THR A 66 -52.81 -11.65 1.01
C THR A 66 -53.87 -10.89 1.79
N ASP A 67 -55.13 -11.10 1.41
CA ASP A 67 -56.27 -10.49 2.09
C ASP A 67 -56.40 -10.97 3.53
N ASP A 68 -56.25 -12.27 3.74
CA ASP A 68 -56.38 -12.87 5.07
C ASP A 68 -55.34 -12.31 6.04
N GLN A 69 -54.12 -12.17 5.56
CA GLN A 69 -53.04 -11.61 6.37
C GLN A 69 -53.32 -10.14 6.68
N THR A 70 -53.85 -9.42 5.69
CA THR A 70 -54.16 -8.00 5.87
C THR A 70 -55.29 -7.82 6.89
N ALA A 71 -56.27 -8.71 6.86
CA ALA A 71 -57.36 -8.69 7.84
C ALA A 71 -56.83 -8.91 9.25
N GLN A 72 -55.78 -9.72 9.37
CA GLN A 72 -55.16 -9.96 10.67
C GLN A 72 -54.47 -8.71 11.19
N ILE A 73 -53.94 -7.89 10.29
CA ILE A 73 -53.36 -6.62 10.66
C ILE A 73 -54.38 -5.70 11.30
N LEU A 74 -55.55 -5.57 10.66
CA LEU A 74 -56.61 -4.70 11.14
C LEU A 74 -57.13 -5.14 12.49
N ASN A 75 -57.23 -6.46 12.68
CA ASN A 75 -57.68 -7.00 13.95
C ASN A 75 -56.65 -6.77 15.05
N TRP A 76 -55.37 -6.90 14.72
CA TRP A 76 -54.32 -6.64 15.69
C TRP A 76 -54.33 -5.18 16.14
N ILE A 77 -54.52 -4.28 15.17
CA ILE A 77 -54.61 -2.86 15.45
C ILE A 77 -55.72 -2.59 16.48
N LYS A 78 -56.86 -3.24 16.29
CA LYS A 78 -58.00 -3.09 17.19
C LYS A 78 -57.73 -3.56 18.62
N GLN A 79 -56.97 -4.63 18.75
CA GLN A 79 -56.71 -5.22 20.06
C GLN A 79 -55.65 -4.45 20.86
N GLU A 80 -54.55 -4.11 20.18
CA GLU A 80 -53.37 -3.59 20.85
C GLU A 80 -53.37 -2.07 20.90
N ILE A 81 -54.04 -1.46 19.93
CA ILE A 81 -54.06 0.00 19.86
C ILE A 81 -55.47 0.54 20.10
N ASN A 82 -56.47 -0.16 19.58
CA ASN A 82 -57.87 0.23 19.72
C ASN A 82 -58.14 1.65 19.24
N LEU A 83 -57.66 1.96 18.04
CA LEU A 83 -57.98 3.22 17.38
C LEU A 83 -58.39 2.93 15.94
N PRO A 84 -59.34 3.72 15.40
CA PRO A 84 -59.80 3.46 14.04
C PRO A 84 -58.72 3.69 12.99
N VAL A 85 -58.64 2.79 12.01
CA VAL A 85 -57.72 2.94 10.91
C VAL A 85 -58.31 3.92 9.89
N ALA A 86 -57.70 5.10 9.79
CA ALA A 86 -58.25 6.17 8.97
C ALA A 86 -57.99 5.94 7.48
N LEU A 87 -56.77 5.54 7.15
CA LEU A 87 -56.41 5.33 5.75
C LEU A 87 -55.21 4.41 5.59
N ALA A 88 -54.98 3.95 4.37
CA ALA A 88 -53.82 3.13 4.07
C ALA A 88 -53.15 3.60 2.79
N VAL A 89 -51.82 3.54 2.77
CA VAL A 89 -51.05 3.90 1.59
C VAL A 89 -50.21 2.72 1.13
N VAL A 90 -50.30 2.38 -0.14
CA VAL A 90 -49.48 1.30 -0.70
C VAL A 90 -48.41 1.88 -1.63
N THR A 91 -47.21 1.30 -1.61
CA THR A 91 -46.04 1.95 -2.20
C THR A 91 -45.81 1.63 -3.68
N HIS A 92 -46.26 0.48 -4.14
CA HIS A 92 -46.31 0.19 -5.58
C HIS A 92 -47.15 -1.05 -5.87
N ALA A 93 -47.38 -1.30 -7.16
CA ALA A 93 -48.34 -2.30 -7.60
C ALA A 93 -47.76 -3.69 -7.72
N HIS A 94 -47.30 -4.24 -6.61
CA HIS A 94 -46.90 -5.65 -6.55
C HIS A 94 -47.60 -6.34 -5.39
N GLN A 95 -47.56 -7.68 -5.40
CA GLN A 95 -48.35 -8.45 -4.44
C GLN A 95 -47.96 -8.19 -2.99
N ASP A 96 -46.67 -8.05 -2.73
CA ASP A 96 -46.22 -7.89 -1.35
C ASP A 96 -46.64 -6.54 -0.77
N LYS A 97 -47.04 -5.62 -1.65
CA LYS A 97 -47.47 -4.29 -1.21
C LYS A 97 -48.97 -4.05 -1.39
N MET A 98 -49.57 -4.66 -2.41
CA MET A 98 -50.99 -4.44 -2.71
C MET A 98 -51.83 -5.71 -2.73
N GLY A 99 -51.26 -6.82 -2.30
CA GLY A 99 -51.94 -8.10 -2.33
C GLY A 99 -53.19 -8.18 -1.47
N GLY A 100 -53.28 -7.34 -0.45
CA GLY A 100 -54.39 -7.40 0.48
C GLY A 100 -55.33 -6.21 0.45
N MET A 101 -55.47 -5.59 -0.73
CA MET A 101 -56.33 -4.42 -0.90
C MET A 101 -57.78 -4.72 -0.54
N ASP A 102 -58.23 -5.93 -0.85
CA ASP A 102 -59.62 -6.33 -0.59
C ASP A 102 -59.99 -6.28 0.88
N ALA A 103 -59.07 -6.67 1.75
CA ALA A 103 -59.31 -6.67 3.19
C ALA A 103 -59.53 -5.26 3.69
N LEU A 104 -58.79 -4.30 3.11
CA LEU A 104 -58.93 -2.90 3.50
C LEU A 104 -60.28 -2.35 3.05
N HIS A 105 -60.65 -2.64 1.80
CA HIS A 105 -61.90 -2.13 1.26
C HIS A 105 -63.10 -2.79 1.93
N ALA A 106 -62.95 -4.06 2.29
CA ALA A 106 -64.01 -4.79 2.99
C ALA A 106 -64.26 -4.18 4.36
N ALA A 107 -63.23 -3.59 4.96
CA ALA A 107 -63.33 -2.97 6.27
C ALA A 107 -63.71 -1.50 6.16
N GLY A 108 -63.89 -1.02 4.93
CA GLY A 108 -64.30 0.36 4.68
C GLY A 108 -63.20 1.38 4.91
N ILE A 109 -61.95 0.96 4.71
CA ILE A 109 -60.81 1.84 4.91
C ILE A 109 -60.37 2.49 3.60
N ALA A 110 -60.26 3.82 3.61
CA ALA A 110 -59.83 4.57 2.43
C ALA A 110 -58.37 4.23 2.06
N THR A 111 -58.16 3.89 0.80
CA THR A 111 -56.85 3.48 0.34
C THR A 111 -56.27 4.42 -0.70
N TYR A 112 -54.96 4.64 -0.61
CA TYR A 112 -54.26 5.56 -1.49
C TYR A 112 -53.07 4.90 -2.17
N ALA A 113 -52.84 5.28 -3.43
CA ALA A 113 -51.67 4.81 -4.17
C ALA A 113 -51.29 5.86 -5.20
N ASN A 114 -50.07 5.75 -5.71
CA ASN A 114 -49.64 6.54 -6.85
C ASN A 114 -50.61 6.32 -8.00
N ALA A 115 -50.95 7.39 -8.71
CA ALA A 115 -51.86 7.29 -9.85
C ALA A 115 -51.37 6.23 -10.84
N LEU A 116 -50.05 6.18 -11.03
CA LEU A 116 -49.45 5.18 -11.91
C LEU A 116 -49.66 3.77 -11.37
N SER A 117 -49.57 3.61 -10.05
CA SER A 117 -49.81 2.32 -9.41
C SER A 117 -51.23 1.82 -9.68
N ASN A 118 -52.20 2.73 -9.58
CA ASN A 118 -53.58 2.37 -9.82
C ASN A 118 -53.82 2.00 -11.28
N GLN A 119 -53.09 2.66 -12.19
CA GLN A 119 -53.19 2.36 -13.61
C GLN A 119 -52.61 0.99 -13.96
N LEU A 120 -51.54 0.61 -13.25
CA LEU A 120 -50.85 -0.66 -13.50
C LEU A 120 -51.52 -1.85 -12.80
N ALA A 121 -52.30 -1.54 -11.77
CA ALA A 121 -52.86 -2.58 -10.89
C ALA A 121 -53.60 -3.71 -11.62
N PRO A 122 -54.50 -3.39 -12.56
CA PRO A 122 -55.18 -4.52 -13.22
C PRO A 122 -54.24 -5.40 -14.06
N GLN A 123 -53.24 -4.80 -14.71
CA GLN A 123 -52.26 -5.59 -15.47
C GLN A 123 -51.44 -6.45 -14.52
N GLU A 124 -51.26 -5.97 -13.30
CA GLU A 124 -50.47 -6.65 -12.29
C GLU A 124 -51.31 -7.60 -11.45
N GLY A 125 -52.60 -7.68 -11.75
CA GLY A 125 -53.50 -8.55 -11.00
C GLY A 125 -53.82 -8.02 -9.62
N MET A 126 -53.71 -6.70 -9.44
CA MET A 126 -53.98 -6.08 -8.15
C MET A 126 -55.28 -5.29 -8.19
N VAL A 127 -55.90 -5.15 -7.02
CA VAL A 127 -57.06 -4.29 -6.87
C VAL A 127 -56.58 -2.87 -6.64
N ALA A 128 -57.06 -1.93 -7.45
CA ALA A 128 -56.61 -0.55 -7.38
C ALA A 128 -57.06 0.15 -6.09
N ALA A 129 -56.28 1.13 -5.66
CA ALA A 129 -56.65 1.94 -4.50
C ALA A 129 -57.82 2.83 -4.85
N GLN A 130 -58.51 3.34 -3.83
CA GLN A 130 -59.69 4.15 -4.04
C GLN A 130 -59.32 5.56 -4.47
N HIS A 131 -58.12 6.00 -4.10
CA HIS A 131 -57.68 7.35 -4.44
C HIS A 131 -56.28 7.35 -5.03
N SER A 132 -56.01 8.33 -5.88
CA SER A 132 -54.74 8.42 -6.55
C SER A 132 -53.92 9.60 -6.05
N LEU A 133 -52.64 9.34 -5.78
CA LEU A 133 -51.71 10.39 -5.41
C LEU A 133 -51.00 10.91 -6.65
N THR A 134 -50.86 12.23 -6.73
CA THR A 134 -50.07 12.83 -7.80
C THR A 134 -48.91 13.59 -7.18
N PHE A 135 -47.86 13.83 -7.95
CA PHE A 135 -46.65 14.41 -7.39
C PHE A 135 -46.16 15.60 -8.21
N ALA A 136 -45.51 16.54 -7.53
CA ALA A 136 -44.90 17.68 -8.21
C ALA A 136 -43.60 17.26 -8.87
N ALA A 137 -42.98 18.19 -9.59
CA ALA A 137 -41.75 17.91 -10.32
C ALA A 137 -40.58 17.60 -9.39
N ASN A 138 -40.66 18.03 -8.13
CA ASN A 138 -39.59 17.75 -7.17
C ASN A 138 -39.81 16.44 -6.41
N GLY A 139 -40.89 15.73 -6.74
CA GLY A 139 -41.13 14.41 -6.17
C GLY A 139 -42.07 14.38 -4.98
N TRP A 140 -42.34 15.54 -4.40
CA TRP A 140 -43.21 15.63 -3.24
C TRP A 140 -44.67 15.52 -3.65
N VAL A 141 -45.46 14.87 -2.80
CA VAL A 141 -46.86 14.62 -3.08
C VAL A 141 -47.68 15.91 -3.13
N GLU A 142 -48.64 15.97 -4.04
CA GLU A 142 -49.58 17.08 -4.07
C GLU A 142 -50.49 16.97 -2.85
N PRO A 143 -50.41 17.95 -1.93
CA PRO A 143 -51.14 17.89 -0.66
C PRO A 143 -52.65 17.74 -0.84
N ALA A 144 -53.19 18.24 -1.95
CA ALA A 144 -54.62 18.09 -2.23
C ALA A 144 -55.01 16.63 -2.40
N THR A 145 -54.09 15.83 -2.92
CA THR A 145 -54.36 14.42 -3.19
C THR A 145 -54.05 13.53 -1.99
N ALA A 146 -53.38 14.10 -0.98
CA ALA A 146 -53.08 13.35 0.24
C ALA A 146 -53.62 14.08 1.49
N PRO A 147 -54.94 14.14 1.63
CA PRO A 147 -55.56 14.90 2.73
C PRO A 147 -55.45 14.22 4.08
N ASN A 148 -55.08 14.98 5.11
CA ASN A 148 -55.07 14.46 6.48
C ASN A 148 -54.17 13.23 6.63
N PHE A 149 -52.98 13.29 6.05
CA PHE A 149 -52.06 12.16 6.10
C PHE A 149 -51.22 12.17 7.38
N GLY A 150 -51.41 13.20 8.20
CA GLY A 150 -50.72 13.30 9.47
C GLY A 150 -49.21 13.32 9.32
N PRO A 151 -48.53 12.40 10.01
CA PRO A 151 -47.05 12.31 9.98
C PRO A 151 -46.51 11.68 8.70
N LEU A 152 -47.40 11.17 7.85
CA LEU A 152 -46.97 10.52 6.62
C LEU A 152 -46.54 11.53 5.55
N LYS A 153 -45.25 11.52 5.22
CA LYS A 153 -44.73 12.32 4.13
C LYS A 153 -44.38 11.47 2.93
N VAL A 154 -45.22 11.53 1.91
CA VAL A 154 -45.08 10.69 0.74
C VAL A 154 -44.18 11.38 -0.29
N PHE A 155 -43.20 10.64 -0.79
CA PHE A 155 -42.24 11.16 -1.75
C PHE A 155 -42.06 10.18 -2.89
N TYR A 156 -42.12 10.69 -4.11
CA TYR A 156 -41.85 9.86 -5.28
C TYR A 156 -40.43 10.14 -5.78
N PRO A 157 -39.51 9.18 -5.57
CA PRO A 157 -38.09 9.38 -5.86
C PRO A 157 -37.76 9.24 -7.33
N GLY A 158 -38.74 8.79 -8.12
CA GLY A 158 -38.50 8.47 -9.50
C GLY A 158 -38.50 6.97 -9.68
N PRO A 159 -38.48 6.51 -10.94
CA PRO A 159 -38.52 5.08 -11.24
C PRO A 159 -37.28 4.35 -10.74
N GLY A 160 -37.49 3.19 -10.10
CA GLY A 160 -36.39 2.41 -9.58
C GLY A 160 -36.72 0.93 -9.60
N HIS A 161 -37.18 0.42 -8.48
CA HIS A 161 -37.65 -0.96 -8.40
C HIS A 161 -38.79 -1.16 -9.39
N THR A 162 -39.71 -0.20 -9.42
CA THR A 162 -40.74 -0.12 -10.45
C THR A 162 -40.87 1.34 -10.89
N SER A 163 -41.77 1.59 -11.84
CA SER A 163 -41.99 2.95 -12.33
C SER A 163 -42.87 3.80 -11.43
N ASP A 164 -43.64 3.13 -10.58
CA ASP A 164 -44.64 3.79 -9.75
C ASP A 164 -44.27 3.81 -8.28
N ASN A 165 -43.19 3.12 -7.94
CA ASN A 165 -42.76 2.95 -6.55
C ASN A 165 -42.57 4.28 -5.82
N ILE A 166 -43.21 4.40 -4.64
CA ILE A 166 -43.12 5.61 -3.83
C ILE A 166 -42.58 5.33 -2.43
N THR A 167 -42.22 6.40 -1.72
CA THR A 167 -41.63 6.25 -0.40
C THR A 167 -42.34 7.12 0.65
N VAL A 168 -42.19 6.76 1.93
CA VAL A 168 -42.89 7.47 3.00
C VAL A 168 -41.97 7.80 4.18
N GLY A 169 -41.97 9.05 4.60
CA GLY A 169 -41.26 9.45 5.80
C GLY A 169 -42.24 9.68 6.92
N ILE A 170 -41.82 9.41 8.14
CA ILE A 170 -42.67 9.61 9.30
C ILE A 170 -42.21 10.80 10.11
N ASP A 171 -42.97 11.89 10.05
CA ASP A 171 -42.61 13.11 10.78
C ASP A 171 -42.63 12.90 12.29
N GLY A 172 -41.72 13.59 12.97
CA GLY A 172 -41.58 13.50 14.40
C GLY A 172 -40.76 12.30 14.82
N THR A 173 -40.33 11.51 13.83
CA THR A 173 -39.52 10.34 14.11
C THR A 173 -38.26 10.33 13.25
N ASP A 174 -37.39 9.36 13.50
CA ASP A 174 -36.17 9.18 12.75
C ASP A 174 -36.37 8.19 11.60
N ILE A 175 -37.62 7.84 11.34
CA ILE A 175 -37.93 6.71 10.47
C ILE A 175 -38.35 7.14 9.06
N ALA A 176 -37.81 6.47 8.06
CA ALA A 176 -38.26 6.62 6.67
C ALA A 176 -38.43 5.23 6.04
N PHE A 177 -39.44 5.08 5.20
CA PHE A 177 -39.75 3.80 4.58
C PHE A 177 -39.48 3.80 3.08
N GLY A 178 -38.55 2.95 2.66
CA GLY A 178 -38.12 2.91 1.27
C GLY A 178 -38.77 1.82 0.44
N GLY A 179 -39.54 0.95 1.10
CA GLY A 179 -40.21 -0.14 0.41
C GLY A 179 -39.24 -1.08 -0.27
N CYS A 180 -39.56 -1.47 -1.50
CA CYS A 180 -38.73 -2.40 -2.26
C CYS A 180 -37.61 -1.71 -3.04
N LEU A 181 -37.65 -0.37 -3.05
CA LEU A 181 -36.63 0.41 -3.73
C LEU A 181 -35.27 0.21 -3.07
N ILE A 182 -35.27 0.22 -1.74
CA ILE A 182 -34.06 0.12 -0.95
C ILE A 182 -33.83 -1.28 -0.41
N LYS A 183 -32.63 -1.82 -0.61
CA LYS A 183 -32.23 -3.06 0.03
C LYS A 183 -31.26 -2.74 1.16
N ASP A 184 -31.08 -3.68 2.08
CA ASP A 184 -30.22 -3.46 3.23
C ASP A 184 -28.74 -3.55 2.86
N SER A 185 -27.88 -3.12 3.78
CA SER A 185 -26.46 -3.02 3.51
C SER A 185 -25.76 -4.37 3.31
N LYS A 186 -26.44 -5.47 3.64
CA LYS A 186 -25.83 -6.78 3.50
C LYS A 186 -26.32 -7.50 2.24
N ALA A 187 -27.19 -6.84 1.48
CA ALA A 187 -27.76 -7.44 0.28
C ALA A 187 -26.69 -7.66 -0.78
N LYS A 188 -26.84 -8.75 -1.54
CA LYS A 188 -25.92 -9.08 -2.61
C LYS A 188 -26.47 -8.68 -3.97
N SER A 189 -27.78 -8.46 -4.04
CA SER A 189 -28.44 -8.04 -5.27
C SER A 189 -29.57 -7.08 -4.96
N LEU A 190 -30.15 -6.50 -6.00
CA LEU A 190 -31.28 -5.59 -5.84
C LEU A 190 -32.60 -6.33 -5.96
N GLY A 191 -32.53 -7.65 -5.94
CA GLY A 191 -33.70 -8.50 -5.99
C GLY A 191 -34.36 -8.52 -7.36
N ASN A 192 -35.68 -8.52 -7.38
CA ASN A 192 -36.44 -8.55 -8.63
C ASN A 192 -36.33 -7.26 -9.42
N LEU A 193 -35.67 -7.33 -10.58
CA LEU A 193 -35.50 -6.17 -11.45
C LEU A 193 -36.36 -6.30 -12.70
N GLY A 194 -37.38 -7.16 -12.62
CA GLY A 194 -38.26 -7.41 -13.76
C GLY A 194 -39.00 -6.20 -14.28
N ASP A 195 -39.48 -5.36 -13.36
CA ASP A 195 -40.22 -4.16 -13.73
C ASP A 195 -39.42 -2.91 -13.43
N ALA A 196 -38.11 -3.06 -13.34
CA ALA A 196 -37.24 -1.99 -12.88
C ALA A 196 -36.77 -1.05 -13.98
N ASP A 197 -36.46 0.18 -13.59
CA ASP A 197 -35.82 1.15 -14.47
C ASP A 197 -34.36 1.19 -14.09
N THR A 198 -33.55 0.37 -14.77
CA THR A 198 -32.15 0.20 -14.41
C THR A 198 -31.33 1.47 -14.64
N GLU A 199 -31.83 2.35 -15.50
CA GLU A 199 -31.13 3.59 -15.81
C GLU A 199 -31.28 4.63 -14.72
N HIS A 200 -32.45 4.68 -14.09
CA HIS A 200 -32.74 5.72 -13.12
C HIS A 200 -32.76 5.21 -11.68
N TYR A 201 -32.52 3.92 -11.50
CA TYR A 201 -32.58 3.29 -10.17
C TYR A 201 -31.66 3.98 -9.17
N ALA A 202 -30.40 4.17 -9.55
CA ALA A 202 -29.40 4.77 -8.67
C ALA A 202 -29.79 6.17 -8.22
N ALA A 203 -30.20 7.01 -9.17
CA ALA A 203 -30.59 8.38 -8.85
C ALA A 203 -31.84 8.39 -7.97
N SER A 204 -32.75 7.47 -8.21
CA SER A 204 -33.98 7.39 -7.42
C SER A 204 -33.66 6.98 -5.99
N ALA A 205 -32.74 6.03 -5.83
CA ALA A 205 -32.32 5.61 -4.50
C ALA A 205 -31.71 6.79 -3.75
N ARG A 206 -30.87 7.56 -4.43
CA ARG A 206 -30.23 8.71 -3.81
C ARG A 206 -31.23 9.84 -3.54
N ALA A 207 -32.23 9.98 -4.40
CA ALA A 207 -33.25 11.00 -4.21
C ALA A 207 -34.04 10.73 -2.93
N PHE A 208 -34.28 9.45 -2.65
CA PHE A 208 -34.95 9.05 -1.43
C PHE A 208 -34.13 9.44 -0.21
N GLY A 209 -32.82 9.20 -0.27
CA GLY A 209 -31.95 9.57 0.83
C GLY A 209 -31.94 11.06 1.05
N ALA A 210 -31.93 11.82 -0.04
CA ALA A 210 -31.91 13.28 0.03
C ALA A 210 -33.25 13.85 0.46
N ALA A 211 -34.34 13.13 0.19
CA ALA A 211 -35.66 13.61 0.55
C ALA A 211 -35.86 13.58 2.06
N PHE A 212 -35.27 12.59 2.71
CA PHE A 212 -35.37 12.45 4.16
C PHE A 212 -33.99 12.41 4.79
N PRO A 213 -33.30 13.56 4.81
CA PRO A 213 -31.90 13.62 5.22
C PRO A 213 -31.65 13.29 6.69
N LYS A 214 -32.62 13.52 7.57
CA LYS A 214 -32.40 13.28 8.99
C LYS A 214 -32.81 11.87 9.45
N ALA A 215 -33.52 11.14 8.59
CA ALA A 215 -33.95 9.79 8.94
C ALA A 215 -32.76 8.86 9.17
N SER A 216 -32.64 8.38 10.40
CA SER A 216 -31.53 7.50 10.78
C SER A 216 -31.93 6.03 10.71
N MET A 217 -33.22 5.76 10.85
CA MET A 217 -33.72 4.39 10.78
C MET A 217 -34.44 4.17 9.46
N ILE A 218 -33.84 3.35 8.60
CA ILE A 218 -34.42 3.08 7.30
C ILE A 218 -35.15 1.75 7.31
N VAL A 219 -36.47 1.80 7.16
CA VAL A 219 -37.29 0.61 7.10
C VAL A 219 -37.53 0.23 5.64
N MET A 220 -37.41 -1.07 5.34
CA MET A 220 -37.60 -1.56 3.98
C MET A 220 -38.43 -2.84 3.96
N SER A 221 -38.78 -3.29 2.76
CA SER A 221 -39.73 -4.39 2.60
C SER A 221 -39.22 -5.76 3.03
N HIS A 222 -37.95 -6.06 2.78
CA HIS A 222 -37.47 -7.43 2.91
C HIS A 222 -36.26 -7.59 3.82
N SER A 223 -36.14 -6.71 4.81
CA SER A 223 -35.10 -6.83 5.82
C SER A 223 -35.44 -6.02 7.06
N ALA A 224 -34.77 -6.35 8.17
CA ALA A 224 -34.91 -5.57 9.40
C ALA A 224 -34.42 -4.15 9.13
N PRO A 225 -34.92 -3.17 9.90
CA PRO A 225 -34.48 -1.78 9.75
C PRO A 225 -32.95 -1.63 9.77
N ASP A 226 -32.43 -0.81 8.87
CA ASP A 226 -30.98 -0.61 8.75
C ASP A 226 -30.67 0.87 8.89
N SER A 227 -29.38 1.21 8.86
CA SER A 227 -28.96 2.61 8.89
C SER A 227 -29.04 3.22 7.49
N ARG A 228 -28.56 4.45 7.36
CA ARG A 228 -28.58 5.14 6.07
C ARG A 228 -27.66 4.49 5.04
N ALA A 229 -26.75 3.63 5.51
CA ALA A 229 -25.82 2.94 4.63
C ALA A 229 -26.55 2.08 3.61
N ALA A 230 -27.75 1.63 3.98
CA ALA A 230 -28.58 0.82 3.08
C ALA A 230 -28.92 1.59 1.81
N ILE A 231 -29.19 2.89 1.98
CA ILE A 231 -29.52 3.75 0.85
C ILE A 231 -28.34 3.89 -0.10
N THR A 232 -27.17 4.19 0.46
CA THR A 232 -25.97 4.39 -0.34
C THR A 232 -25.54 3.09 -1.02
N HIS A 233 -25.60 1.98 -0.28
CA HIS A 233 -25.23 0.68 -0.82
C HIS A 233 -26.15 0.26 -1.97
N THR A 234 -27.44 0.55 -1.82
CA THR A 234 -28.41 0.26 -2.86
C THR A 234 -28.10 1.06 -4.13
N ALA A 235 -27.84 2.35 -3.95
CA ALA A 235 -27.51 3.23 -5.05
C ALA A 235 -26.26 2.78 -5.79
N ARG A 236 -25.25 2.33 -5.04
CA ARG A 236 -23.98 1.92 -5.63
C ARG A 236 -24.12 0.58 -6.36
N MET A 237 -24.97 -0.30 -5.86
CA MET A 237 -25.32 -1.50 -6.60
C MET A 237 -26.07 -1.13 -7.88
N ALA A 238 -26.95 -0.15 -7.77
CA ALA A 238 -27.74 0.30 -8.91
C ALA A 238 -26.88 1.00 -9.96
N ASP A 239 -25.76 1.56 -9.53
CA ASP A 239 -24.81 2.21 -10.43
C ASP A 239 -24.25 1.21 -11.44
N LYS A 240 -24.24 -0.06 -11.06
CA LYS A 240 -23.68 -1.13 -11.89
C LYS A 240 -24.68 -1.60 -12.94
N LEU A 241 -25.88 -1.04 -12.92
CA LEU A 241 -26.91 -1.40 -13.89
C LEU A 241 -26.86 -0.49 -15.11
N ARG A 242 -26.19 0.65 -14.96
CA ARG A 242 -26.11 1.63 -16.04
C ARG A 242 -24.94 1.30 -16.98
N ASP B 15 31.91 -2.81 47.75
CA ASP B 15 30.95 -3.30 46.77
C ASP B 15 29.77 -4.01 47.40
N GLN B 16 28.58 -3.69 46.92
CA GLN B 16 27.37 -4.36 47.36
C GLN B 16 26.76 -5.14 46.21
N ARG B 17 26.47 -6.41 46.43
CA ARG B 17 25.88 -7.23 45.38
C ARG B 17 24.38 -7.33 45.60
N PHE B 18 23.63 -6.92 44.58
CA PHE B 18 22.18 -6.95 44.58
C PHE B 18 21.72 -7.68 43.32
N GLY B 19 21.23 -8.90 43.49
CA GLY B 19 20.91 -9.76 42.37
C GLY B 19 22.19 -10.11 41.62
N ASP B 20 22.19 -9.88 40.31
CA ASP B 20 23.37 -10.12 39.50
C ASP B 20 24.14 -8.82 39.26
N LEU B 21 23.80 -7.80 40.03
CA LEU B 21 24.41 -6.49 39.89
C LEU B 21 25.23 -6.09 41.12
N VAL B 22 26.22 -5.21 40.90
CA VAL B 22 27.09 -4.74 41.97
C VAL B 22 27.01 -3.23 42.10
N PHE B 23 26.86 -2.75 43.34
CA PHE B 23 26.79 -1.31 43.58
C PHE B 23 27.91 -0.87 44.50
N ARG B 24 28.56 0.24 44.14
CA ARG B 24 29.64 0.79 44.93
C ARG B 24 29.41 2.27 45.21
N GLN B 25 29.44 2.65 46.48
CA GLN B 25 29.29 4.05 46.86
C GLN B 25 30.59 4.80 46.61
N LEU B 26 30.52 5.90 45.86
CA LEU B 26 31.69 6.67 45.50
C LEU B 26 31.75 7.99 46.28
N ALA B 27 30.60 8.43 46.75
CA ALA B 27 30.45 9.69 47.45
C ALA B 27 29.19 9.62 48.30
N PRO B 28 29.04 10.54 49.28
CA PRO B 28 27.85 10.54 50.13
C PRO B 28 26.51 10.44 49.37
N ASN B 29 26.46 10.98 48.16
CA ASN B 29 25.22 10.93 47.37
C ASN B 29 25.40 10.34 45.98
N VAL B 30 26.50 9.62 45.76
CA VAL B 30 26.79 9.03 44.45
C VAL B 30 27.17 7.56 44.53
N TRP B 31 26.50 6.73 43.74
CA TRP B 31 26.81 5.31 43.64
C TRP B 31 27.10 4.90 42.19
N GLN B 32 27.94 3.89 42.04
CA GLN B 32 28.18 3.28 40.73
C GLN B 32 27.45 1.95 40.64
N HIS B 33 26.63 1.77 39.60
CA HIS B 33 25.97 0.50 39.39
C HIS B 33 26.71 -0.25 38.28
N THR B 34 26.84 -1.57 38.47
CA THR B 34 27.57 -2.41 37.53
C THR B 34 26.74 -3.62 37.13
N SER B 35 26.59 -3.84 35.83
CA SER B 35 25.88 -5.00 35.33
C SER B 35 26.80 -5.78 34.39
N TYR B 36 26.47 -7.05 34.18
CA TYR B 36 27.32 -7.93 33.39
C TYR B 36 26.56 -8.62 32.26
N LEU B 37 27.21 -8.74 31.12
CA LEU B 37 26.67 -9.49 29.99
C LEU B 37 27.74 -10.43 29.44
N ASP B 38 27.44 -11.73 29.38
CA ASP B 38 28.41 -12.67 28.82
C ASP B 38 28.36 -12.62 27.30
N MET B 39 29.49 -12.24 26.71
CA MET B 39 29.59 -12.08 25.26
C MET B 39 30.51 -13.15 24.68
N PRO B 40 30.21 -13.61 23.45
CA PRO B 40 30.92 -14.73 22.82
C PRO B 40 32.44 -14.58 22.78
N GLY B 41 33.12 -15.43 23.55
CA GLY B 41 34.57 -15.50 23.55
C GLY B 41 35.27 -14.68 24.61
N PHE B 42 34.50 -13.92 25.39
CA PHE B 42 35.11 -13.07 26.40
C PHE B 42 34.57 -13.35 27.80
N GLY B 43 33.40 -13.96 27.88
CA GLY B 43 32.76 -14.17 29.16
C GLY B 43 32.00 -12.93 29.57
N ALA B 44 31.84 -12.73 30.88
CA ALA B 44 31.04 -11.63 31.38
C ALA B 44 31.77 -10.30 31.24
N VAL B 45 31.12 -9.36 30.56
CA VAL B 45 31.67 -8.02 30.38
C VAL B 45 30.91 -7.02 31.24
N ALA B 46 31.64 -6.30 32.08
CA ALA B 46 31.03 -5.34 32.99
C ALA B 46 30.75 -4.00 32.31
N SER B 47 29.69 -3.35 32.76
CA SER B 47 29.35 -2.01 32.29
C SER B 47 28.88 -1.17 33.46
N ASN B 48 29.43 0.04 33.58
CA ASN B 48 29.15 0.90 34.73
C ASN B 48 28.25 2.09 34.40
N GLY B 49 27.44 2.46 35.38
CA GLY B 49 26.65 3.68 35.31
C GLY B 49 26.66 4.36 36.67
N LEU B 50 25.94 5.47 36.79
CA LEU B 50 25.94 6.23 38.02
C LEU B 50 24.54 6.37 38.63
N ILE B 51 24.50 6.42 39.96
CA ILE B 51 23.27 6.74 40.69
C ILE B 51 23.52 7.95 41.57
N VAL B 52 22.72 9.00 41.41
CA VAL B 52 22.94 10.23 42.16
C VAL B 52 21.74 10.65 42.98
N ARG B 53 21.94 10.79 44.28
CA ARG B 53 20.89 11.29 45.17
C ARG B 53 20.94 12.81 45.24
N ASP B 54 19.86 13.46 44.82
CA ASP B 54 19.79 14.91 44.84
C ASP B 54 18.58 15.37 45.65
N GLY B 55 18.78 15.59 46.95
CA GLY B 55 17.69 15.97 47.83
C GLY B 55 16.67 14.87 48.03
N GLY B 56 15.45 15.09 47.56
CA GLY B 56 14.39 14.12 47.73
C GLY B 56 14.13 13.31 46.49
N ARG B 57 15.13 13.21 45.62
CA ARG B 57 14.98 12.46 44.37
C ARG B 57 16.30 11.81 43.96
N VAL B 58 16.21 10.84 43.07
CA VAL B 58 17.38 10.11 42.58
C VAL B 58 17.53 10.30 41.07
N LEU B 59 18.76 10.52 40.63
CA LEU B 59 19.05 10.65 39.21
C LEU B 59 19.93 9.50 38.76
N VAL B 60 19.65 8.99 37.56
CA VAL B 60 20.38 7.84 37.05
C VAL B 60 21.12 8.16 35.75
N VAL B 61 22.37 7.74 35.67
CA VAL B 61 23.13 7.87 34.43
C VAL B 61 23.37 6.49 33.83
N ASP B 62 22.82 6.27 32.64
CA ASP B 62 22.92 5.02 31.89
C ASP B 62 22.14 3.86 32.49
N THR B 63 21.62 3.01 31.61
CA THR B 63 20.92 1.80 32.02
C THR B 63 21.92 0.68 32.15
N ALA B 64 21.44 -0.52 32.47
CA ALA B 64 22.26 -1.72 32.42
C ALA B 64 22.16 -2.35 31.03
N TRP B 65 22.75 -3.52 30.85
CA TRP B 65 22.71 -4.20 29.55
C TRP B 65 21.30 -4.54 29.09
N THR B 66 20.47 -4.97 30.03
CA THR B 66 19.12 -5.43 29.72
C THR B 66 18.05 -4.77 30.56
N ASP B 67 16.79 -4.96 30.18
CA ASP B 67 15.65 -4.44 30.92
C ASP B 67 15.56 -5.04 32.32
N ASP B 68 15.75 -6.35 32.41
CA ASP B 68 15.68 -7.06 33.67
C ASP B 68 16.71 -6.54 34.67
N GLN B 69 17.93 -6.31 34.19
CA GLN B 69 19.00 -5.78 35.01
C GLN B 69 18.70 -4.34 35.45
N THR B 70 18.12 -3.55 34.54
CA THR B 70 17.79 -2.15 34.83
C THR B 70 16.69 -2.06 35.89
N ALA B 71 15.74 -2.98 35.83
CA ALA B 71 14.69 -3.05 36.85
C ALA B 71 15.29 -3.32 38.22
N GLN B 72 16.36 -4.09 38.25
CA GLN B 72 17.06 -4.39 39.49
C GLN B 72 17.75 -3.18 40.08
N ILE B 73 18.21 -2.27 39.21
CA ILE B 73 18.78 -1.01 39.66
C ILE B 73 17.73 -0.21 40.43
N LEU B 74 16.52 -0.13 39.86
CA LEU B 74 15.42 0.58 40.49
C LEU B 74 15.03 -0.07 41.81
N ASN B 75 15.12 -1.40 41.85
CA ASN B 75 14.81 -2.13 43.08
C ASN B 75 15.83 -1.84 44.17
N TRP B 76 17.10 -1.77 43.78
CA TRP B 76 18.17 -1.46 44.72
C TRP B 76 18.04 -0.04 45.26
N ILE B 77 17.72 0.89 44.37
CA ILE B 77 17.48 2.28 44.75
C ILE B 77 16.36 2.37 45.78
N LYS B 78 15.29 1.63 45.53
CA LYS B 78 14.13 1.64 46.41
C LYS B 78 14.50 1.12 47.81
N GLN B 79 15.37 0.13 47.86
CA GLN B 79 15.78 -0.46 49.12
C GLN B 79 16.80 0.40 49.87
N GLU B 80 17.82 0.88 49.16
CA GLU B 80 18.96 1.51 49.80
C GLU B 80 18.81 3.03 49.95
N ILE B 81 18.03 3.65 49.08
CA ILE B 81 17.88 5.10 49.11
C ILE B 81 16.43 5.48 49.43
N ASN B 82 15.49 4.71 48.89
CA ASN B 82 14.07 4.93 49.11
C ASN B 82 13.64 6.36 48.74
N LEU B 83 14.06 6.80 47.57
CA LEU B 83 13.64 8.08 47.02
C LEU B 83 13.21 7.88 45.58
N PRO B 84 12.20 8.64 45.11
CA PRO B 84 11.72 8.45 43.74
C PRO B 84 12.79 8.82 42.71
N VAL B 85 12.91 8.00 41.67
CA VAL B 85 13.84 8.29 40.59
C VAL B 85 13.20 9.30 39.64
N ALA B 86 13.75 10.51 39.62
CA ALA B 86 13.16 11.62 38.86
C ALA B 86 13.45 11.52 37.37
N LEU B 87 14.69 11.18 37.02
CA LEU B 87 15.07 11.11 35.62
C LEU B 87 16.29 10.22 35.37
N ALA B 88 16.50 9.89 34.10
CA ALA B 88 17.67 9.12 33.70
C ALA B 88 18.30 9.72 32.45
N VAL B 89 19.63 9.72 32.40
CA VAL B 89 20.36 10.20 31.24
C VAL B 89 21.23 9.09 30.67
N VAL B 90 21.10 8.85 29.38
CA VAL B 90 21.92 7.83 28.73
C VAL B 90 22.95 8.52 27.82
N THR B 91 24.16 7.96 27.76
CA THR B 91 25.29 8.67 27.18
C THR B 91 25.49 8.42 25.68
N HIS B 92 25.05 7.25 25.20
CA HIS B 92 24.97 7.01 23.76
C HIS B 92 24.16 5.76 23.41
N ALA B 93 23.91 5.59 22.11
CA ALA B 93 22.96 4.58 21.63
C ALA B 93 23.63 3.21 21.40
N HIS B 94 24.17 2.64 22.47
CA HIS B 94 24.65 1.26 22.41
C HIS B 94 24.02 0.46 23.55
N GLN B 95 24.14 -0.87 23.46
CA GLN B 95 23.39 -1.74 24.37
C GLN B 95 23.76 -1.57 25.84
N ASP B 96 25.05 -1.35 26.13
CA ASP B 96 25.48 -1.26 27.53
C ASP B 96 24.99 0.03 28.19
N LYS B 97 24.57 1.00 27.38
CA LYS B 97 24.11 2.28 27.92
C LYS B 97 22.60 2.47 27.79
N MET B 98 22.00 1.90 26.74
CA MET B 98 20.57 2.09 26.50
C MET B 98 19.78 0.79 26.43
N GLY B 99 20.41 -0.32 26.77
CA GLY B 99 19.77 -1.62 26.65
C GLY B 99 18.54 -1.81 27.52
N GLY B 100 18.44 -1.04 28.60
CA GLY B 100 17.34 -1.19 29.53
C GLY B 100 16.38 -0.03 29.61
N MET B 101 16.20 0.67 28.49
CA MET B 101 15.30 1.83 28.43
C MET B 101 13.86 1.49 28.81
N ASP B 102 13.40 0.31 28.41
CA ASP B 102 12.03 -0.13 28.68
C ASP B 102 11.71 -0.22 30.16
N ALA B 103 12.69 -0.65 30.96
CA ALA B 103 12.50 -0.77 32.40
C ALA B 103 12.24 0.59 33.03
N LEU B 104 12.93 1.61 32.52
CA LEU B 104 12.76 2.97 33.00
C LEU B 104 11.39 3.54 32.61
N HIS B 105 11.00 3.33 31.36
CA HIS B 105 9.73 3.84 30.86
C HIS B 105 8.56 3.12 31.50
N ALA B 106 8.74 1.83 31.79
CA ALA B 106 7.70 1.05 32.46
C ALA B 106 7.42 1.58 33.87
N ALA B 107 8.46 2.13 34.49
CA ALA B 107 8.34 2.67 35.84
C ALA B 107 7.94 4.14 35.82
N GLY B 108 7.72 4.68 34.62
CA GLY B 108 7.27 6.06 34.49
C GLY B 108 8.36 7.09 34.73
N ILE B 109 9.60 6.71 34.42
CA ILE B 109 10.75 7.58 34.62
C ILE B 109 11.10 8.34 33.34
N ALA B 110 11.20 9.66 33.44
CA ALA B 110 11.58 10.51 32.32
C ALA B 110 13.03 10.24 31.91
N THR B 111 13.24 9.98 30.63
CA THR B 111 14.56 9.64 30.14
C THR B 111 15.08 10.69 29.16
N TYR B 112 16.37 10.96 29.22
CA TYR B 112 16.98 12.00 28.39
C TYR B 112 18.19 11.45 27.64
N ALA B 113 18.38 11.91 26.41
CA ALA B 113 19.55 11.54 25.61
C ALA B 113 19.90 12.63 24.63
N ASN B 114 21.12 12.55 24.10
CA ASN B 114 21.50 13.38 22.97
C ASN B 114 20.49 13.19 21.85
N ALA B 115 20.10 14.28 21.20
CA ALA B 115 19.14 14.20 20.11
C ALA B 115 19.59 13.19 19.05
N LEU B 116 20.90 13.16 18.80
CA LEU B 116 21.47 12.22 17.85
C LEU B 116 21.34 10.77 18.34
N SER B 117 21.47 10.56 19.64
CA SER B 117 21.29 9.21 20.21
C SER B 117 19.89 8.68 19.94
N ASN B 118 18.88 9.53 20.13
CA ASN B 118 17.50 9.13 19.89
C ASN B 118 17.23 8.90 18.41
N GLN B 119 17.89 9.69 17.57
CA GLN B 119 17.76 9.55 16.12
C GLN B 119 18.41 8.26 15.65
N LEU B 120 19.51 7.88 16.29
CA LEU B 120 20.24 6.67 15.91
C LEU B 120 19.66 5.41 16.54
N ALA B 121 18.94 5.59 17.65
CA ALA B 121 18.48 4.48 18.49
C ALA B 121 17.74 3.36 17.74
N PRO B 122 16.74 3.69 16.90
CA PRO B 122 16.05 2.57 16.22
C PRO B 122 16.97 1.79 15.27
N GLN B 123 17.89 2.48 14.61
CA GLN B 123 18.86 1.83 13.73
C GLN B 123 19.81 0.93 14.53
N GLU B 124 20.04 1.30 15.78
CA GLU B 124 20.94 0.55 16.65
C GLU B 124 20.20 -0.51 17.45
N GLY B 125 18.91 -0.64 17.19
CA GLY B 125 18.07 -1.62 17.87
C GLY B 125 17.80 -1.21 19.31
N MET B 126 17.86 0.08 19.58
CA MET B 126 17.62 0.62 20.91
C MET B 126 16.29 1.36 20.99
N VAL B 127 15.73 1.41 22.19
CA VAL B 127 14.55 2.23 22.44
C VAL B 127 14.99 3.66 22.73
N ALA B 128 14.44 4.62 21.99
CA ALA B 128 14.83 6.01 22.14
C ALA B 128 14.40 6.59 23.49
N ALA B 129 15.15 7.57 23.97
CA ALA B 129 14.76 8.28 25.19
C ALA B 129 13.53 9.15 24.89
N GLN B 130 12.83 9.54 25.94
CA GLN B 130 11.60 10.31 25.77
C GLN B 130 11.86 11.79 25.46
N HIS B 131 13.04 12.28 25.84
CA HIS B 131 13.41 13.67 25.61
C HIS B 131 14.80 13.80 24.99
N SER B 132 15.02 14.88 24.24
CA SER B 132 16.28 15.10 23.55
C SER B 132 17.09 16.25 24.11
N LEU B 133 18.39 16.01 24.28
CA LEU B 133 19.33 17.06 24.69
C LEU B 133 19.99 17.69 23.46
N THR B 134 20.11 19.02 23.46
CA THR B 134 20.88 19.69 22.42
C THR B 134 22.04 20.47 23.06
N PHE B 135 23.06 20.76 22.27
CA PHE B 135 24.29 21.32 22.81
C PHE B 135 24.78 22.54 22.04
N ALA B 136 25.46 23.44 22.74
CA ALA B 136 26.06 24.61 22.12
C ALA B 136 27.36 24.25 21.40
N ALA B 137 27.95 25.22 20.72
CA ALA B 137 29.17 25.02 19.96
C ALA B 137 30.37 24.70 20.84
N ASN B 138 30.30 25.08 22.12
CA ASN B 138 31.39 24.81 23.03
C ASN B 138 31.21 23.47 23.73
N GLY B 139 30.13 22.77 23.38
CA GLY B 139 29.88 21.43 23.87
C GLY B 139 28.95 21.33 25.05
N TRP B 140 28.69 22.46 25.71
CA TRP B 140 27.83 22.45 26.88
C TRP B 140 26.37 22.34 26.50
N VAL B 141 25.61 21.63 27.32
CA VAL B 141 24.20 21.37 27.05
C VAL B 141 23.38 22.66 27.09
N GLU B 142 22.41 22.76 26.20
CA GLU B 142 21.45 23.84 26.26
C GLU B 142 20.54 23.60 27.47
N PRO B 143 20.61 24.50 28.46
CA PRO B 143 19.93 24.33 29.75
C PRO B 143 18.43 24.08 29.56
N ALA B 144 17.91 24.55 28.44
CA ALA B 144 16.52 24.36 28.06
C ALA B 144 16.15 22.90 27.88
N THR B 145 17.10 22.10 27.39
CA THR B 145 16.83 20.69 27.10
C THR B 145 17.12 19.76 28.27
N ALA B 146 17.74 20.30 29.32
CA ALA B 146 18.04 19.51 30.50
C ALA B 146 17.36 20.08 31.74
N PRO B 147 16.04 19.95 31.81
CA PRO B 147 15.29 20.55 32.92
C PRO B 147 15.49 19.83 34.24
N ASN B 148 15.80 20.59 35.29
CA ASN B 148 15.89 20.04 36.64
C ASN B 148 16.86 18.86 36.73
N PHE B 149 18.03 19.03 36.12
CA PHE B 149 19.04 17.98 36.10
C PHE B 149 19.86 18.00 37.38
N GLY B 150 19.59 18.97 38.24
CA GLY B 150 20.27 19.10 39.52
C GLY B 150 21.77 19.25 39.37
N PRO B 151 22.53 18.37 40.03
CA PRO B 151 23.99 18.41 39.98
C PRO B 151 24.56 17.87 38.68
N LEU B 152 23.71 17.28 37.83
CA LEU B 152 24.19 16.69 36.58
C LEU B 152 24.50 17.75 35.54
N LYS B 153 25.78 17.87 35.20
CA LYS B 153 26.20 18.77 34.13
C LYS B 153 26.64 17.97 32.91
N VAL B 154 25.79 17.98 31.89
CA VAL B 154 26.00 17.18 30.69
C VAL B 154 26.86 17.92 29.67
N PHE B 155 27.85 17.23 29.12
CA PHE B 155 28.77 17.83 28.17
C PHE B 155 28.98 16.92 26.96
N TYR B 156 28.87 17.49 25.78
CA TYR B 156 29.14 16.78 24.55
C TYR B 156 30.55 17.11 24.06
N PRO B 157 31.48 16.16 24.19
CA PRO B 157 32.91 16.40 23.91
C PRO B 157 33.24 16.39 22.42
N GLY B 158 32.27 16.00 21.59
CA GLY B 158 32.53 15.82 20.17
C GLY B 158 32.56 14.33 19.87
N PRO B 159 32.57 13.97 18.58
CA PRO B 159 32.56 12.56 18.19
C PRO B 159 33.84 11.83 18.61
N GLY B 160 33.68 10.63 19.15
CA GLY B 160 34.81 9.83 19.61
C GLY B 160 34.52 8.34 19.53
N HIS B 161 34.10 7.77 20.65
CA HIS B 161 33.67 6.37 20.69
C HIS B 161 32.51 6.19 19.72
N THR B 162 31.58 7.13 19.75
CA THR B 162 30.52 7.23 18.75
C THR B 162 30.35 8.72 18.41
N SER B 163 29.44 9.03 17.49
CA SER B 163 29.19 10.41 17.11
C SER B 163 28.29 11.13 18.11
N ASP B 164 27.59 10.35 18.93
CA ASP B 164 26.59 10.92 19.82
C ASP B 164 26.98 10.86 21.30
N ASN B 165 28.10 10.20 21.59
CA ASN B 165 28.54 10.02 22.97
C ASN B 165 28.61 11.32 23.76
N ILE B 166 28.00 11.31 24.94
CA ILE B 166 28.04 12.48 25.81
C ILE B 166 28.63 12.11 27.18
N THR B 167 28.98 13.12 27.96
CA THR B 167 29.58 12.90 29.27
C THR B 167 28.85 13.71 30.34
N VAL B 168 29.00 13.29 31.59
CA VAL B 168 28.30 13.91 32.70
C VAL B 168 29.22 14.16 33.89
N GLY B 169 29.19 15.38 34.40
CA GLY B 169 29.90 15.72 35.62
C GLY B 169 28.92 15.82 36.76
N ILE B 170 29.37 15.50 37.98
CA ILE B 170 28.52 15.60 39.16
C ILE B 170 28.94 16.78 40.03
N ASP B 171 28.12 17.83 40.04
CA ASP B 171 28.44 19.01 40.84
C ASP B 171 28.44 18.75 42.34
N GLY B 172 29.33 19.44 43.04
CA GLY B 172 29.47 19.28 44.47
C GLY B 172 30.33 18.09 44.82
N THR B 173 30.80 17.38 43.79
CA THR B 173 31.66 16.23 43.98
C THR B 173 32.92 16.34 43.12
N ASP B 174 33.81 15.37 43.29
CA ASP B 174 35.04 15.27 42.51
C ASP B 174 34.86 14.40 41.27
N ILE B 175 33.62 14.00 41.00
CA ILE B 175 33.35 12.91 40.05
C ILE B 175 32.86 13.41 38.69
N ALA B 176 33.42 12.83 37.62
CA ALA B 176 32.94 13.03 36.26
C ALA B 176 32.86 11.68 35.55
N PHE B 177 31.84 11.51 34.72
CA PHE B 177 31.58 10.25 34.03
C PHE B 177 31.87 10.37 32.53
N GLY B 178 32.82 9.57 32.05
CA GLY B 178 33.24 9.63 30.66
C GLY B 178 32.62 8.57 29.78
N GLY B 179 31.88 7.65 30.39
CA GLY B 179 31.23 6.58 29.66
C GLY B 179 32.20 5.67 28.93
N CYS B 180 31.88 5.36 27.67
CA CYS B 180 32.72 4.50 26.85
C CYS B 180 33.79 5.29 26.10
N LEU B 181 33.70 6.61 26.17
CA LEU B 181 34.69 7.46 25.52
C LEU B 181 36.07 7.28 26.16
N ILE B 182 36.09 7.27 27.49
CA ILE B 182 37.33 7.19 28.24
C ILE B 182 37.63 5.77 28.73
N LYS B 183 38.84 5.30 28.47
CA LYS B 183 39.30 4.04 29.03
C LYS B 183 40.27 4.33 30.17
N ASP B 184 40.52 3.34 31.04
CA ASP B 184 41.39 3.58 32.18
C ASP B 184 42.85 3.64 31.74
N SER B 185 43.71 4.14 32.63
CA SER B 185 45.10 4.40 32.29
C SER B 185 45.88 3.11 32.04
N LYS B 186 45.26 1.99 32.37
CA LYS B 186 45.86 0.68 32.21
C LYS B 186 45.35 -0.07 30.97
N ALA B 187 44.44 0.55 30.23
CA ALA B 187 43.85 -0.04 29.02
C ALA B 187 44.91 -0.21 27.93
N LYS B 188 44.81 -1.26 27.10
CA LYS B 188 45.72 -1.50 25.98
C LYS B 188 45.14 -1.01 24.63
N SER B 189 43.82 -0.84 24.59
CA SER B 189 43.16 -0.35 23.37
C SER B 189 41.97 0.53 23.71
N LEU B 190 41.38 1.14 22.69
CA LEU B 190 40.21 1.99 22.92
C LEU B 190 38.92 1.17 22.75
N GLY B 191 39.08 -0.16 22.71
CA GLY B 191 37.95 -1.05 22.62
C GLY B 191 37.28 -1.06 21.26
N ASN B 192 35.95 -1.07 21.28
CA ASN B 192 35.14 -1.09 20.07
C ASN B 192 35.27 0.20 19.27
N LEU B 193 35.89 0.13 18.10
CA LEU B 193 36.04 1.29 17.23
C LEU B 193 35.15 1.18 16.01
N GLY B 194 34.12 0.35 16.10
CA GLY B 194 33.21 0.12 15.00
C GLY B 194 32.44 1.36 14.56
N ASP B 195 31.97 2.15 15.53
CA ASP B 195 31.23 3.37 15.24
C ASP B 195 32.03 4.61 15.62
N ALA B 196 33.34 4.47 15.71
CA ALA B 196 34.18 5.53 16.26
C ALA B 196 34.62 6.55 15.23
N ASP B 197 34.92 7.75 15.71
CA ASP B 197 35.52 8.79 14.89
C ASP B 197 37.00 8.84 15.24
N THR B 198 37.79 8.08 14.50
CA THR B 198 39.22 7.93 14.80
C THR B 198 39.99 9.22 14.57
N GLU B 199 39.42 10.12 13.77
CA GLU B 199 40.06 11.39 13.46
C GLU B 199 39.90 12.40 14.60
N HIS B 200 38.74 12.38 15.25
CA HIS B 200 38.43 13.40 16.26
C HIS B 200 38.45 12.86 17.70
N TYR B 201 38.71 11.56 17.85
CA TYR B 201 38.66 10.89 19.15
C TYR B 201 39.57 11.58 20.17
N ALA B 202 40.82 11.84 19.80
CA ALA B 202 41.77 12.43 20.73
C ALA B 202 41.31 13.79 21.25
N ALA B 203 40.87 14.66 20.35
CA ALA B 203 40.41 15.99 20.74
C ALA B 203 39.17 15.92 21.62
N SER B 204 38.29 14.96 21.35
CA SER B 204 37.08 14.80 22.16
C SER B 204 37.44 14.34 23.57
N ALA B 205 38.40 13.44 23.66
CA ALA B 205 38.87 12.96 24.96
C ALA B 205 39.45 14.11 25.77
N ARG B 206 40.25 14.94 25.11
CA ARG B 206 40.87 16.08 25.79
C ARG B 206 39.83 17.15 26.12
N ALA B 207 38.82 17.30 25.27
CA ALA B 207 37.76 18.26 25.52
C ALA B 207 36.97 17.87 26.77
N PHE B 208 36.82 16.57 26.98
CA PHE B 208 36.16 16.06 28.18
C PHE B 208 36.94 16.46 29.43
N GLY B 209 38.25 16.28 29.37
CA GLY B 209 39.11 16.63 30.48
C GLY B 209 39.08 18.12 30.78
N ALA B 210 39.05 18.93 29.72
CA ALA B 210 39.04 20.37 29.89
C ALA B 210 37.69 20.86 30.39
N ALA B 211 36.64 20.10 30.10
CA ALA B 211 35.28 20.46 30.52
C ALA B 211 35.10 20.32 32.03
N PHE B 212 35.74 19.32 32.60
CA PHE B 212 35.68 19.08 34.05
C PHE B 212 37.09 19.04 34.65
N PRO B 213 37.72 20.22 34.76
CA PRO B 213 39.12 20.32 35.18
C PRO B 213 39.36 19.91 36.62
N LYS B 214 38.34 20.04 37.47
CA LYS B 214 38.51 19.79 38.90
C LYS B 214 38.21 18.35 39.27
N ALA B 215 37.57 17.61 38.35
CA ALA B 215 37.20 16.22 38.62
C ALA B 215 38.43 15.34 38.82
N SER B 216 38.56 14.79 40.02
CA SER B 216 39.70 13.93 40.35
C SER B 216 39.36 12.45 40.20
N MET B 217 38.08 12.12 40.35
CA MET B 217 37.65 10.73 40.18
C MET B 217 36.93 10.58 38.85
N ILE B 218 37.54 9.84 37.93
CA ILE B 218 36.96 9.63 36.61
C ILE B 218 36.31 8.24 36.53
N VAL B 219 34.98 8.24 36.41
CA VAL B 219 34.21 7.01 36.29
C VAL B 219 33.96 6.72 34.81
N MET B 220 34.12 5.46 34.43
CA MET B 220 33.92 5.06 33.04
C MET B 220 33.14 3.76 32.96
N SER B 221 32.80 3.36 31.73
CA SER B 221 31.89 2.24 31.50
C SER B 221 32.46 0.88 31.85
N HIS B 222 33.75 0.66 31.57
CA HIS B 222 34.30 -0.69 31.65
C HIS B 222 35.53 -0.87 32.53
N SER B 223 35.66 -0.05 33.56
CA SER B 223 36.71 -0.23 34.56
C SER B 223 36.34 0.54 35.83
N ALA B 224 36.99 0.20 36.93
CA ALA B 224 36.81 0.92 38.18
C ALA B 224 37.20 2.37 38.00
N PRO B 225 36.66 3.27 38.84
CA PRO B 225 37.02 4.69 38.78
C PRO B 225 38.53 4.92 38.81
N ASP B 226 39.00 5.84 37.97
CA ASP B 226 40.42 6.12 37.84
C ASP B 226 40.69 7.60 38.11
N SER B 227 41.96 7.99 38.10
CA SER B 227 42.32 9.39 38.22
C SER B 227 42.23 10.09 36.87
N ARG B 228 42.71 11.32 36.80
CA ARG B 228 42.67 12.08 35.55
C ARG B 228 43.58 11.49 34.47
N ALA B 229 44.49 10.63 34.88
CA ALA B 229 45.42 9.98 33.95
C ALA B 229 44.70 9.15 32.90
N ALA B 230 43.51 8.64 33.24
CA ALA B 230 42.72 7.85 32.31
C ALA B 230 42.35 8.66 31.07
N ILE B 231 42.04 9.94 31.27
CA ILE B 231 41.67 10.84 30.18
C ILE B 231 42.85 11.06 29.24
N THR B 232 44.00 11.38 29.81
CA THR B 232 45.20 11.67 29.05
C THR B 232 45.70 10.43 28.31
N HIS B 233 45.68 9.30 29.00
CA HIS B 233 46.13 8.05 28.42
C HIS B 233 45.23 7.65 27.26
N THR B 234 43.92 7.88 27.42
CA THR B 234 42.96 7.62 26.36
C THR B 234 43.24 8.50 25.15
N ALA B 235 43.46 9.78 25.41
CA ALA B 235 43.74 10.75 24.37
C ALA B 235 44.99 10.37 23.59
N ARG B 236 46.01 9.88 24.31
CA ARG B 236 47.28 9.53 23.70
C ARG B 236 47.18 8.24 22.88
N MET B 237 46.34 7.31 23.32
CA MET B 237 46.04 6.14 22.51
C MET B 237 45.30 6.56 21.23
N ALA B 238 44.39 7.52 21.37
CA ALA B 238 43.61 7.99 20.23
C ALA B 238 44.46 8.76 19.23
N ASP B 239 45.57 9.33 19.71
CA ASP B 239 46.50 10.04 18.85
C ASP B 239 47.08 9.10 17.79
N LYS B 240 47.11 7.83 18.12
CA LYS B 240 47.67 6.79 17.25
C LYS B 240 46.67 6.35 16.19
N LEU B 241 45.45 6.89 16.26
CA LEU B 241 44.40 6.54 15.32
C LEU B 241 44.37 7.46 14.10
N ARG B 242 45.03 8.62 14.23
CA ARG B 242 45.03 9.61 13.18
C ARG B 242 46.13 9.32 12.15
N ASP C 15 4.99 11.85 8.13
CA ASP C 15 3.54 11.89 8.04
C ASP C 15 3.08 12.49 6.71
N GLN C 16 2.11 11.86 6.07
CA GLN C 16 1.50 12.43 4.86
C GLN C 16 0.04 12.76 5.16
N ARG C 17 -0.34 13.97 4.77
CA ARG C 17 -1.68 14.48 5.03
C ARG C 17 -2.58 14.26 3.82
N PHE C 18 -3.68 13.57 4.06
CA PHE C 18 -4.67 13.31 3.03
C PHE C 18 -6.02 13.81 3.54
N GLY C 19 -6.46 14.93 2.98
CA GLY C 19 -7.64 15.61 3.48
C GLY C 19 -7.37 16.14 4.88
N ASP C 20 -8.23 15.81 5.81
CA ASP C 20 -8.03 16.20 7.21
C ASP C 20 -7.44 15.03 7.99
N LEU C 21 -6.95 14.03 7.27
CA LEU C 21 -6.42 12.83 7.90
C LEU C 21 -4.92 12.68 7.66
N VAL C 22 -4.26 11.97 8.56
CA VAL C 22 -2.82 11.73 8.44
C VAL C 22 -2.51 10.23 8.42
N PHE C 23 -1.68 9.81 7.47
CA PHE C 23 -1.29 8.40 7.40
C PHE C 23 0.22 8.24 7.51
N ARG C 24 0.66 7.29 8.32
CA ARG C 24 2.09 7.01 8.45
C ARG C 24 2.38 5.53 8.25
N GLN C 25 3.32 5.23 7.36
CA GLN C 25 3.74 3.87 7.12
C GLN C 25 4.64 3.35 8.24
N LEU C 26 4.27 2.21 8.81
CA LEU C 26 5.00 1.65 9.95
C LEU C 26 5.83 0.44 9.54
N ALA C 27 5.42 -0.18 8.44
CA ALA C 27 6.05 -1.40 7.94
C ALA C 27 5.74 -1.48 6.45
N PRO C 28 6.48 -2.32 5.70
CA PRO C 28 6.25 -2.45 4.26
C PRO C 28 4.77 -2.64 3.88
N ASN C 29 3.98 -3.28 4.73
CA ASN C 29 2.58 -3.52 4.40
C ASN C 29 1.60 -2.99 5.47
N VAL C 30 2.09 -2.12 6.36
CA VAL C 30 1.23 -1.61 7.44
C VAL C 30 1.28 -0.08 7.55
N TRP C 31 0.11 0.54 7.57
CA TRP C 31 -0.02 1.98 7.78
C TRP C 31 -0.90 2.30 8.99
N GLN C 32 -0.61 3.42 9.64
CA GLN C 32 -1.46 3.93 10.71
C GLN C 32 -2.29 5.10 10.18
N HIS C 33 -3.60 5.04 10.34
CA HIS C 33 -4.44 6.16 9.94
C HIS C 33 -4.86 6.98 11.15
N THR C 34 -4.85 8.30 11.00
CA THR C 34 -5.16 9.20 12.09
C THR C 34 -6.22 10.22 11.67
N SER C 35 -7.28 10.32 12.46
CA SER C 35 -8.33 11.31 12.21
C SER C 35 -8.50 12.19 13.43
N TYR C 36 -9.12 13.36 13.23
CA TYR C 36 -9.25 14.32 14.32
C TYR C 36 -10.70 14.75 14.52
N LEU C 37 -11.08 14.90 15.77
CA LEU C 37 -12.40 15.40 16.13
C LEU C 37 -12.26 16.52 17.15
N ASP C 38 -12.86 17.67 16.84
CA ASP C 38 -12.83 18.80 17.74
C ASP C 38 -13.84 18.57 18.86
N MET C 39 -13.33 18.46 20.07
CA MET C 39 -14.17 18.21 21.24
C MET C 39 -14.14 19.41 22.18
N PRO C 40 -15.29 19.73 22.80
CA PRO C 40 -15.45 20.90 23.67
C PRO C 40 -14.46 20.96 24.84
N GLY C 41 -13.56 21.93 24.79
CA GLY C 41 -12.63 22.20 25.87
C GLY C 41 -11.27 21.54 25.74
N PHE C 42 -11.10 20.72 24.70
CA PHE C 42 -9.83 20.03 24.49
C PHE C 42 -9.24 20.32 23.12
N GLY C 43 -10.08 20.77 22.20
CA GLY C 43 -9.62 21.00 20.84
C GLY C 43 -9.63 19.71 20.06
N ALA C 44 -8.77 19.63 19.04
CA ALA C 44 -8.77 18.46 18.17
C ALA C 44 -8.12 17.28 18.88
N VAL C 45 -8.87 16.18 18.95
CA VAL C 45 -8.38 14.96 19.57
C VAL C 45 -8.11 13.90 18.51
N ALA C 46 -6.89 13.35 18.52
CA ALA C 46 -6.48 12.36 17.53
C ALA C 46 -6.93 10.95 17.90
N SER C 47 -7.17 10.14 16.87
CA SER C 47 -7.48 8.72 17.06
C SER C 47 -6.82 7.89 15.97
N ASN C 48 -6.14 6.82 16.37
CA ASN C 48 -5.38 6.01 15.44
C ASN C 48 -6.02 4.67 15.12
N GLY C 49 -5.84 4.22 13.87
CA GLY C 49 -6.22 2.88 13.46
C GLY C 49 -5.15 2.33 12.55
N LEU C 50 -5.36 1.13 12.04
CA LEU C 50 -4.37 0.47 11.18
C LEU C 50 -4.90 0.13 9.79
N ILE C 51 -4.00 0.17 8.82
CA ILE C 51 -4.29 -0.30 7.47
C ILE C 51 -3.26 -1.38 7.10
N VAL C 52 -3.74 -2.55 6.71
CA VAL C 52 -2.86 -3.68 6.44
C VAL C 52 -3.03 -4.23 5.02
N ARG C 53 -1.93 -4.27 4.27
CA ARG C 53 -1.93 -4.89 2.95
C ARG C 53 -1.60 -6.38 3.05
N ASP C 54 -2.52 -7.21 2.61
CA ASP C 54 -2.33 -8.66 2.66
C ASP C 54 -2.47 -9.26 1.27
N GLY C 55 -1.36 -9.38 0.55
CA GLY C 55 -1.39 -9.90 -0.80
C GLY C 55 -2.14 -8.96 -1.74
N GLY C 56 -3.27 -9.42 -2.25
CA GLY C 56 -4.05 -8.63 -3.20
C GLY C 56 -5.25 -7.97 -2.58
N ARG C 57 -5.21 -7.75 -1.26
CA ARG C 57 -6.33 -7.14 -0.56
C ARG C 57 -5.87 -6.27 0.60
N VAL C 58 -6.75 -5.41 1.08
CA VAL C 58 -6.44 -4.51 2.18
C VAL C 58 -7.35 -4.80 3.38
N LEU C 59 -6.77 -4.83 4.56
CA LEU C 59 -7.53 -5.03 5.80
C LEU C 59 -7.45 -3.78 6.65
N VAL C 60 -8.57 -3.40 7.28
CA VAL C 60 -8.62 -2.18 8.07
C VAL C 60 -8.97 -2.47 9.54
N VAL C 61 -8.24 -1.83 10.45
CA VAL C 61 -8.55 -1.92 11.87
C VAL C 61 -9.06 -0.57 12.37
N ASP C 62 -10.31 -0.55 12.84
CA ASP C 62 -11.00 0.64 13.36
C ASP C 62 -11.33 1.67 12.30
N THR C 63 -12.46 2.36 12.50
CA THR C 63 -12.86 3.44 11.62
C THR C 63 -12.29 4.76 12.14
N ALA C 64 -12.63 5.85 11.47
CA ALA C 64 -12.30 7.16 11.99
C ALA C 64 -13.44 7.65 12.87
N TRP C 65 -13.37 8.90 13.31
CA TRP C 65 -14.41 9.46 14.17
C TRP C 65 -15.77 9.51 13.46
N THR C 66 -15.76 9.84 12.17
CA THR C 66 -16.99 10.04 11.43
C THR C 66 -17.03 9.25 10.12
N ASP C 67 -18.19 9.21 9.49
CA ASP C 67 -18.37 8.56 8.19
C ASP C 67 -17.53 9.22 7.10
N ASP C 68 -17.55 10.56 7.06
CA ASP C 68 -16.81 11.30 6.05
C ASP C 68 -15.31 11.03 6.14
N GLN C 69 -14.79 11.02 7.38
CA GLN C 69 -13.39 10.73 7.60
C GLN C 69 -13.05 9.30 7.21
N THR C 70 -13.95 8.37 7.52
CA THR C 70 -13.74 6.97 7.18
C THR C 70 -13.77 6.78 5.67
N ALA C 71 -14.65 7.51 4.99
CA ALA C 71 -14.72 7.46 3.53
C ALA C 71 -13.40 7.93 2.91
N GLN C 72 -12.75 8.89 3.57
CA GLN C 72 -11.45 9.40 3.12
C GLN C 72 -10.35 8.36 3.29
N ILE C 73 -10.47 7.53 4.32
CA ILE C 73 -9.54 6.42 4.52
C ILE C 73 -9.57 5.49 3.32
N LEU C 74 -10.79 5.14 2.88
CA LEU C 74 -10.96 4.28 1.73
C LEU C 74 -10.40 4.94 0.48
N ASN C 75 -10.55 6.27 0.41
CA ASN C 75 -10.03 7.03 -0.72
C ASN C 75 -8.51 7.03 -0.76
N TRP C 76 -7.89 7.12 0.42
CA TRP C 76 -6.43 7.06 0.53
C TRP C 76 -5.91 5.70 0.10
N ILE C 77 -6.60 4.65 0.53
CA ILE C 77 -6.28 3.28 0.17
C ILE C 77 -6.31 3.12 -1.35
N LYS C 78 -7.32 3.71 -1.98
CA LYS C 78 -7.47 3.65 -3.44
C LYS C 78 -6.29 4.28 -4.16
N GLN C 79 -5.79 5.39 -3.62
CA GLN C 79 -4.69 6.12 -4.24
C GLN C 79 -3.32 5.49 -3.99
N GLU C 80 -3.06 5.12 -2.75
CA GLU C 80 -1.72 4.70 -2.34
C GLU C 80 -1.47 3.21 -2.47
N ILE C 81 -2.53 2.41 -2.38
CA ILE C 81 -2.37 0.96 -2.43
C ILE C 81 -3.07 0.39 -3.64
N ASN C 82 -4.24 0.95 -3.96
CA ASN C 82 -5.05 0.52 -5.10
C ASN C 82 -5.34 -0.97 -5.07
N LEU C 83 -5.76 -1.45 -3.90
CA LEU C 83 -6.21 -2.83 -3.73
C LEU C 83 -7.53 -2.83 -2.97
N PRO C 84 -8.42 -3.79 -3.28
CA PRO C 84 -9.74 -3.83 -2.64
C PRO C 84 -9.68 -4.08 -1.14
N VAL C 85 -10.51 -3.37 -0.38
CA VAL C 85 -10.62 -3.58 1.06
C VAL C 85 -11.50 -4.79 1.35
N ALA C 86 -10.90 -5.87 1.85
CA ALA C 86 -11.64 -7.10 2.07
C ALA C 86 -12.52 -7.04 3.31
N LEU C 87 -11.99 -6.51 4.40
CA LEU C 87 -12.74 -6.46 5.65
C LEU C 87 -12.23 -5.39 6.62
N ALA C 88 -13.03 -5.09 7.63
CA ALA C 88 -12.64 -4.16 8.67
C ALA C 88 -12.98 -4.73 10.05
N VAL C 89 -12.11 -4.48 11.02
CA VAL C 89 -12.34 -4.90 12.40
C VAL C 89 -12.33 -3.69 13.32
N VAL C 90 -13.35 -3.56 14.17
CA VAL C 90 -13.39 -2.46 15.13
C VAL C 90 -13.17 -3.00 16.54
N THR C 91 -12.45 -2.25 17.36
CA THR C 91 -11.90 -2.79 18.61
C THR C 91 -12.84 -2.66 19.81
N HIS C 92 -13.71 -1.65 19.79
CA HIS C 92 -14.79 -1.57 20.78
C HIS C 92 -15.84 -0.53 20.38
N ALA C 93 -16.93 -0.49 21.15
CA ALA C 93 -18.10 0.31 20.78
C ALA C 93 -18.06 1.74 21.31
N HIS C 94 -17.06 2.51 20.87
CA HIS C 94 -17.02 3.95 21.15
C HIS C 94 -16.85 4.69 19.82
N GLN C 95 -17.06 6.00 19.83
CA GLN C 95 -17.11 6.79 18.61
C GLN C 95 -15.81 6.80 17.81
N ASP C 96 -14.68 6.88 18.50
CA ASP C 96 -13.40 7.00 17.79
C ASP C 96 -13.04 5.71 17.06
N LYS C 97 -13.71 4.62 17.40
CA LYS C 97 -13.44 3.32 16.79
C LYS C 97 -14.58 2.85 15.87
N MET C 98 -15.81 3.24 16.19
CA MET C 98 -16.96 2.78 15.40
C MET C 98 -17.77 3.93 14.80
N GLY C 99 -17.27 5.16 14.91
CA GLY C 99 -18.01 6.32 14.45
C GLY C 99 -18.30 6.36 12.96
N GLY C 100 -17.49 5.68 12.16
CA GLY C 100 -17.64 5.71 10.71
C GLY C 100 -18.05 4.39 10.10
N MET C 101 -18.80 3.58 10.85
CA MET C 101 -19.24 2.27 10.36
C MET C 101 -20.10 2.36 9.11
N ASP C 102 -20.93 3.40 9.03
CA ASP C 102 -21.82 3.59 7.89
C ASP C 102 -21.07 3.72 6.58
N ALA C 103 -19.90 4.36 6.65
CA ALA C 103 -19.06 4.54 5.47
C ALA C 103 -18.57 3.20 4.93
N LEU C 104 -18.27 2.28 5.84
CA LEU C 104 -17.82 0.94 5.45
C LEU C 104 -18.96 0.14 4.83
N HIS C 105 -20.13 0.20 5.44
CA HIS C 105 -21.28 -0.55 4.95
C HIS C 105 -21.78 0.01 3.62
N ALA C 106 -21.67 1.33 3.45
CA ALA C 106 -22.05 1.97 2.20
C ALA C 106 -21.17 1.50 1.05
N ALA C 107 -19.92 1.17 1.36
CA ALA C 107 -18.96 0.72 0.36
C ALA C 107 -18.99 -0.79 0.16
N GLY C 108 -19.87 -1.47 0.89
CA GLY C 108 -20.04 -2.91 0.75
C GLY C 108 -18.91 -3.70 1.39
N ILE C 109 -18.31 -3.15 2.44
CA ILE C 109 -17.20 -3.82 3.12
C ILE C 109 -17.69 -4.61 4.33
N ALA C 110 -17.34 -5.89 4.38
CA ALA C 110 -17.71 -6.74 5.51
C ALA C 110 -17.01 -6.27 6.77
N THR C 111 -17.78 -6.06 7.83
CA THR C 111 -17.25 -5.54 9.08
C THR C 111 -17.40 -6.55 10.21
N TYR C 112 -16.39 -6.59 11.08
CA TYR C 112 -16.35 -7.54 12.18
C TYR C 112 -16.11 -6.84 13.51
N ALA C 113 -16.76 -7.34 14.56
CA ALA C 113 -16.57 -6.81 15.90
C ALA C 113 -16.79 -7.88 16.93
N ASN C 114 -16.32 -7.63 18.15
CA ASN C 114 -16.66 -8.46 19.29
C ASN C 114 -18.18 -8.54 19.39
N ALA C 115 -18.70 -9.73 19.67
CA ALA C 115 -20.15 -9.92 19.81
C ALA C 115 -20.73 -8.95 20.82
N LEU C 116 -19.98 -8.71 21.89
CA LEU C 116 -20.38 -7.78 22.94
C LEU C 116 -20.45 -6.35 22.43
N SER C 117 -19.50 -5.98 21.57
CA SER C 117 -19.49 -4.65 20.97
C SER C 117 -20.76 -4.39 20.17
N ASN C 118 -21.17 -5.39 19.38
CA ASN C 118 -22.37 -5.25 18.56
C ASN C 118 -23.61 -5.17 19.42
N GLN C 119 -23.59 -5.87 20.56
CA GLN C 119 -24.70 -5.85 21.49
C GLN C 119 -24.81 -4.49 22.18
N LEU C 120 -23.66 -3.87 22.43
CA LEU C 120 -23.60 -2.57 23.10
C LEU C 120 -23.81 -1.41 22.12
N ALA C 121 -23.57 -1.67 20.84
CA ALA C 121 -23.55 -0.63 19.81
C ALA C 121 -24.78 0.29 19.81
N PRO C 122 -26.01 -0.28 19.84
CA PRO C 122 -27.15 0.65 19.85
C PRO C 122 -27.22 1.53 21.10
N GLN C 123 -26.83 0.98 22.26
CA GLN C 123 -26.82 1.75 23.50
C GLN C 123 -25.79 2.89 23.45
N GLU C 124 -24.71 2.66 22.70
CA GLU C 124 -23.64 3.64 22.60
C GLU C 124 -23.85 4.59 21.43
N GLY C 125 -24.97 4.44 20.73
CA GLY C 125 -25.26 5.28 19.59
C GLY C 125 -24.41 4.96 18.39
N MET C 126 -23.95 3.71 18.33
CA MET C 126 -23.12 3.25 17.22
C MET C 126 -23.88 2.27 16.31
N VAL C 127 -23.46 2.19 15.06
CA VAL C 127 -23.98 1.19 14.14
C VAL C 127 -23.20 -0.12 14.31
N ALA C 128 -23.92 -1.20 14.56
CA ALA C 128 -23.29 -2.50 14.81
C ALA C 128 -22.58 -3.03 13.58
N ALA C 129 -21.54 -3.82 13.81
CA ALA C 129 -20.84 -4.48 12.71
C ALA C 129 -21.73 -5.58 12.14
N GLN C 130 -21.45 -5.99 10.91
CA GLN C 130 -22.27 -6.99 10.24
C GLN C 130 -21.98 -8.42 10.72
N HIS C 131 -20.81 -8.65 11.28
CA HIS C 131 -20.46 -9.97 11.80
C HIS C 131 -19.89 -9.89 13.22
N SER C 132 -20.09 -10.96 13.99
CA SER C 132 -19.65 -10.99 15.38
C SER C 132 -18.48 -11.94 15.62
N LEU C 133 -17.50 -11.47 16.37
CA LEU C 133 -16.39 -12.30 16.81
C LEU C 133 -16.68 -12.85 18.21
N THR C 134 -16.39 -14.13 18.41
CA THR C 134 -16.47 -14.73 19.73
C THR C 134 -15.10 -15.27 20.13
N PHE C 135 -14.88 -15.47 21.42
CA PHE C 135 -13.55 -15.79 21.90
C PHE C 135 -13.52 -17.02 22.80
N ALA C 136 -12.40 -17.72 22.78
CA ALA C 136 -12.20 -18.88 23.62
C ALA C 136 -11.89 -18.45 25.05
N ALA C 137 -11.76 -19.44 25.93
CA ALA C 137 -11.51 -19.16 27.34
C ALA C 137 -10.13 -18.54 27.56
N ASN C 138 -9.22 -18.74 26.62
CA ASN C 138 -7.87 -18.17 26.73
C ASN C 138 -7.75 -16.80 26.08
N GLY C 139 -8.87 -16.29 25.58
CA GLY C 139 -8.91 -14.94 25.05
C GLY C 139 -8.73 -14.84 23.54
N TRP C 140 -8.26 -15.91 22.92
CA TRP C 140 -8.04 -15.90 21.48
C TRP C 140 -9.35 -16.05 20.72
N VAL C 141 -9.46 -15.38 19.58
CA VAL C 141 -10.70 -15.41 18.81
C VAL C 141 -10.94 -16.83 18.30
N GLU C 142 -12.20 -17.25 18.30
CA GLU C 142 -12.56 -18.52 17.70
C GLU C 142 -12.38 -18.37 16.19
N PRO C 143 -11.43 -19.15 15.62
CA PRO C 143 -11.05 -19.00 14.21
C PRO C 143 -12.23 -19.15 13.25
N ALA C 144 -13.26 -19.89 13.68
CA ALA C 144 -14.46 -20.05 12.87
C ALA C 144 -15.17 -18.72 12.66
N THR C 145 -15.08 -17.83 13.65
CA THR C 145 -15.75 -16.54 13.56
C THR C 145 -14.86 -15.50 12.89
N ALA C 146 -13.58 -15.81 12.74
CA ALA C 146 -12.68 -14.90 12.04
C ALA C 146 -11.96 -15.59 10.87
N PRO C 147 -12.74 -15.99 9.84
CA PRO C 147 -12.17 -16.70 8.70
C PRO C 147 -11.42 -15.78 7.75
N ASN C 148 -10.25 -16.21 7.29
CA ASN C 148 -9.49 -15.48 6.29
C ASN C 148 -9.15 -14.05 6.72
N PHE C 149 -8.72 -13.91 7.97
CA PHE C 149 -8.34 -12.60 8.52
C PHE C 149 -6.89 -12.30 8.20
N GLY C 150 -6.24 -13.25 7.52
CA GLY C 150 -4.85 -13.10 7.12
C GLY C 150 -3.91 -12.90 8.28
N PRO C 151 -3.14 -11.81 8.27
CA PRO C 151 -2.19 -11.54 9.35
C PRO C 151 -2.85 -11.01 10.63
N LEU C 152 -4.14 -10.73 10.59
CA LEU C 152 -4.83 -10.20 11.77
C LEU C 152 -5.11 -11.29 12.80
N LYS C 153 -4.48 -11.18 13.98
CA LYS C 153 -4.78 -12.09 15.08
C LYS C 153 -5.51 -11.36 16.21
N VAL C 154 -6.80 -11.64 16.34
CA VAL C 154 -7.64 -10.93 17.29
C VAL C 154 -7.62 -11.61 18.66
N PHE C 155 -7.44 -10.79 19.68
CA PHE C 155 -7.32 -11.27 21.05
C PHE C 155 -8.17 -10.43 21.99
N TYR C 156 -8.95 -11.09 22.84
CA TYR C 156 -9.72 -10.38 23.86
C TYR C 156 -9.00 -10.51 25.19
N PRO C 157 -8.41 -9.41 25.67
CA PRO C 157 -7.57 -9.44 26.87
C PRO C 157 -8.36 -9.47 28.17
N GLY C 158 -9.67 -9.30 28.07
CA GLY C 158 -10.52 -9.17 29.25
C GLY C 158 -10.97 -7.72 29.39
N PRO C 159 -11.93 -7.46 30.29
CA PRO C 159 -12.44 -6.11 30.48
C PRO C 159 -11.38 -5.16 31.01
N GLY C 160 -11.31 -3.97 30.42
CA GLY C 160 -10.34 -2.97 30.84
C GLY C 160 -10.85 -1.56 30.60
N HIS C 161 -10.44 -1.00 29.46
CA HIS C 161 -10.93 0.29 29.01
C HIS C 161 -12.46 0.27 28.87
N THR C 162 -12.96 -0.81 28.27
CA THR C 162 -14.38 -1.13 28.24
C THR C 162 -14.54 -2.64 28.47
N SER C 163 -15.77 -3.13 28.49
CA SER C 163 -16.02 -4.56 28.71
C SER C 163 -15.79 -5.40 27.46
N ASP C 164 -15.82 -4.75 26.30
CA ASP C 164 -15.79 -5.43 25.00
C ASP C 164 -14.49 -5.19 24.24
N ASN C 165 -13.66 -4.31 24.77
CA ASN C 165 -12.43 -3.89 24.10
C ASN C 165 -11.55 -5.07 23.69
N ILE C 166 -11.19 -5.10 22.41
CA ILE C 166 -10.34 -6.17 21.89
C ILE C 166 -9.06 -5.64 21.27
N THR C 167 -8.11 -6.55 21.04
CA THR C 167 -6.82 -6.15 20.47
C THR C 167 -6.44 -6.98 19.25
N VAL C 168 -5.53 -6.44 18.43
CA VAL C 168 -5.16 -7.10 17.18
C VAL C 168 -3.64 -7.12 17.01
N GLY C 169 -3.10 -8.31 16.73
CA GLY C 169 -1.70 -8.44 16.40
C GLY C 169 -1.53 -8.67 14.92
N ILE C 170 -0.44 -8.17 14.35
CA ILE C 170 -0.17 -8.35 12.93
C ILE C 170 0.94 -9.35 12.69
N ASP C 171 0.57 -10.54 12.22
CA ASP C 171 1.56 -11.59 11.96
C ASP C 171 2.53 -11.19 10.86
N GLY C 172 3.77 -11.62 11.00
CA GLY C 172 4.81 -11.30 10.04
C GLY C 172 5.42 -9.95 10.28
N THR C 173 4.90 -9.24 11.29
CA THR C 173 5.44 -7.94 11.66
C THR C 173 5.72 -7.87 13.16
N ASP C 174 6.31 -6.76 13.57
CA ASP C 174 6.62 -6.49 14.97
C ASP C 174 5.51 -5.71 15.67
N ILE C 175 4.38 -5.58 14.97
CA ILE C 175 3.35 -4.64 15.38
C ILE C 175 2.15 -5.31 16.07
N ALA C 176 1.71 -4.71 17.16
CA ALA C 176 0.48 -5.09 17.84
C ALA C 176 -0.33 -3.86 18.17
N PHE C 177 -1.65 -3.96 18.05
CA PHE C 177 -2.54 -2.82 18.26
C PHE C 177 -3.35 -2.99 19.55
N GLY C 178 -3.16 -2.07 20.48
CA GLY C 178 -3.82 -2.16 21.78
C GLY C 178 -5.06 -1.31 21.87
N GLY C 179 -5.31 -0.51 20.84
CA GLY C 179 -6.48 0.36 20.81
C GLY C 179 -6.47 1.37 21.94
N CYS C 180 -7.63 1.53 22.57
CA CYS C 180 -7.77 2.49 23.66
C CYS C 180 -7.39 1.88 25.01
N LEU C 181 -7.17 0.57 25.02
CA LEU C 181 -6.77 -0.14 26.22
C LEU C 181 -5.38 0.30 26.69
N ILE C 182 -4.45 0.43 25.75
CA ILE C 182 -3.07 0.75 26.06
C ILE C 182 -2.77 2.24 25.85
N LYS C 183 -2.18 2.87 26.85
CA LYS C 183 -1.66 4.23 26.69
C LYS C 183 -0.14 4.17 26.60
N ASP C 184 0.46 5.22 26.04
CA ASP C 184 1.90 5.24 25.84
C ASP C 184 2.64 5.49 27.14
N SER C 185 3.94 5.29 27.12
CA SER C 185 4.74 5.37 28.33
C SER C 185 4.81 6.77 28.91
N LYS C 186 4.35 7.77 28.15
CA LYS C 186 4.39 9.16 28.62
C LYS C 186 3.05 9.63 29.18
N ALA C 187 2.04 8.77 29.14
CA ALA C 187 0.71 9.13 29.62
C ALA C 187 0.75 9.34 31.14
N LYS C 188 -0.03 10.27 31.68
CA LYS C 188 -0.06 10.43 33.14
C LYS C 188 -1.28 9.71 33.71
N SER C 189 -2.24 9.40 32.84
CA SER C 189 -3.46 8.72 33.24
C SER C 189 -3.92 7.75 32.18
N LEU C 190 -4.95 6.98 32.49
CA LEU C 190 -5.49 6.02 31.53
C LEU C 190 -6.62 6.63 30.70
N GLY C 191 -6.77 7.95 30.77
CA GLY C 191 -7.76 8.64 29.98
C GLY C 191 -9.19 8.43 30.47
N ASN C 192 -10.10 8.20 29.53
CA ASN C 192 -11.50 8.01 29.84
C ASN C 192 -11.76 6.70 30.59
N LEU C 193 -12.17 6.83 31.85
CA LEU C 193 -12.48 5.68 32.68
C LEU C 193 -13.98 5.56 32.92
N GLY C 194 -14.78 6.21 32.07
CA GLY C 194 -16.21 6.21 32.21
C GLY C 194 -16.85 4.84 32.10
N ASP C 195 -16.37 4.04 31.15
CA ASP C 195 -16.90 2.70 30.95
C ASP C 195 -15.88 1.64 31.31
N ALA C 196 -14.91 2.01 32.14
CA ALA C 196 -13.77 1.13 32.41
C ALA C 196 -14.02 0.12 33.53
N ASP C 197 -13.30 -0.99 33.46
CA ASP C 197 -13.31 -1.98 34.54
C ASP C 197 -12.02 -1.82 35.34
N THR C 198 -12.07 -1.00 36.40
CA THR C 198 -10.87 -0.66 37.16
C THR C 198 -10.28 -1.85 37.90
N GLU C 199 -11.08 -2.88 38.14
CA GLU C 199 -10.62 -4.05 38.88
C GLU C 199 -9.78 -4.97 38.00
N HIS C 200 -10.15 -5.10 36.73
CA HIS C 200 -9.49 -6.04 35.84
C HIS C 200 -8.59 -5.39 34.79
N TYR C 201 -8.54 -4.06 34.78
CA TYR C 201 -7.79 -3.31 33.78
C TYR C 201 -6.32 -3.74 33.73
N ALA C 202 -5.69 -3.81 34.90
CA ALA C 202 -4.28 -4.16 34.98
C ALA C 202 -3.99 -5.53 34.41
N ALA C 203 -4.79 -6.52 34.80
CA ALA C 203 -4.60 -7.88 34.32
C ALA C 203 -4.83 -7.99 32.81
N SER C 204 -5.81 -7.25 32.31
CA SER C 204 -6.13 -7.26 30.89
C SER C 204 -5.00 -6.65 30.06
N ALA C 205 -4.41 -5.58 30.56
CA ALA C 205 -3.28 -4.94 29.87
C ALA C 205 -2.11 -5.92 29.80
N ARG C 206 -1.85 -6.62 30.90
CA ARG C 206 -0.77 -7.58 30.95
C ARG C 206 -1.05 -8.80 30.09
N ALA C 207 -2.32 -9.20 30.00
CA ALA C 207 -2.70 -10.33 29.16
C ALA C 207 -2.43 -10.01 27.70
N PHE C 208 -2.66 -8.76 27.33
CA PHE C 208 -2.39 -8.29 25.97
C PHE C 208 -0.91 -8.40 25.65
N GLY C 209 -0.07 -7.98 26.59
CA GLY C 209 1.37 -8.08 26.42
C GLY C 209 1.81 -9.53 26.30
N ALA C 210 1.20 -10.39 27.10
CA ALA C 210 1.54 -11.81 27.09
C ALA C 210 1.00 -12.49 25.83
N ALA C 211 -0.06 -11.93 25.26
CA ALA C 211 -0.65 -12.49 24.06
C ALA C 211 0.24 -12.30 22.83
N PHE C 212 0.92 -11.16 22.77
CA PHE C 212 1.81 -10.87 21.65
C PHE C 212 3.23 -10.56 22.12
N PRO C 213 3.96 -11.61 22.53
CA PRO C 213 5.27 -11.43 23.17
C PRO C 213 6.34 -10.88 22.24
N LYS C 214 6.22 -11.10 20.93
CA LYS C 214 7.29 -10.69 20.03
C LYS C 214 7.10 -9.27 19.51
N ALA C 215 5.90 -8.71 19.72
CA ALA C 215 5.61 -7.35 19.24
C ALA C 215 6.47 -6.30 19.94
N SER C 216 7.31 -5.62 19.18
CA SER C 216 8.17 -4.59 19.73
C SER C 216 7.56 -3.20 19.55
N MET C 217 6.72 -3.07 18.53
CA MET C 217 6.03 -1.81 18.26
C MET C 217 4.56 -1.87 18.65
N ILE C 218 4.19 -1.12 19.67
CA ILE C 218 2.82 -1.10 20.17
C ILE C 218 2.06 0.11 19.65
N VAL C 219 1.05 -0.14 18.82
CA VAL C 219 0.23 0.93 18.27
C VAL C 219 -1.01 1.10 19.14
N MET C 220 -1.36 2.35 19.42
CA MET C 220 -2.52 2.64 20.25
C MET C 220 -3.33 3.81 19.69
N SER C 221 -4.48 4.06 20.30
CA SER C 221 -5.46 4.99 19.75
C SER C 221 -5.04 6.46 19.78
N HIS C 222 -4.36 6.89 20.83
CA HIS C 222 -4.19 8.34 21.03
C HIS C 222 -2.74 8.79 21.23
N SER C 223 -1.80 8.04 20.67
CA SER C 223 -0.40 8.45 20.67
C SER C 223 0.36 7.69 19.60
N ALA C 224 1.53 8.21 19.23
CA ALA C 224 2.42 7.56 18.28
C ALA C 224 2.82 6.19 18.83
N PRO C 225 3.18 5.26 17.93
CA PRO C 225 3.64 3.92 18.34
C PRO C 225 4.74 3.97 19.39
N ASP C 226 4.63 3.10 20.39
CA ASP C 226 5.58 3.07 21.50
C ASP C 226 6.21 1.69 21.61
N SER C 227 7.13 1.52 22.54
CA SER C 227 7.72 0.22 22.79
C SER C 227 6.82 -0.58 23.72
N ARG C 228 7.29 -1.75 24.13
CA ARG C 228 6.50 -2.61 25.01
C ARG C 228 6.32 -1.99 26.39
N ALA C 229 7.10 -0.97 26.68
CA ALA C 229 7.01 -0.27 27.96
C ALA C 229 5.62 0.35 28.16
N ALA C 230 4.95 0.69 27.07
CA ALA C 230 3.63 1.26 27.13
C ALA C 230 2.64 0.30 27.80
N ILE C 231 2.79 -0.99 27.51
CA ILE C 231 1.91 -1.99 28.10
C ILE C 231 2.10 -2.06 29.62
N THR C 232 3.35 -2.16 30.06
CA THR C 232 3.67 -2.27 31.47
C THR C 232 3.28 -1.00 32.22
N HIS C 233 3.56 0.16 31.62
CA HIS C 233 3.23 1.44 32.23
C HIS C 233 1.72 1.56 32.42
N THR C 234 0.97 1.09 31.42
CA THR C 234 -0.48 1.08 31.49
C THR C 234 -0.95 0.16 32.62
N ALA C 235 -0.38 -1.04 32.68
CA ALA C 235 -0.73 -2.01 33.70
C ALA C 235 -0.42 -1.50 35.11
N ARG C 236 0.70 -0.80 35.26
CA ARG C 236 1.11 -0.32 36.57
C ARG C 236 0.26 0.88 37.01
N MET C 237 -0.15 1.70 36.05
CA MET C 237 -1.10 2.77 36.33
C MET C 237 -2.44 2.18 36.76
N ALA C 238 -2.84 1.11 36.09
CA ALA C 238 -4.11 0.46 36.39
C ALA C 238 -4.06 -0.20 37.76
N ASP C 239 -2.87 -0.57 38.20
CA ASP C 239 -2.69 -1.16 39.52
C ASP C 239 -3.10 -0.22 40.64
N LYS C 240 -2.99 1.08 40.39
CA LYS C 240 -3.31 2.08 41.40
C LYS C 240 -4.80 2.39 41.44
N LEU C 241 -5.58 1.76 40.56
CA LEU C 241 -7.03 1.95 40.52
C LEU C 241 -7.75 0.93 41.41
N ARG C 242 -7.03 -0.12 41.78
CA ARG C 242 -7.62 -1.19 42.58
C ARG C 242 -7.53 -0.84 44.07
N GLY D 14 7.57 5.53 -45.89
CA GLY D 14 8.11 6.62 -45.09
C GLY D 14 9.43 6.28 -44.43
N ASP D 15 9.91 5.05 -44.68
CA ASP D 15 11.18 4.59 -44.11
C ASP D 15 12.37 5.43 -44.55
N GLN D 16 13.25 5.72 -43.61
CA GLN D 16 14.45 6.49 -43.90
C GLN D 16 15.72 5.65 -43.74
N ARG D 17 16.57 5.70 -44.76
CA ARG D 17 17.80 4.92 -44.79
C ARG D 17 18.96 5.80 -44.35
N PHE D 18 19.66 5.40 -43.29
CA PHE D 18 20.82 6.12 -42.79
C PHE D 18 21.97 5.15 -42.57
N GLY D 19 22.96 5.19 -43.45
CA GLY D 19 24.02 4.20 -43.46
C GLY D 19 23.39 2.87 -43.85
N ASP D 20 23.62 1.82 -43.08
CA ASP D 20 22.95 0.55 -43.34
C ASP D 20 21.76 0.35 -42.40
N LEU D 21 21.32 1.44 -41.80
CA LEU D 21 20.20 1.39 -40.86
C LEU D 21 18.94 2.07 -41.39
N VAL D 22 17.79 1.62 -40.90
CA VAL D 22 16.50 2.17 -41.31
C VAL D 22 15.72 2.73 -40.12
N PHE D 23 15.16 3.91 -40.28
CA PHE D 23 14.34 4.52 -39.24
C PHE D 23 12.93 4.80 -39.74
N ARG D 24 11.95 4.44 -38.93
CA ARG D 24 10.55 4.67 -39.24
C ARG D 24 9.88 5.38 -38.07
N GLN D 25 9.25 6.52 -38.33
CA GLN D 25 8.52 7.23 -37.29
C GLN D 25 7.18 6.57 -37.03
N LEU D 26 6.91 6.24 -35.77
CA LEU D 26 5.69 5.54 -35.40
C LEU D 26 4.69 6.44 -34.67
N ALA D 27 5.20 7.51 -34.06
CA ALA D 27 4.39 8.41 -33.24
C ALA D 27 5.06 9.77 -33.14
N PRO D 28 4.32 10.80 -32.67
CA PRO D 28 4.94 12.13 -32.55
C PRO D 28 6.33 12.16 -31.87
N ASN D 29 6.67 11.33 -30.88
CA ASN D 29 8.08 11.34 -30.48
C ASN D 29 8.66 9.92 -30.44
N VAL D 30 8.15 9.00 -31.25
CA VAL D 30 8.69 7.64 -31.21
C VAL D 30 9.11 7.20 -32.61
N TRP D 31 10.35 6.73 -32.70
CA TRP D 31 10.90 6.17 -33.93
C TRP D 31 11.37 4.73 -33.68
N GLN D 32 11.31 3.90 -34.72
CA GLN D 32 11.87 2.56 -34.66
C GLN D 32 13.19 2.48 -35.44
N HIS D 33 14.25 2.00 -34.79
CA HIS D 33 15.51 1.83 -35.50
C HIS D 33 15.73 0.36 -35.85
N THR D 34 16.26 0.13 -37.06
CA THR D 34 16.47 -1.21 -37.58
C THR D 34 17.90 -1.38 -38.07
N SER D 35 18.57 -2.45 -37.61
CA SER D 35 19.91 -2.77 -38.07
C SER D 35 19.97 -4.20 -38.62
N TYR D 36 21.00 -4.49 -39.41
CA TYR D 36 21.11 -5.79 -40.07
C TYR D 36 22.46 -6.45 -39.82
N LEU D 37 22.42 -7.77 -39.62
CA LEU D 37 23.62 -8.59 -39.47
C LEU D 37 23.56 -9.82 -40.37
N ASP D 38 24.58 -10.00 -41.21
CA ASP D 38 24.62 -11.15 -42.10
C ASP D 38 25.05 -12.39 -41.32
N MET D 39 24.16 -13.37 -41.27
CA MET D 39 24.39 -14.58 -40.49
C MET D 39 24.55 -15.79 -41.41
N PRO D 40 25.45 -16.73 -41.06
CA PRO D 40 25.77 -17.86 -41.93
C PRO D 40 24.54 -18.68 -42.34
N GLY D 41 24.16 -18.59 -43.60
CA GLY D 41 23.07 -19.40 -44.13
C GLY D 41 21.71 -18.73 -44.11
N PHE D 42 21.64 -17.52 -43.55
CA PHE D 42 20.34 -16.85 -43.44
C PHE D 42 20.38 -15.50 -44.14
N GLY D 43 21.57 -14.96 -44.33
CA GLY D 43 21.70 -13.64 -44.92
C GLY D 43 21.49 -12.59 -43.83
N ALA D 44 21.06 -11.40 -44.24
CA ALA D 44 20.89 -10.30 -43.31
C ALA D 44 19.64 -10.48 -42.46
N VAL D 45 19.83 -10.48 -41.14
CA VAL D 45 18.73 -10.57 -40.19
C VAL D 45 18.50 -9.21 -39.52
N ALA D 46 17.27 -8.73 -39.60
CA ALA D 46 16.92 -7.42 -39.05
C ALA D 46 16.65 -7.48 -37.55
N SER D 47 16.93 -6.38 -36.88
CA SER D 47 16.64 -6.23 -35.46
C SER D 47 16.12 -4.82 -35.18
N ASN D 48 15.02 -4.73 -34.45
CA ASN D 48 14.38 -3.45 -34.19
C ASN D 48 14.59 -2.96 -32.77
N GLY D 49 14.68 -1.63 -32.63
CA GLY D 49 14.68 -0.99 -31.33
C GLY D 49 13.86 0.28 -31.41
N LEU D 50 13.79 1.02 -30.30
CA LEU D 50 12.98 2.24 -30.26
C LEU D 50 13.79 3.47 -29.91
N ILE D 51 13.38 4.60 -30.46
CA ILE D 51 13.90 5.91 -30.09
C ILE D 51 12.77 6.80 -29.60
N VAL D 52 12.90 7.32 -28.39
CA VAL D 52 11.81 8.11 -27.81
C VAL D 52 12.27 9.51 -27.39
N ARG D 53 11.62 10.53 -27.93
CA ARG D 53 11.87 11.90 -27.52
C ARG D 53 10.99 12.27 -26.33
N ASP D 54 11.63 12.66 -25.23
CA ASP D 54 10.90 13.05 -24.03
C ASP D 54 11.28 14.48 -23.62
N GLY D 55 10.51 15.45 -24.08
CA GLY D 55 10.81 16.84 -23.81
C GLY D 55 12.09 17.30 -24.49
N GLY D 56 13.10 17.63 -23.69
CA GLY D 56 14.36 18.11 -24.23
C GLY D 56 15.46 17.06 -24.25
N ARG D 57 15.05 15.79 -24.25
CA ARG D 57 16.01 14.70 -24.24
C ARG D 57 15.49 13.50 -25.03
N VAL D 58 16.40 12.58 -25.36
CA VAL D 58 16.06 11.39 -26.11
C VAL D 58 16.34 10.14 -25.29
N LEU D 59 15.40 9.19 -25.34
CA LEU D 59 15.55 7.90 -24.67
C LEU D 59 15.64 6.80 -25.71
N VAL D 60 16.51 5.82 -25.48
CA VAL D 60 16.74 4.75 -26.44
C VAL D 60 16.42 3.38 -25.84
N VAL D 61 15.71 2.56 -26.60
CA VAL D 61 15.47 1.18 -26.19
C VAL D 61 16.22 0.24 -27.12
N ASP D 62 17.17 -0.50 -26.55
CA ASP D 62 18.01 -1.48 -27.24
C ASP D 62 19.02 -0.85 -28.21
N THR D 63 20.18 -1.52 -28.32
CA THR D 63 21.22 -1.11 -29.26
C THR D 63 20.99 -1.81 -30.60
N ALA D 64 21.91 -1.59 -31.54
CA ALA D 64 21.93 -2.35 -32.78
C ALA D 64 22.80 -3.59 -32.60
N TRP D 65 23.05 -4.32 -33.69
CA TRP D 65 23.87 -5.54 -33.61
C TRP D 65 25.31 -5.26 -33.16
N THR D 66 25.87 -4.17 -33.65
CA THR D 66 27.29 -3.86 -33.41
C THR D 66 27.49 -2.45 -32.88
N ASP D 67 28.71 -2.16 -32.44
CA ASP D 67 29.10 -0.84 -31.98
C ASP D 67 29.00 0.21 -33.08
N ASP D 68 29.50 -0.15 -34.26
CA ASP D 68 29.49 0.77 -35.39
C ASP D 68 28.07 1.17 -35.79
N GLN D 69 27.17 0.20 -35.80
CA GLN D 69 25.77 0.46 -36.13
C GLN D 69 25.08 1.32 -35.08
N THR D 70 25.40 1.08 -33.82
CA THR D 70 24.80 1.83 -32.72
C THR D 70 25.28 3.29 -32.75
N ALA D 71 26.54 3.49 -33.10
CA ALA D 71 27.07 4.84 -33.24
C ALA D 71 26.32 5.59 -34.34
N GLN D 72 25.91 4.87 -35.38
CA GLN D 72 25.13 5.47 -36.47
C GLN D 72 23.74 5.87 -35.99
N ILE D 73 23.18 5.13 -35.04
CA ILE D 73 21.92 5.49 -34.42
C ILE D 73 22.05 6.85 -33.75
N LEU D 74 23.14 7.03 -33.01
CA LEU D 74 23.41 8.29 -32.33
C LEU D 74 23.60 9.41 -33.36
N ASN D 75 24.22 9.06 -34.48
CA ASN D 75 24.44 10.03 -35.55
C ASN D 75 23.13 10.49 -36.18
N TRP D 76 22.21 9.55 -36.37
CA TRP D 76 20.89 9.86 -36.91
C TRP D 76 20.10 10.74 -35.96
N ILE D 77 20.18 10.42 -34.68
CA ILE D 77 19.52 11.21 -33.63
C ILE D 77 20.00 12.65 -33.67
N LYS D 78 21.31 12.83 -33.80
CA LYS D 78 21.91 14.16 -33.86
C LYS D 78 21.40 14.94 -35.06
N GLN D 79 21.21 14.25 -36.18
CA GLN D 79 20.77 14.91 -37.40
C GLN D 79 19.27 15.22 -37.40
N GLU D 80 18.47 14.23 -36.99
CA GLU D 80 17.02 14.32 -37.14
C GLU D 80 16.31 14.91 -35.92
N ILE D 81 16.90 14.76 -34.74
CA ILE D 81 16.26 15.22 -33.51
C ILE D 81 17.06 16.31 -32.80
N ASN D 82 18.38 16.17 -32.82
CA ASN D 82 19.28 17.13 -32.20
C ASN D 82 18.97 17.40 -30.72
N LEU D 83 18.78 16.33 -29.98
CA LEU D 83 18.62 16.41 -28.53
C LEU D 83 19.50 15.37 -27.86
N PRO D 84 20.03 15.68 -26.67
CA PRO D 84 20.94 14.78 -25.98
C PRO D 84 20.27 13.47 -25.55
N VAL D 85 20.97 12.35 -25.75
CA VAL D 85 20.48 11.06 -25.30
C VAL D 85 20.75 10.89 -23.82
N ALA D 86 19.69 10.88 -23.01
CA ALA D 86 19.82 10.85 -21.56
C ALA D 86 20.17 9.44 -21.08
N LEU D 87 19.50 8.43 -21.63
CA LEU D 87 19.72 7.07 -21.20
C LEU D 87 19.31 6.06 -22.26
N ALA D 88 19.75 4.82 -22.07
CA ALA D 88 19.34 3.74 -22.95
C ALA D 88 18.98 2.52 -22.11
N VAL D 89 17.97 1.78 -22.55
CA VAL D 89 17.54 0.56 -21.89
C VAL D 89 17.65 -0.60 -22.86
N VAL D 90 18.31 -1.68 -22.44
CA VAL D 90 18.42 -2.87 -23.26
C VAL D 90 17.55 -3.99 -22.68
N THR D 91 16.93 -4.78 -23.54
CA THR D 91 15.85 -5.67 -23.11
C THR D 91 16.30 -7.06 -22.66
N HIS D 92 17.43 -7.55 -23.18
CA HIS D 92 18.06 -8.76 -22.65
C HIS D 92 19.47 -8.97 -23.18
N ALA D 93 20.18 -9.94 -22.61
CA ALA D 93 21.60 -10.13 -22.87
C ALA D 93 21.89 -10.99 -24.10
N HIS D 94 21.45 -10.53 -25.26
CA HIS D 94 21.83 -11.15 -26.52
C HIS D 94 22.39 -10.09 -27.46
N GLN D 95 23.03 -10.52 -28.54
CA GLN D 95 23.78 -9.60 -29.41
C GLN D 95 22.90 -8.53 -30.07
N ASP D 96 21.69 -8.90 -30.49
CA ASP D 96 20.85 -7.96 -31.22
C ASP D 96 20.35 -6.83 -30.33
N LYS D 97 20.44 -7.02 -29.02
CA LYS D 97 19.97 -6.00 -28.08
C LYS D 97 21.09 -5.29 -27.34
N MET D 98 22.20 -5.99 -27.10
CA MET D 98 23.32 -5.42 -26.33
C MET D 98 24.64 -5.40 -27.09
N GLY D 99 24.59 -5.70 -28.39
CA GLY D 99 25.80 -5.77 -29.18
C GLY D 99 26.58 -4.48 -29.31
N GLY D 100 25.89 -3.35 -29.14
CA GLY D 100 26.51 -2.05 -29.32
C GLY D 100 26.63 -1.21 -28.05
N MET D 101 26.78 -1.88 -26.91
CA MET D 101 26.88 -1.19 -25.63
C MET D 101 28.06 -0.24 -25.58
N ASP D 102 29.17 -0.63 -26.21
CA ASP D 102 30.38 0.18 -26.21
C ASP D 102 30.18 1.53 -26.86
N ALA D 103 29.37 1.57 -27.92
CA ALA D 103 29.10 2.81 -28.62
C ALA D 103 28.39 3.79 -27.71
N LEU D 104 27.50 3.27 -26.86
CA LEU D 104 26.77 4.10 -25.90
C LEU D 104 27.70 4.61 -24.80
N HIS D 105 28.53 3.72 -24.27
CA HIS D 105 29.44 4.09 -23.19
C HIS D 105 30.53 5.04 -23.66
N ALA D 106 30.97 4.88 -24.90
CA ALA D 106 31.97 5.77 -25.48
C ALA D 106 31.40 7.18 -25.62
N ALA D 107 30.10 7.28 -25.83
CA ALA D 107 29.42 8.56 -26.00
C ALA D 107 28.94 9.14 -24.66
N GLY D 108 29.24 8.43 -23.57
CA GLY D 108 28.90 8.91 -22.24
C GLY D 108 27.43 8.81 -21.89
N ILE D 109 26.75 7.82 -22.47
CA ILE D 109 25.32 7.62 -22.21
C ILE D 109 25.07 6.57 -21.14
N ALA D 110 24.31 6.95 -20.12
CA ALA D 110 23.94 6.02 -19.05
C ALA D 110 23.06 4.88 -19.57
N THR D 111 23.47 3.66 -19.27
CA THR D 111 22.76 2.47 -19.78
C THR D 111 22.14 1.67 -18.65
N TYR D 112 20.96 1.11 -18.92
CA TYR D 112 20.21 0.35 -17.92
C TYR D 112 19.81 -1.02 -18.44
N ALA D 113 19.83 -2.01 -17.56
CA ALA D 113 19.38 -3.36 -17.92
C ALA D 113 18.87 -4.09 -16.69
N ASN D 114 18.15 -5.18 -16.93
CA ASN D 114 17.80 -6.11 -15.88
C ASN D 114 19.06 -6.53 -15.15
N ALA D 115 19.00 -6.60 -13.82
CA ALA D 115 20.14 -7.02 -13.03
C ALA D 115 20.67 -8.38 -13.50
N LEU D 116 19.75 -9.27 -13.87
CA LEU D 116 20.13 -10.58 -14.38
C LEU D 116 20.82 -10.45 -15.73
N SER D 117 20.36 -9.53 -16.56
CA SER D 117 20.98 -9.27 -17.86
C SER D 117 22.42 -8.82 -17.68
N ASN D 118 22.66 -7.95 -16.72
CA ASN D 118 24.01 -7.48 -16.45
C ASN D 118 24.88 -8.59 -15.87
N GLN D 119 24.27 -9.47 -15.08
CA GLN D 119 24.98 -10.59 -14.50
C GLN D 119 25.37 -11.61 -15.56
N LEU D 120 24.50 -11.77 -16.55
CA LEU D 120 24.71 -12.76 -17.61
C LEU D 120 25.62 -12.24 -18.72
N ALA D 121 25.72 -10.92 -18.82
CA ALA D 121 26.39 -10.26 -19.95
C ALA D 121 27.82 -10.77 -20.25
N PRO D 122 28.69 -10.88 -19.24
CA PRO D 122 30.04 -11.37 -19.58
C PRO D 122 30.03 -12.81 -20.13
N GLN D 123 29.14 -13.63 -19.61
CA GLN D 123 29.00 -15.01 -20.08
C GLN D 123 28.51 -15.07 -21.53
N GLU D 124 27.73 -14.07 -21.93
CA GLU D 124 27.18 -13.99 -23.27
C GLU D 124 28.07 -13.20 -24.22
N GLY D 125 29.23 -12.76 -23.72
CA GLY D 125 30.15 -11.99 -24.53
C GLY D 125 29.66 -10.57 -24.77
N MET D 126 28.83 -10.09 -23.85
CA MET D 126 28.28 -8.74 -23.95
C MET D 126 28.89 -7.83 -22.89
N VAL D 127 28.91 -6.53 -23.17
CA VAL D 127 29.32 -5.54 -22.19
C VAL D 127 28.13 -5.17 -21.32
N ALA D 128 28.28 -5.29 -20.01
CA ALA D 128 27.17 -5.05 -19.10
C ALA D 128 26.75 -3.58 -19.10
N ALA D 129 25.48 -3.34 -18.80
CA ALA D 129 25.00 -1.98 -18.65
C ALA D 129 25.58 -1.37 -17.38
N GLN D 130 25.58 -0.06 -17.31
CA GLN D 130 26.17 0.65 -16.18
C GLN D 130 25.28 0.60 -14.94
N HIS D 131 23.98 0.39 -15.16
CA HIS D 131 23.03 0.32 -14.04
C HIS D 131 22.08 -0.88 -14.15
N SER D 132 21.61 -1.37 -13.01
CA SER D 132 20.74 -2.54 -12.96
C SER D 132 19.31 -2.23 -12.53
N LEU D 133 18.33 -2.77 -13.25
CA LEU D 133 16.93 -2.65 -12.89
C LEU D 133 16.47 -3.84 -12.05
N THR D 134 15.70 -3.58 -11.00
CA THR D 134 15.11 -4.67 -10.23
C THR D 134 13.59 -4.56 -10.32
N PHE D 135 12.91 -5.67 -10.09
CA PHE D 135 11.47 -5.71 -10.32
C PHE D 135 10.72 -6.31 -9.12
N ALA D 136 9.49 -5.86 -8.94
CA ALA D 136 8.63 -6.40 -7.89
C ALA D 136 8.05 -7.76 -8.30
N ALA D 137 7.31 -8.38 -7.39
CA ALA D 137 6.75 -9.70 -7.64
C ALA D 137 5.69 -9.68 -8.75
N ASN D 138 5.09 -8.52 -9.00
CA ASN D 138 4.07 -8.42 -10.05
C ASN D 138 4.67 -8.06 -11.41
N GLY D 139 5.99 -7.97 -11.47
CA GLY D 139 6.69 -7.74 -12.72
C GLY D 139 7.04 -6.29 -13.01
N TRP D 140 6.43 -5.36 -12.27
CA TRP D 140 6.70 -3.94 -12.50
C TRP D 140 8.03 -3.52 -11.90
N VAL D 141 8.70 -2.61 -12.59
CA VAL D 141 10.02 -2.15 -12.18
C VAL D 141 9.95 -1.39 -10.87
N GLU D 142 10.96 -1.57 -10.02
CA GLU D 142 11.10 -0.76 -8.84
C GLU D 142 11.48 0.64 -9.29
N PRO D 143 10.60 1.62 -9.06
CA PRO D 143 10.77 2.99 -9.56
C PRO D 143 12.10 3.60 -9.13
N ALA D 144 12.58 3.11 -8.00
CA ALA D 144 13.85 3.52 -7.43
C ALA D 144 15.05 3.19 -8.33
N THR D 145 14.95 2.06 -9.03
CA THR D 145 16.02 1.55 -9.89
C THR D 145 15.94 2.05 -11.32
N ALA D 146 14.83 2.72 -11.66
CA ALA D 146 14.63 3.26 -13.00
C ALA D 146 14.47 4.77 -12.95
N PRO D 147 15.58 5.49 -12.70
CA PRO D 147 15.55 6.93 -12.50
C PRO D 147 15.31 7.72 -13.78
N ASN D 148 14.34 8.65 -13.72
CA ASN D 148 14.08 9.58 -14.82
C ASN D 148 13.82 8.85 -16.13
N PHE D 149 12.99 7.80 -16.08
CA PHE D 149 12.72 7.03 -17.28
C PHE D 149 11.60 7.67 -18.10
N GLY D 150 11.00 8.71 -17.54
CA GLY D 150 9.95 9.44 -18.24
C GLY D 150 8.77 8.58 -18.63
N PRO D 151 8.44 8.57 -19.93
CA PRO D 151 7.31 7.80 -20.45
C PRO D 151 7.63 6.31 -20.56
N LEU D 152 8.88 5.93 -20.32
CA LEU D 152 9.27 4.53 -20.40
C LEU D 152 8.79 3.77 -19.17
N LYS D 153 7.86 2.85 -19.37
CA LYS D 153 7.40 1.98 -18.29
C LYS D 153 7.90 0.56 -18.52
N VAL D 154 8.88 0.18 -17.71
CA VAL D 154 9.55 -1.10 -17.85
C VAL D 154 8.84 -2.19 -17.06
N PHE D 155 8.60 -3.32 -17.72
CA PHE D 155 7.88 -4.42 -17.11
C PHE D 155 8.60 -5.74 -17.38
N TYR D 156 8.79 -6.53 -16.33
CA TYR D 156 9.36 -7.86 -16.47
C TYR D 156 8.24 -8.89 -16.45
N PRO D 157 7.95 -9.48 -17.61
CA PRO D 157 6.81 -10.40 -17.79
C PRO D 157 7.08 -11.81 -17.25
N GLY D 158 8.31 -12.08 -16.85
CA GLY D 158 8.71 -13.42 -16.46
C GLY D 158 9.55 -14.06 -17.54
N PRO D 159 10.16 -15.22 -17.24
CA PRO D 159 11.03 -15.91 -18.21
C PRO D 159 10.28 -16.38 -19.46
N GLY D 160 10.87 -16.16 -20.64
CA GLY D 160 10.26 -16.60 -21.88
C GLY D 160 11.31 -16.91 -22.93
N HIS D 161 11.58 -15.95 -23.81
CA HIS D 161 12.66 -16.03 -24.80
C HIS D 161 13.96 -16.28 -24.07
N THR D 162 14.17 -15.55 -22.97
CA THR D 162 15.24 -15.82 -22.02
C THR D 162 14.71 -15.65 -20.61
N SER D 163 15.56 -15.82 -19.61
CA SER D 163 15.12 -15.63 -18.24
C SER D 163 15.12 -14.14 -17.86
N ASP D 164 15.81 -13.30 -18.63
CA ASP D 164 16.03 -11.91 -18.24
C ASP D 164 15.29 -10.86 -19.07
N ASN D 165 14.61 -11.28 -20.12
CA ASN D 165 13.89 -10.36 -21.02
C ASN D 165 12.93 -9.40 -20.32
N ILE D 166 13.03 -8.12 -20.64
CA ILE D 166 12.10 -7.14 -20.09
C ILE D 166 11.34 -6.47 -21.23
N THR D 167 10.26 -5.78 -20.89
CA THR D 167 9.45 -5.13 -21.91
C THR D 167 9.25 -3.68 -21.52
N VAL D 168 8.94 -2.85 -22.51
CA VAL D 168 8.82 -1.42 -22.27
C VAL D 168 7.57 -0.84 -22.92
N GLY D 169 6.80 -0.10 -22.14
CA GLY D 169 5.66 0.64 -22.66
C GLY D 169 5.98 2.11 -22.74
N ILE D 170 5.40 2.80 -23.73
CA ILE D 170 5.60 4.23 -23.89
C ILE D 170 4.35 5.01 -23.48
N ASP D 171 4.41 5.68 -22.34
CA ASP D 171 3.27 6.45 -21.86
C ASP D 171 2.94 7.61 -22.79
N GLY D 172 1.64 7.91 -22.91
CA GLY D 172 1.18 8.95 -23.80
C GLY D 172 1.05 8.49 -25.24
N THR D 173 1.39 7.23 -25.50
CA THR D 173 1.27 6.65 -26.84
C THR D 173 0.52 5.33 -26.82
N ASP D 174 0.31 4.79 -28.02
CA ASP D 174 -0.35 3.50 -28.20
C ASP D 174 0.66 2.36 -28.27
N ILE D 175 1.92 2.68 -27.96
CA ILE D 175 3.03 1.78 -28.27
C ILE D 175 3.55 1.01 -27.06
N ALA D 176 3.77 -0.29 -27.26
CA ALA D 176 4.45 -1.12 -26.29
C ALA D 176 5.49 -1.97 -27.02
N PHE D 177 6.63 -2.18 -26.38
CA PHE D 177 7.75 -2.89 -26.99
C PHE D 177 7.96 -4.24 -26.33
N GLY D 178 7.84 -5.31 -27.10
CA GLY D 178 7.95 -6.66 -26.57
C GLY D 178 9.31 -7.30 -26.78
N GLY D 179 10.17 -6.62 -27.53
CA GLY D 179 11.50 -7.14 -27.81
C GLY D 179 11.48 -8.46 -28.56
N CYS D 180 12.32 -9.40 -28.15
CA CYS D 180 12.38 -10.71 -28.79
C CYS D 180 11.36 -11.67 -28.16
N LEU D 181 10.72 -11.24 -27.08
CA LEU D 181 9.70 -12.06 -26.43
C LEU D 181 8.50 -12.27 -27.35
N ILE D 182 8.08 -11.20 -28.01
CA ILE D 182 6.89 -11.25 -28.87
C ILE D 182 7.27 -11.36 -30.34
N LYS D 183 6.66 -12.33 -31.02
CA LYS D 183 6.76 -12.44 -32.46
C LYS D 183 5.44 -11.96 -33.06
N ASP D 184 5.46 -11.60 -34.33
CA ASP D 184 4.25 -11.08 -34.97
C ASP D 184 3.23 -12.17 -35.27
N SER D 185 2.01 -11.76 -35.61
CA SER D 185 0.91 -12.69 -35.81
C SER D 185 1.12 -13.55 -37.04
N LYS D 186 2.13 -13.19 -37.85
CA LYS D 186 2.45 -13.91 -39.07
C LYS D 186 3.64 -14.84 -38.87
N ALA D 187 4.21 -14.83 -37.66
CA ALA D 187 5.39 -15.63 -37.36
C ALA D 187 5.06 -17.11 -37.41
N LYS D 188 6.00 -17.91 -37.86
CA LYS D 188 5.72 -19.33 -37.96
C LYS D 188 6.37 -20.08 -36.76
N SER D 189 7.32 -19.43 -36.09
CA SER D 189 8.00 -20.02 -34.94
C SER D 189 8.31 -18.95 -33.93
N LEU D 190 8.78 -19.36 -32.75
CA LEU D 190 9.16 -18.42 -31.71
C LEU D 190 10.64 -18.09 -31.80
N GLY D 191 11.25 -18.47 -32.91
CA GLY D 191 12.65 -18.15 -33.17
C GLY D 191 13.62 -18.95 -32.32
N ASN D 192 14.67 -18.28 -31.84
CA ASN D 192 15.70 -18.91 -31.04
C ASN D 192 15.20 -19.31 -29.66
N LEU D 193 15.10 -20.62 -29.42
CA LEU D 193 14.65 -21.13 -28.13
C LEU D 193 15.79 -21.77 -27.36
N GLY D 194 17.03 -21.41 -27.72
CA GLY D 194 18.20 -21.97 -27.08
C GLY D 194 18.31 -21.66 -25.61
N ASP D 195 17.99 -20.41 -25.23
CA ASP D 195 18.04 -19.99 -23.84
C ASP D 195 16.65 -19.74 -23.28
N ALA D 196 15.63 -20.32 -23.91
CA ALA D 196 14.24 -20.02 -23.59
C ALA D 196 13.67 -20.86 -22.45
N ASP D 197 12.65 -20.31 -21.79
CA ASP D 197 11.89 -21.04 -20.79
C ASP D 197 10.55 -21.50 -21.38
N THR D 198 10.55 -22.71 -21.93
CA THR D 198 9.38 -23.22 -22.64
C THR D 198 8.19 -23.44 -21.72
N GLU D 199 8.46 -23.58 -20.43
CA GLU D 199 7.40 -23.84 -19.46
C GLU D 199 6.61 -22.58 -19.11
N HIS D 200 7.30 -21.44 -19.02
CA HIS D 200 6.66 -20.22 -18.56
C HIS D 200 6.47 -19.20 -19.69
N TYR D 201 6.90 -19.55 -20.89
CA TYR D 201 6.86 -18.64 -22.03
C TYR D 201 5.46 -18.09 -22.29
N ALA D 202 4.47 -18.99 -22.35
CA ALA D 202 3.10 -18.59 -22.66
C ALA D 202 2.55 -17.60 -21.65
N ALA D 203 2.72 -17.90 -20.37
CA ALA D 203 2.24 -17.04 -19.30
C ALA D 203 2.97 -15.69 -19.33
N SER D 204 4.26 -15.71 -19.64
CA SER D 204 5.03 -14.47 -19.72
C SER D 204 4.55 -13.60 -20.88
N ALA D 205 4.25 -14.22 -22.02
CA ALA D 205 3.74 -13.47 -23.15
C ALA D 205 2.40 -12.81 -22.82
N ARG D 206 1.52 -13.58 -22.15
CA ARG D 206 0.20 -13.08 -21.78
C ARG D 206 0.28 -12.01 -20.69
N ALA D 207 1.27 -12.13 -19.81
CA ALA D 207 1.48 -11.14 -18.76
C ALA D 207 1.83 -9.79 -19.36
N PHE D 208 2.59 -9.82 -20.46
CA PHE D 208 2.96 -8.62 -21.19
C PHE D 208 1.73 -7.89 -21.74
N GLY D 209 0.81 -8.64 -22.32
CA GLY D 209 -0.41 -8.07 -22.84
C GLY D 209 -1.23 -7.43 -21.75
N ALA D 210 -1.29 -8.09 -20.59
CA ALA D 210 -2.07 -7.58 -19.46
C ALA D 210 -1.41 -6.37 -18.82
N ALA D 211 -0.09 -6.28 -18.95
CA ALA D 211 0.65 -5.16 -18.35
C ALA D 211 0.36 -3.86 -19.09
N PHE D 212 0.19 -3.95 -20.40
CA PHE D 212 -0.14 -2.80 -21.22
C PHE D 212 -1.41 -3.07 -22.03
N PRO D 213 -2.56 -3.09 -21.35
CA PRO D 213 -3.83 -3.50 -21.95
C PRO D 213 -4.33 -2.57 -23.05
N LYS D 214 -3.94 -1.31 -22.99
CA LYS D 214 -4.42 -0.30 -23.92
C LYS D 214 -3.53 -0.15 -25.17
N ALA D 215 -2.33 -0.72 -25.11
CA ALA D 215 -1.38 -0.62 -26.22
C ALA D 215 -1.91 -1.31 -27.48
N SER D 216 -2.13 -0.54 -28.53
CA SER D 216 -2.66 -1.08 -29.78
C SER D 216 -1.55 -1.39 -30.77
N MET D 217 -0.43 -0.69 -30.63
CA MET D 217 0.71 -0.92 -31.51
C MET D 217 1.81 -1.68 -30.79
N ILE D 218 2.05 -2.91 -31.23
CA ILE D 218 3.07 -3.75 -30.62
C ILE D 218 4.34 -3.78 -31.46
N VAL D 219 5.41 -3.22 -30.91
CA VAL D 219 6.70 -3.20 -31.56
C VAL D 219 7.55 -4.37 -31.07
N MET D 220 8.22 -5.05 -31.98
CA MET D 220 9.05 -6.20 -31.62
C MET D 220 10.39 -6.18 -32.35
N SER D 221 11.26 -7.12 -31.99
CA SER D 221 12.64 -7.12 -32.46
C SER D 221 12.80 -7.47 -33.94
N HIS D 222 12.00 -8.42 -34.43
CA HIS D 222 12.26 -8.99 -35.74
C HIS D 222 11.05 -8.94 -36.66
N SER D 223 10.21 -7.93 -36.47
CA SER D 223 9.10 -7.73 -37.39
C SER D 223 8.57 -6.30 -37.31
N ALA D 224 7.89 -5.89 -38.36
CA ALA D 224 7.23 -4.59 -38.39
C ALA D 224 6.18 -4.55 -37.29
N PRO D 225 5.85 -3.34 -36.81
CA PRO D 225 4.82 -3.21 -35.77
C PRO D 225 3.52 -3.91 -36.15
N ASP D 226 2.93 -4.61 -35.19
CA ASP D 226 1.72 -5.39 -35.41
C ASP D 226 0.63 -4.93 -34.46
N SER D 227 -0.56 -5.51 -34.57
CA SER D 227 -1.63 -5.23 -33.63
C SER D 227 -1.44 -6.14 -32.41
N ARG D 228 -2.41 -6.16 -31.51
CA ARG D 228 -2.31 -6.98 -30.31
C ARG D 228 -2.33 -8.47 -30.63
N ALA D 229 -2.68 -8.82 -31.86
CA ALA D 229 -2.70 -10.21 -32.30
C ALA D 229 -1.34 -10.88 -32.16
N ALA D 230 -0.27 -10.09 -32.23
CA ALA D 230 1.07 -10.62 -32.06
C ALA D 230 1.24 -11.26 -30.68
N ILE D 231 0.67 -10.61 -29.67
CA ILE D 231 0.74 -11.12 -28.31
C ILE D 231 -0.01 -12.45 -28.19
N THR D 232 -1.23 -12.49 -28.70
CA THR D 232 -2.06 -13.69 -28.61
C THR D 232 -1.46 -14.86 -29.39
N HIS D 233 -0.99 -14.57 -30.61
CA HIS D 233 -0.39 -15.58 -31.48
C HIS D 233 0.88 -16.15 -30.87
N THR D 234 1.67 -15.28 -30.25
CA THR D 234 2.90 -15.70 -29.57
C THR D 234 2.60 -16.65 -28.42
N ALA D 235 1.63 -16.27 -27.60
CA ALA D 235 1.22 -17.08 -26.45
C ALA D 235 0.70 -18.45 -26.86
N ARG D 236 -0.04 -18.48 -27.97
CA ARG D 236 -0.64 -19.72 -28.44
C ARG D 236 0.41 -20.65 -29.04
N MET D 237 1.44 -20.06 -29.66
CA MET D 237 2.59 -20.84 -30.10
C MET D 237 3.33 -21.40 -28.90
N ALA D 238 3.45 -20.59 -27.85
CA ALA D 238 4.16 -20.99 -26.64
C ALA D 238 3.40 -22.05 -25.85
N ASP D 239 2.07 -22.08 -26.01
CA ASP D 239 1.25 -23.09 -25.35
C ASP D 239 1.65 -24.48 -25.80
N LYS D 240 2.16 -24.56 -27.02
CA LYS D 240 2.52 -25.84 -27.62
C LYS D 240 3.91 -26.32 -27.21
N LEU D 241 4.61 -25.50 -26.41
CA LEU D 241 5.94 -25.86 -25.94
C LEU D 241 5.87 -26.63 -24.64
N ARG D 242 4.73 -26.55 -23.95
CA ARG D 242 4.57 -27.20 -22.65
C ARG D 242 4.15 -28.65 -22.81
N ASP E 15 -21.67 18.13 -3.39
CA ASP E 15 -20.22 18.09 -3.54
C ASP E 15 -19.64 16.75 -3.11
N GLN E 16 -18.71 16.22 -3.90
CA GLN E 16 -18.05 14.98 -3.54
C GLN E 16 -16.59 15.28 -3.22
N ARG E 17 -16.15 14.83 -2.05
CA ARG E 17 -14.81 15.12 -1.56
C ARG E 17 -13.86 13.93 -1.73
N PHE E 18 -12.73 14.14 -2.40
CA PHE E 18 -11.70 13.11 -2.51
C PHE E 18 -10.33 13.65 -2.13
N GLY E 19 -9.83 13.28 -0.96
CA GLY E 19 -8.58 13.85 -0.48
C GLY E 19 -8.73 15.34 -0.22
N ASP E 20 -7.90 16.13 -0.87
CA ASP E 20 -7.94 17.58 -0.74
C ASP E 20 -8.72 18.24 -1.88
N LEU E 21 -9.44 17.44 -2.67
CA LEU E 21 -10.19 18.01 -3.78
C LEU E 21 -11.70 17.83 -3.64
N VAL E 22 -12.43 18.76 -4.24
CA VAL E 22 -13.88 18.76 -4.21
C VAL E 22 -14.41 18.68 -5.63
N PHE E 23 -15.40 17.82 -5.85
CA PHE E 23 -15.98 17.69 -7.18
C PHE E 23 -17.46 18.01 -7.15
N ARG E 24 -17.90 18.82 -8.12
CA ARG E 24 -19.29 19.20 -8.26
C ARG E 24 -19.78 18.94 -9.68
N GLN E 25 -20.87 18.18 -9.80
CA GLN E 25 -21.42 17.86 -11.11
C GLN E 25 -22.23 19.04 -11.68
N LEU E 26 -21.91 19.42 -12.91
CA LEU E 26 -22.55 20.56 -13.55
C LEU E 26 -23.53 20.08 -14.62
N ALA E 27 -23.29 18.88 -15.11
CA ALA E 27 -24.09 18.27 -16.17
C ALA E 27 -23.90 16.76 -16.09
N PRO E 28 -24.79 15.98 -16.72
CA PRO E 28 -24.66 14.51 -16.69
C PRO E 28 -23.26 13.99 -17.03
N ASN E 29 -22.51 14.70 -17.87
CA ASN E 29 -21.18 14.25 -18.23
C ASN E 29 -20.09 15.29 -17.95
N VAL E 30 -20.41 16.28 -17.13
CA VAL E 30 -19.44 17.33 -16.82
C VAL E 30 -19.33 17.54 -15.31
N TRP E 31 -18.09 17.50 -14.81
CA TRP E 31 -17.82 17.80 -13.41
C TRP E 31 -16.82 18.94 -13.30
N GLN E 32 -16.93 19.71 -12.23
CA GLN E 32 -15.93 20.73 -11.93
C GLN E 32 -15.03 20.21 -10.80
N HIS E 33 -13.73 20.20 -11.02
CA HIS E 33 -12.82 19.80 -9.95
C HIS E 33 -12.18 21.03 -9.33
N THR E 34 -12.07 21.02 -8.00
CA THR E 34 -11.57 22.16 -7.25
C THR E 34 -10.47 21.74 -6.29
N SER E 35 -9.34 22.43 -6.36
CA SER E 35 -8.22 22.19 -5.45
C SER E 35 -7.87 23.48 -4.72
N TYR E 36 -7.16 23.36 -3.60
CA TYR E 36 -6.86 24.51 -2.77
C TYR E 36 -5.38 24.63 -2.49
N LEU E 37 -4.87 25.86 -2.47
CA LEU E 37 -3.49 26.11 -2.10
C LEU E 37 -3.39 27.23 -1.06
N ASP E 38 -2.79 26.92 0.08
CA ASP E 38 -2.61 27.92 1.12
C ASP E 38 -1.38 28.78 0.82
N MET E 39 -1.60 30.08 0.63
CA MET E 39 -0.49 30.97 0.35
C MET E 39 -0.30 31.90 1.53
N PRO E 40 0.97 32.19 1.86
CA PRO E 40 1.35 33.01 3.03
C PRO E 40 0.68 34.37 3.04
N GLY E 41 -0.23 34.59 3.98
CA GLY E 41 -0.87 35.88 4.14
C GLY E 41 -2.19 36.02 3.44
N PHE E 42 -2.62 34.97 2.74
CA PHE E 42 -3.87 35.03 1.99
C PHE E 42 -4.90 33.97 2.36
N GLY E 43 -4.43 32.87 2.94
CA GLY E 43 -5.30 31.76 3.23
C GLY E 43 -5.51 30.87 2.01
N ALA E 44 -6.63 30.16 1.98
CA ALA E 44 -6.91 29.18 0.93
C ALA E 44 -7.37 29.80 -0.39
N VAL E 45 -6.64 29.49 -1.48
CA VAL E 45 -7.05 29.93 -2.81
C VAL E 45 -7.54 28.73 -3.62
N ALA E 46 -8.78 28.80 -4.08
CA ALA E 46 -9.37 27.71 -4.86
C ALA E 46 -9.02 27.84 -6.33
N SER E 47 -8.95 26.69 -7.02
CA SER E 47 -8.73 26.69 -8.46
C SER E 47 -9.59 25.61 -9.11
N ASN E 48 -10.33 26.01 -10.14
CA ASN E 48 -11.27 25.09 -10.80
C ASN E 48 -10.79 24.62 -12.16
N GLY E 49 -11.12 23.36 -12.47
CA GLY E 49 -10.91 22.80 -13.78
C GLY E 49 -12.13 21.95 -14.12
N LEU E 50 -12.12 21.29 -15.28
CA LEU E 50 -13.27 20.52 -15.72
C LEU E 50 -12.95 19.05 -15.96
N ILE E 51 -13.94 18.21 -15.73
CA ILE E 51 -13.88 16.80 -16.09
C ILE E 51 -15.06 16.49 -17.02
N VAL E 52 -14.77 15.94 -18.20
CA VAL E 52 -15.81 15.68 -19.18
C VAL E 52 -15.82 14.22 -19.59
N ARG E 53 -16.97 13.56 -19.40
CA ARG E 53 -17.12 12.19 -19.87
C ARG E 53 -17.61 12.21 -21.32
N ASP E 54 -16.81 11.61 -22.21
CA ASP E 54 -17.14 11.57 -23.62
C ASP E 54 -17.20 10.13 -24.09
N GLY E 55 -18.38 9.54 -24.03
CA GLY E 55 -18.57 8.15 -24.38
C GLY E 55 -17.89 7.23 -23.38
N GLY E 56 -16.88 6.50 -23.85
CA GLY E 56 -16.17 5.55 -23.02
C GLY E 56 -14.82 6.06 -22.55
N ARG E 57 -14.66 7.37 -22.50
CA ARG E 57 -13.40 7.97 -22.08
C ARG E 57 -13.63 9.29 -21.35
N VAL E 58 -12.61 9.74 -20.64
CA VAL E 58 -12.69 10.98 -19.86
C VAL E 58 -11.70 12.03 -20.36
N LEU E 59 -12.16 13.27 -20.44
CA LEU E 59 -11.31 14.38 -20.83
C LEU E 59 -11.14 15.35 -19.66
N VAL E 60 -9.94 15.88 -19.48
CA VAL E 60 -9.65 16.76 -18.36
C VAL E 60 -9.22 18.15 -18.83
N VAL E 61 -9.78 19.18 -18.20
CA VAL E 61 -9.34 20.55 -18.48
C VAL E 61 -8.63 21.13 -17.26
N ASP E 62 -7.35 21.48 -17.45
CA ASP E 62 -6.48 22.06 -16.41
C ASP E 62 -6.10 21.10 -15.30
N THR E 63 -4.90 21.27 -14.76
CA THR E 63 -4.46 20.48 -13.62
C THR E 63 -4.85 21.16 -12.33
N ALA E 64 -4.46 20.56 -11.21
CA ALA E 64 -4.59 21.21 -9.91
C ALA E 64 -3.33 21.99 -9.63
N TRP E 65 -3.21 22.54 -8.42
CA TRP E 65 -2.04 23.31 -8.03
C TRP E 65 -0.76 22.47 -8.05
N THR E 66 -0.87 21.22 -7.61
CA THR E 66 0.29 20.35 -7.48
C THR E 66 0.10 19.00 -8.15
N ASP E 67 1.20 18.25 -8.23
CA ASP E 67 1.20 16.90 -8.77
C ASP E 67 0.33 16.00 -7.91
N ASP E 68 0.51 16.11 -6.60
CA ASP E 68 -0.22 15.28 -5.63
C ASP E 68 -1.73 15.49 -5.75
N GLN E 69 -2.14 16.75 -5.86
CA GLN E 69 -3.55 17.08 -6.04
C GLN E 69 -4.06 16.61 -7.40
N THR E 70 -3.22 16.73 -8.41
CA THR E 70 -3.59 16.29 -9.75
C THR E 70 -3.76 14.77 -9.79
N ALA E 71 -2.91 14.06 -9.06
CA ALA E 71 -3.03 12.61 -8.95
C ALA E 71 -4.34 12.21 -8.28
N GLN E 72 -4.80 13.04 -7.34
CA GLN E 72 -6.06 12.79 -6.63
C GLN E 72 -7.26 12.91 -7.57
N ILE E 73 -7.15 13.79 -8.57
CA ILE E 73 -8.20 13.93 -9.57
C ILE E 73 -8.38 12.63 -10.35
N LEU E 74 -7.26 12.07 -10.80
CA LEU E 74 -7.25 10.84 -11.60
C LEU E 74 -7.81 9.63 -10.84
N ASN E 75 -7.50 9.52 -9.56
CA ASN E 75 -8.01 8.43 -8.75
C ASN E 75 -9.51 8.56 -8.53
N TRP E 76 -9.96 9.80 -8.35
CA TRP E 76 -11.39 10.06 -8.20
C TRP E 76 -12.12 9.68 -9.48
N ILE E 77 -11.54 10.06 -10.63
CA ILE E 77 -12.11 9.70 -11.91
C ILE E 77 -12.22 8.18 -12.06
N LYS E 78 -11.14 7.49 -11.73
CA LYS E 78 -11.11 6.03 -11.83
C LYS E 78 -12.12 5.38 -10.90
N GLN E 79 -12.30 5.98 -9.72
CA GLN E 79 -13.20 5.43 -8.72
C GLN E 79 -14.66 5.73 -9.07
N GLU E 80 -14.96 6.97 -9.45
CA GLU E 80 -16.33 7.44 -9.61
C GLU E 80 -16.87 7.28 -11.03
N ILE E 81 -15.99 7.28 -12.01
CA ILE E 81 -16.40 7.20 -13.41
C ILE E 81 -15.92 5.91 -14.04
N ASN E 82 -14.74 5.46 -13.64
CA ASN E 82 -14.13 4.22 -14.14
C ASN E 82 -14.02 4.18 -15.66
N LEU E 83 -13.51 5.28 -16.23
CA LEU E 83 -13.19 5.32 -17.65
C LEU E 83 -11.80 5.91 -17.82
N PRO E 84 -11.06 5.44 -18.83
CA PRO E 84 -9.69 5.91 -19.03
C PRO E 84 -9.64 7.38 -19.45
N VAL E 85 -8.70 8.12 -18.89
CA VAL E 85 -8.50 9.51 -19.26
C VAL E 85 -7.70 9.55 -20.56
N ALA E 86 -8.35 9.98 -21.63
CA ALA E 86 -7.75 9.96 -22.96
C ALA E 86 -6.76 11.10 -23.13
N LEU E 87 -7.14 12.29 -22.68
CA LEU E 87 -6.30 13.47 -22.84
C LEU E 87 -6.61 14.56 -21.83
N ALA E 88 -5.71 15.53 -21.72
CA ALA E 88 -5.92 16.68 -20.86
C ALA E 88 -5.50 17.96 -21.58
N VAL E 89 -6.24 19.04 -21.33
CA VAL E 89 -5.92 20.34 -21.89
C VAL E 89 -5.70 21.37 -20.79
N VAL E 90 -4.58 22.09 -20.85
CA VAL E 90 -4.30 23.14 -19.88
C VAL E 90 -4.43 24.52 -20.55
N THR E 91 -4.96 25.49 -19.81
CA THR E 91 -5.41 26.75 -20.42
C THR E 91 -4.36 27.85 -20.50
N HIS E 92 -3.37 27.84 -19.59
CA HIS E 92 -2.20 28.70 -19.74
C HIS E 92 -1.09 28.29 -18.78
N ALA E 93 0.09 28.90 -18.94
CA ALA E 93 1.28 28.46 -18.22
C ALA E 93 1.46 29.11 -16.85
N HIS E 94 0.51 28.87 -15.96
CA HIS E 94 0.65 29.25 -14.57
C HIS E 94 0.38 28.06 -13.66
N GLN E 95 0.75 28.20 -12.38
CA GLN E 95 0.73 27.08 -11.44
C GLN E 95 -0.66 26.47 -11.25
N ASP E 96 -1.69 27.31 -11.17
CA ASP E 96 -3.02 26.82 -10.88
C ASP E 96 -3.61 26.00 -12.03
N LYS E 97 -3.02 26.12 -13.21
CA LYS E 97 -3.50 25.40 -14.39
C LYS E 97 -2.54 24.31 -14.85
N MET E 98 -1.23 24.51 -14.63
CA MET E 98 -0.22 23.56 -15.10
C MET E 98 0.68 23.02 -14.00
N GLY E 99 0.36 23.30 -12.75
CA GLY E 99 1.19 22.88 -11.64
C GLY E 99 1.35 21.38 -11.50
N GLY E 100 0.39 20.63 -12.03
CA GLY E 100 0.40 19.19 -11.89
C GLY E 100 0.63 18.41 -13.17
N MET E 101 1.40 18.99 -14.09
CA MET E 101 1.67 18.34 -15.38
C MET E 101 2.39 17.01 -15.24
N ASP E 102 3.29 16.92 -14.27
CA ASP E 102 4.07 15.70 -14.04
C ASP E 102 3.17 14.51 -13.71
N ALA E 103 2.11 14.77 -12.94
CA ALA E 103 1.17 13.73 -12.56
C ALA E 103 0.43 13.18 -13.79
N LEU E 104 0.12 14.05 -14.74
CA LEU E 104 -0.57 13.62 -15.96
C LEU E 104 0.33 12.72 -16.80
N HIS E 105 1.58 13.14 -16.94
CA HIS E 105 2.55 12.38 -17.74
C HIS E 105 2.90 11.05 -17.07
N ALA E 106 2.94 11.07 -15.73
CA ALA E 106 3.22 9.85 -14.95
C ALA E 106 2.09 8.84 -15.13
N ALA E 107 0.89 9.34 -15.37
CA ALA E 107 -0.28 8.48 -15.55
C ALA E 107 -0.49 8.11 -17.02
N GLY E 108 0.42 8.56 -17.87
CA GLY E 108 0.37 8.21 -19.28
C GLY E 108 -0.70 8.95 -20.06
N ILE E 109 -1.02 10.16 -19.60
CA ILE E 109 -2.05 10.96 -20.23
C ILE E 109 -1.47 11.96 -21.23
N ALA E 110 -1.98 11.92 -22.45
CA ALA E 110 -1.56 12.86 -23.48
C ALA E 110 -1.99 14.27 -23.08
N THR E 111 -1.05 15.20 -23.09
CA THR E 111 -1.35 16.56 -22.65
C THR E 111 -1.22 17.56 -23.80
N TYR E 112 -2.13 18.53 -23.80
CA TYR E 112 -2.19 19.53 -24.86
C TYR E 112 -2.21 20.93 -24.28
N ALA E 113 -1.54 21.85 -24.95
CA ALA E 113 -1.54 23.25 -24.55
C ALA E 113 -1.32 24.16 -25.75
N ASN E 114 -1.65 25.44 -25.58
CA ASN E 114 -1.27 26.45 -26.55
C ASN E 114 0.24 26.41 -26.75
N ALA E 115 0.67 26.52 -28.01
CA ALA E 115 2.09 26.49 -28.33
C ALA E 115 2.86 27.54 -27.53
N LEU E 116 2.24 28.70 -27.32
CA LEU E 116 2.85 29.76 -26.53
C LEU E 116 2.97 29.34 -25.06
N SER E 117 1.97 28.62 -24.55
CA SER E 117 2.00 28.13 -23.18
C SER E 117 3.21 27.21 -22.97
N ASN E 118 3.46 26.34 -23.96
CA ASN E 118 4.59 25.44 -23.90
C ASN E 118 5.92 26.18 -23.98
N GLN E 119 5.94 27.26 -24.76
CA GLN E 119 7.13 28.09 -24.89
C GLN E 119 7.41 28.85 -23.60
N LEU E 120 6.35 29.26 -22.91
CA LEU E 120 6.49 30.03 -21.69
C LEU E 120 6.74 29.16 -20.47
N ALA E 121 6.38 27.88 -20.56
CA ALA E 121 6.44 26.96 -19.43
C ALA E 121 7.79 26.93 -18.68
N PRO E 122 8.92 26.80 -19.41
CA PRO E 122 10.16 26.78 -18.62
C PRO E 122 10.44 28.08 -17.88
N GLN E 123 10.09 29.21 -18.46
CA GLN E 123 10.28 30.50 -17.81
C GLN E 123 9.40 30.63 -16.57
N GLU E 124 8.23 29.99 -16.62
CA GLU E 124 7.28 30.08 -15.53
C GLU E 124 7.49 28.96 -14.51
N GLY E 125 8.49 28.13 -14.75
CA GLY E 125 8.79 27.01 -13.86
C GLY E 125 7.78 25.88 -14.01
N MET E 126 7.15 25.80 -15.18
CA MET E 126 6.18 24.75 -15.44
C MET E 126 6.73 23.73 -16.43
N VAL E 127 6.21 22.51 -16.35
CA VAL E 127 6.53 21.46 -17.32
C VAL E 127 5.61 21.58 -18.54
N ALA E 128 6.21 21.66 -19.73
CA ALA E 128 5.45 21.84 -20.95
C ALA E 128 4.61 20.61 -21.28
N ALA E 129 3.50 20.82 -21.97
CA ALA E 129 2.66 19.72 -22.44
C ALA E 129 3.38 18.97 -23.56
N GLN E 130 2.93 17.74 -23.83
CA GLN E 130 3.58 16.91 -24.84
C GLN E 130 3.21 17.34 -26.26
N HIS E 131 2.08 18.02 -26.39
CA HIS E 131 1.61 18.47 -27.69
C HIS E 131 1.22 19.94 -27.64
N SER E 132 1.35 20.63 -28.78
CA SER E 132 1.06 22.05 -28.87
C SER E 132 -0.17 22.34 -29.72
N LEU E 133 -1.03 23.21 -29.22
CA LEU E 133 -2.18 23.69 -29.99
C LEU E 133 -1.85 24.99 -30.73
N THR E 134 -2.29 25.10 -31.97
CA THR E 134 -2.18 26.36 -32.72
C THR E 134 -3.57 26.83 -33.10
N PHE E 135 -3.69 28.13 -33.36
CA PHE E 135 -4.99 28.73 -33.58
C PHE E 135 -5.01 29.59 -34.83
N ALA E 136 -6.16 29.67 -35.47
CA ALA E 136 -6.33 30.51 -36.66
C ALA E 136 -6.48 31.96 -36.24
N ALA E 137 -6.57 32.85 -37.22
CA ALA E 137 -6.65 34.28 -36.95
C ALA E 137 -7.96 34.66 -36.24
N ASN E 138 -8.98 33.82 -36.37
CA ASN E 138 -10.27 34.09 -35.73
C ASN E 138 -10.35 33.50 -34.33
N GLY E 139 -9.26 32.88 -33.88
CA GLY E 139 -9.18 32.38 -32.52
C GLY E 139 -9.51 30.91 -32.33
N TRP E 140 -10.14 30.28 -33.32
CA TRP E 140 -10.51 28.88 -33.20
C TRP E 140 -9.30 27.98 -33.44
N VAL E 141 -9.24 26.88 -32.68
CA VAL E 141 -8.12 25.95 -32.74
C VAL E 141 -8.02 25.26 -34.09
N GLU E 142 -6.79 25.01 -34.55
CA GLU E 142 -6.57 24.19 -35.73
C GLU E 142 -6.90 22.73 -35.40
N PRO E 143 -7.96 22.20 -36.02
CA PRO E 143 -8.46 20.85 -35.68
C PRO E 143 -7.40 19.76 -35.83
N ALA E 144 -6.45 19.95 -36.74
CA ALA E 144 -5.35 19.00 -36.93
C ALA E 144 -4.50 18.89 -35.66
N THR E 145 -4.40 19.98 -34.91
CA THR E 145 -3.57 20.02 -33.72
C THR E 145 -4.34 19.54 -32.49
N ALA E 146 -5.66 19.43 -32.64
CA ALA E 146 -6.52 18.96 -31.55
C ALA E 146 -7.34 17.73 -31.97
N PRO E 147 -6.66 16.58 -32.15
CA PRO E 147 -7.33 15.38 -32.64
C PRO E 147 -8.19 14.73 -31.55
N ASN E 148 -9.41 14.34 -31.93
CA ASN E 148 -10.29 13.57 -31.05
C ASN E 148 -10.57 14.28 -29.72
N PHE E 149 -10.86 15.57 -29.81
CA PHE E 149 -11.15 16.38 -28.62
C PHE E 149 -12.62 16.24 -28.22
N GLY E 150 -13.38 15.51 -29.03
CA GLY E 150 -14.78 15.28 -28.77
C GLY E 150 -15.59 16.56 -28.69
N PRO E 151 -16.31 16.74 -27.58
CA PRO E 151 -17.17 17.92 -27.36
C PRO E 151 -16.37 19.17 -27.00
N LEU E 152 -15.07 19.02 -26.79
CA LEU E 152 -14.23 20.15 -26.41
C LEU E 152 -13.96 21.07 -27.59
N LYS E 153 -14.48 22.30 -27.50
CA LYS E 153 -14.22 23.32 -28.51
C LYS E 153 -13.27 24.36 -27.95
N VAL E 154 -12.02 24.32 -28.40
CA VAL E 154 -10.99 25.20 -27.87
C VAL E 154 -10.90 26.52 -28.64
N PHE E 155 -10.87 27.63 -27.91
CA PHE E 155 -10.85 28.95 -28.52
C PHE E 155 -9.80 29.85 -27.86
N TYR E 156 -8.99 30.50 -28.68
CA TYR E 156 -8.03 31.49 -28.18
C TYR E 156 -8.58 32.90 -28.40
N PRO E 157 -9.00 33.56 -27.31
CA PRO E 157 -9.66 34.86 -27.40
C PRO E 157 -8.70 36.03 -27.63
N GLY E 158 -7.41 35.77 -27.54
CA GLY E 158 -6.42 36.84 -27.60
C GLY E 158 -5.84 37.07 -26.23
N PRO E 159 -4.76 37.86 -26.14
CA PRO E 159 -4.10 38.10 -24.85
C PRO E 159 -5.00 38.85 -23.86
N GLY E 160 -5.02 38.37 -22.62
CA GLY E 160 -5.82 38.97 -21.56
C GLY E 160 -5.14 38.79 -20.22
N HIS E 161 -5.56 37.76 -19.49
CA HIS E 161 -4.92 37.40 -18.22
C HIS E 161 -3.44 37.10 -18.48
N THR E 162 -3.16 36.36 -19.55
CA THR E 162 -1.81 36.16 -20.05
C THR E 162 -1.81 36.29 -21.57
N SER E 163 -0.65 36.14 -22.19
CA SER E 163 -0.58 36.21 -23.64
C SER E 163 -1.05 34.88 -24.23
N ASP E 164 -1.10 33.84 -23.40
CA ASP E 164 -1.41 32.50 -23.89
C ASP E 164 -2.74 31.87 -23.45
N ASN E 165 -3.53 32.52 -22.60
CA ASN E 165 -4.80 31.92 -22.15
C ASN E 165 -5.67 31.44 -23.27
N ILE E 166 -6.16 30.22 -23.12
CA ILE E 166 -7.12 29.70 -24.06
C ILE E 166 -8.37 29.33 -23.27
N THR E 167 -9.47 29.14 -23.98
CA THR E 167 -10.75 28.81 -23.35
C THR E 167 -11.36 27.59 -24.01
N VAL E 168 -12.29 26.93 -23.31
CA VAL E 168 -12.87 25.71 -23.80
C VAL E 168 -14.40 25.71 -23.65
N GLY E 169 -15.10 25.40 -24.75
CA GLY E 169 -16.54 25.23 -24.69
C GLY E 169 -16.90 23.75 -24.75
N ILE E 170 -18.00 23.37 -24.10
CA ILE E 170 -18.44 21.98 -24.15
C ILE E 170 -19.66 21.88 -25.06
N ASP E 171 -19.45 21.30 -26.24
CA ASP E 171 -20.53 21.17 -27.21
C ASP E 171 -21.59 20.24 -26.65
N GLY E 172 -22.85 20.53 -26.96
CA GLY E 172 -23.96 19.74 -26.46
C GLY E 172 -24.39 20.18 -25.06
N THR E 173 -23.68 21.17 -24.51
CA THR E 173 -24.03 21.72 -23.20
C THR E 173 -24.13 23.25 -23.24
N ASP E 174 -24.57 23.82 -22.13
CA ASP E 174 -24.66 25.26 -21.96
C ASP E 174 -23.41 25.84 -21.29
N ILE E 175 -22.38 25.00 -21.16
CA ILE E 175 -21.22 25.32 -20.32
C ILE E 175 -20.01 25.78 -21.14
N ALA E 176 -19.37 26.86 -20.70
CA ALA E 176 -18.11 27.31 -21.28
C ALA E 176 -17.09 27.64 -20.18
N PHE E 177 -15.82 27.33 -20.44
CA PHE E 177 -14.78 27.52 -19.44
C PHE E 177 -13.83 28.66 -19.80
N GLY E 178 -13.79 29.69 -18.96
CA GLY E 178 -13.00 30.87 -19.23
C GLY E 178 -11.67 30.92 -18.53
N GLY E 179 -11.42 29.95 -17.65
CA GLY E 179 -10.15 29.88 -16.92
C GLY E 179 -9.92 31.10 -16.04
N CYS E 180 -8.69 31.62 -16.08
CA CYS E 180 -8.33 32.80 -15.29
C CYS E 180 -8.63 34.11 -16.01
N LEU E 181 -9.01 34.00 -17.28
CA LEU E 181 -9.39 35.17 -18.05
C LEU E 181 -10.64 35.81 -17.47
N ILE E 182 -11.61 34.97 -17.10
CA ILE E 182 -12.89 35.43 -16.61
C ILE E 182 -12.98 35.39 -15.08
N LYS E 183 -13.36 36.52 -14.50
CA LYS E 183 -13.67 36.59 -13.09
C LYS E 183 -15.18 36.68 -12.91
N ASP E 184 -15.68 36.39 -11.71
CA ASP E 184 -17.12 36.40 -11.49
C ASP E 184 -17.65 37.83 -11.45
N SER E 185 -18.97 37.96 -11.52
CA SER E 185 -19.60 39.27 -11.63
C SER E 185 -19.47 40.12 -10.37
N LYS E 186 -19.07 39.47 -9.27
CA LYS E 186 -18.91 40.17 -7.99
C LYS E 186 -17.46 40.51 -7.64
N ALA E 187 -16.54 40.15 -8.53
CA ALA E 187 -15.12 40.40 -8.32
C ALA E 187 -14.83 41.90 -8.32
N LYS E 188 -13.86 42.32 -7.52
CA LYS E 188 -13.52 43.74 -7.45
C LYS E 188 -12.32 44.05 -8.34
N SER E 189 -11.56 43.01 -8.70
CA SER E 189 -10.41 43.20 -9.57
C SER E 189 -10.27 42.02 -10.52
N LEU E 190 -9.35 42.16 -11.47
CA LEU E 190 -9.08 41.09 -12.44
C LEU E 190 -7.98 40.17 -11.92
N GLY E 191 -7.66 40.31 -10.65
CA GLY E 191 -6.67 39.47 -9.99
C GLY E 191 -5.24 39.79 -10.40
N ASN E 192 -4.44 38.74 -10.58
CA ASN E 192 -3.05 38.90 -10.96
C ASN E 192 -2.90 39.41 -12.39
N LEU E 193 -2.42 40.64 -12.52
CA LEU E 193 -2.21 41.25 -13.83
C LEU E 193 -0.73 41.36 -14.18
N GLY E 194 0.09 40.56 -13.49
CA GLY E 194 1.52 40.58 -13.69
C GLY E 194 1.96 40.22 -15.10
N ASP E 195 1.31 39.22 -15.69
CA ASP E 195 1.64 38.77 -17.04
C ASP E 195 0.55 39.13 -18.04
N ALA E 196 -0.27 40.12 -17.68
CA ALA E 196 -1.46 40.45 -18.45
C ALA E 196 -1.22 41.44 -19.58
N ASP E 197 -2.09 41.37 -20.59
CA ASP E 197 -2.11 42.35 -21.66
C ASP E 197 -3.29 43.28 -21.39
N THR E 198 -3.01 44.37 -20.67
CA THR E 198 -4.06 45.26 -20.19
C THR E 198 -4.78 46.04 -21.29
N GLU E 199 -4.14 46.17 -22.45
CA GLU E 199 -4.74 46.90 -23.56
C GLU E 199 -5.78 46.06 -24.30
N HIS E 200 -5.55 44.77 -24.39
CA HIS E 200 -6.41 43.89 -25.19
C HIS E 200 -7.31 43.01 -24.33
N TYR E 201 -7.20 43.14 -23.02
CA TYR E 201 -7.95 42.30 -22.08
C TYR E 201 -9.44 42.38 -22.36
N ALA E 202 -9.95 43.61 -22.49
CA ALA E 202 -11.37 43.84 -22.69
C ALA E 202 -11.88 43.16 -23.96
N ALA E 203 -11.16 43.34 -25.06
CA ALA E 203 -11.54 42.73 -26.33
C ALA E 203 -11.48 41.21 -26.25
N SER E 204 -10.49 40.69 -25.53
CA SER E 204 -10.32 39.24 -25.39
C SER E 204 -11.46 38.63 -24.57
N ALA E 205 -11.86 39.32 -23.51
CA ALA E 205 -12.97 38.85 -22.69
C ALA E 205 -14.27 38.81 -23.51
N ARG E 206 -14.51 39.86 -24.28
CA ARG E 206 -15.72 39.94 -25.09
C ARG E 206 -15.68 38.94 -26.25
N ALA E 207 -14.48 38.66 -26.75
CA ALA E 207 -14.31 37.66 -27.81
C ALA E 207 -14.68 36.27 -27.32
N PHE E 208 -14.37 35.99 -26.06
CA PHE E 208 -14.74 34.71 -25.45
C PHE E 208 -16.25 34.54 -25.40
N GLY E 209 -16.94 35.60 -24.99
CA GLY E 209 -18.39 35.59 -24.94
C GLY E 209 -18.99 35.41 -26.33
N ALA E 210 -18.37 36.04 -27.32
CA ALA E 210 -18.85 35.96 -28.69
C ALA E 210 -18.56 34.59 -29.30
N ALA E 211 -17.52 33.92 -28.80
CA ALA E 211 -17.13 32.61 -29.31
C ALA E 211 -18.16 31.55 -28.89
N PHE E 212 -18.70 31.72 -27.70
CA PHE E 212 -19.72 30.82 -27.18
C PHE E 212 -20.95 31.64 -26.77
N PRO E 213 -21.70 32.15 -27.76
CA PRO E 213 -22.79 33.11 -27.51
C PRO E 213 -23.98 32.52 -26.75
N LYS E 214 -24.19 31.22 -26.90
CA LYS E 214 -25.35 30.51 -26.33
C LYS E 214 -25.10 29.92 -24.94
N ALA E 215 -23.83 29.86 -24.55
CA ALA E 215 -23.43 29.31 -23.26
C ALA E 215 -23.97 30.13 -22.09
N SER E 216 -24.81 29.52 -21.25
CA SER E 216 -25.40 30.21 -20.11
C SER E 216 -24.65 30.00 -18.81
N MET E 217 -23.93 28.89 -18.70
CA MET E 217 -23.16 28.61 -17.50
C MET E 217 -21.67 28.83 -17.75
N ILE E 218 -21.11 29.85 -17.11
CA ILE E 218 -19.69 30.18 -17.28
C ILE E 218 -18.85 29.68 -16.10
N VAL E 219 -17.96 28.72 -16.38
CA VAL E 219 -17.07 28.20 -15.36
C VAL E 219 -15.74 28.95 -15.42
N MET E 220 -15.21 29.30 -14.25
CA MET E 220 -13.94 30.03 -14.18
C MET E 220 -13.04 29.43 -13.10
N SER E 221 -11.81 29.93 -13.03
CA SER E 221 -10.80 29.33 -12.17
C SER E 221 -11.04 29.55 -10.67
N HIS E 222 -11.52 30.73 -10.29
CA HIS E 222 -11.51 31.11 -8.88
C HIS E 222 -12.85 31.55 -8.34
N SER E 223 -13.92 30.99 -8.90
CA SER E 223 -15.26 31.24 -8.39
C SER E 223 -16.20 30.13 -8.85
N ALA E 224 -17.31 29.99 -8.12
CA ALA E 224 -18.37 29.05 -8.51
C ALA E 224 -18.90 29.46 -9.87
N PRO E 225 -19.46 28.51 -10.62
CA PRO E 225 -20.05 28.80 -11.93
C PRO E 225 -20.99 29.99 -11.86
N ASP E 226 -20.89 30.87 -12.85
CA ASP E 226 -21.69 32.09 -12.85
C ASP E 226 -22.50 32.15 -14.15
N SER E 227 -23.32 33.19 -14.26
CA SER E 227 -24.03 33.43 -15.51
C SER E 227 -23.11 34.21 -16.46
N ARG E 228 -23.67 34.67 -17.57
CA ARG E 228 -22.92 35.45 -18.54
C ARG E 228 -22.51 36.80 -17.95
N ALA E 229 -23.09 37.14 -16.80
CA ALA E 229 -22.79 38.40 -16.12
C ALA E 229 -21.31 38.48 -15.77
N ALA E 230 -20.69 37.33 -15.55
CA ALA E 230 -19.25 37.27 -15.26
C ALA E 230 -18.44 37.80 -16.43
N ILE E 231 -18.86 37.46 -17.65
CA ILE E 231 -18.16 37.89 -18.85
C ILE E 231 -18.23 39.40 -19.02
N THR E 232 -19.42 39.95 -18.87
CA THR E 232 -19.66 41.38 -19.03
C THR E 232 -18.94 42.18 -17.95
N HIS E 233 -18.99 41.68 -16.72
CA HIS E 233 -18.32 42.33 -15.60
C HIS E 233 -16.80 42.35 -15.79
N THR E 234 -16.26 41.23 -16.28
CA THR E 234 -14.84 41.14 -16.58
C THR E 234 -14.45 42.12 -17.67
N ALA E 235 -15.25 42.16 -18.73
CA ALA E 235 -15.00 43.07 -19.85
C ALA E 235 -15.07 44.54 -19.41
N ARG E 236 -16.02 44.87 -18.54
CA ARG E 236 -16.17 46.26 -18.11
C ARG E 236 -15.08 46.66 -17.14
N MET E 237 -14.62 45.73 -16.31
CA MET E 237 -13.45 45.99 -15.48
C MET E 237 -12.20 46.18 -16.34
N ALA E 238 -12.07 45.37 -17.38
CA ALA E 238 -10.91 45.43 -18.25
C ALA E 238 -10.93 46.72 -19.07
N ASP E 239 -12.12 47.27 -19.30
CA ASP E 239 -12.27 48.53 -20.01
C ASP E 239 -11.58 49.66 -19.25
N LYS E 240 -11.50 49.50 -17.92
CA LYS E 240 -10.89 50.50 -17.05
C LYS E 240 -9.38 50.39 -16.98
N LEU E 241 -8.81 49.42 -17.70
CA LEU E 241 -7.36 49.23 -17.70
C LEU E 241 -6.70 50.03 -18.81
N ARG E 242 -7.49 50.46 -19.79
CA ARG E 242 -6.96 51.19 -20.93
C ARG E 242 -6.86 52.69 -20.66
N ASP F 15 21.40 -37.14 15.68
CA ASP F 15 20.19 -36.81 14.95
C ASP F 15 18.97 -36.87 15.85
N GLN F 16 18.12 -35.86 15.74
CA GLN F 16 16.91 -35.79 16.53
C GLN F 16 15.64 -35.86 15.66
N ARG F 17 14.74 -36.77 16.02
CA ARG F 17 13.51 -36.99 15.27
C ARG F 17 12.29 -36.32 15.90
N PHE F 18 11.59 -35.50 15.12
CA PHE F 18 10.33 -34.90 15.58
C PHE F 18 9.24 -35.13 14.53
N GLY F 19 8.30 -36.03 14.82
CA GLY F 19 7.29 -36.39 13.83
C GLY F 19 7.90 -37.10 12.64
N ASP F 20 7.68 -36.56 11.45
CA ASP F 20 8.26 -37.14 10.24
C ASP F 20 9.55 -36.44 9.85
N LEU F 21 10.11 -35.64 10.76
CA LEU F 21 11.33 -34.92 10.44
C LEU F 21 12.52 -35.33 11.29
N VAL F 22 13.71 -35.12 10.72
CA VAL F 22 14.97 -35.41 11.36
C VAL F 22 15.79 -34.12 11.44
N PHE F 23 16.37 -33.85 12.59
CA PHE F 23 17.18 -32.64 12.76
C PHE F 23 18.60 -33.01 13.13
N ARG F 24 19.57 -32.37 12.48
CA ARG F 24 20.98 -32.60 12.75
C ARG F 24 21.70 -31.29 13.01
N GLN F 25 22.37 -31.20 14.15
CA GLN F 25 23.14 -30.01 14.46
C GLN F 25 24.46 -30.03 13.72
N LEU F 26 24.73 -28.96 12.98
CA LEU F 26 25.93 -28.87 12.15
C LEU F 26 26.94 -27.92 12.78
N ALA F 27 26.44 -27.02 13.63
CA ALA F 27 27.26 -25.99 14.25
C ALA F 27 26.55 -25.55 15.53
N PRO F 28 27.28 -24.86 16.44
CA PRO F 28 26.71 -24.40 17.71
C PRO F 28 25.35 -23.70 17.61
N ASN F 29 25.09 -23.01 16.51
CA ASN F 29 23.82 -22.31 16.33
C ASN F 29 23.11 -22.68 15.03
N VAL F 30 23.50 -23.80 14.42
CA VAL F 30 22.95 -24.20 13.14
C VAL F 30 22.49 -25.67 13.12
N TRP F 31 21.25 -25.89 12.69
CA TRP F 31 20.72 -27.23 12.51
C TRP F 31 20.27 -27.45 11.07
N GLN F 32 20.37 -28.69 10.61
CA GLN F 32 19.81 -29.06 9.32
C GLN F 32 18.52 -29.83 9.55
N HIS F 33 17.43 -29.38 8.95
CA HIS F 33 16.18 -30.10 9.05
C HIS F 33 15.91 -30.89 7.77
N THR F 34 15.41 -32.11 7.94
CA THR F 34 15.20 -33.01 6.82
C THR F 34 13.79 -33.56 6.80
N SER F 35 13.12 -33.44 5.66
CA SER F 35 11.79 -34.01 5.48
C SER F 35 11.77 -34.92 4.25
N TYR F 36 10.78 -35.81 4.18
CA TYR F 36 10.73 -36.79 3.11
C TYR F 36 9.38 -36.76 2.40
N LEU F 37 9.40 -36.93 1.08
CA LEU F 37 8.15 -37.09 0.34
C LEU F 37 8.22 -38.25 -0.63
N ASP F 38 7.33 -39.23 -0.44
CA ASP F 38 7.25 -40.38 -1.33
C ASP F 38 6.38 -40.04 -2.54
N MET F 39 6.96 -40.06 -3.74
CA MET F 39 6.23 -39.71 -4.95
C MET F 39 6.02 -40.94 -5.82
N PRO F 40 4.85 -41.04 -6.47
CA PRO F 40 4.47 -42.24 -7.25
C PRO F 40 5.51 -42.63 -8.29
N GLY F 41 6.15 -43.78 -8.07
CA GLY F 41 7.11 -44.31 -9.01
C GLY F 41 8.56 -43.99 -8.71
N PHE F 42 8.83 -43.24 -7.64
CA PHE F 42 10.21 -42.86 -7.34
C PHE F 42 10.71 -43.27 -5.95
N GLY F 43 9.79 -43.49 -5.03
CA GLY F 43 10.13 -43.78 -3.65
C GLY F 43 10.39 -42.53 -2.82
N ALA F 44 11.13 -42.68 -1.73
CA ALA F 44 11.38 -41.58 -0.79
C ALA F 44 12.47 -40.63 -1.25
N VAL F 45 12.13 -39.34 -1.36
CA VAL F 45 13.11 -38.31 -1.67
C VAL F 45 13.34 -37.38 -0.48
N ALA F 46 14.59 -37.25 -0.05
CA ALA F 46 14.92 -36.40 1.09
C ALA F 46 15.10 -34.95 0.66
N SER F 47 14.78 -34.00 1.54
CA SER F 47 15.01 -32.59 1.27
C SER F 47 15.48 -31.86 2.53
N ASN F 48 16.57 -31.10 2.39
CA ASN F 48 17.20 -30.42 3.51
C ASN F 48 16.96 -28.92 3.55
N GLY F 49 16.87 -28.37 4.76
CA GLY F 49 16.86 -26.94 4.95
C GLY F 49 17.69 -26.61 6.18
N LEU F 50 17.78 -25.33 6.53
CA LEU F 50 18.60 -24.91 7.67
C LEU F 50 17.81 -24.18 8.73
N ILE F 51 18.22 -24.36 9.98
CA ILE F 51 17.69 -23.61 11.11
C ILE F 51 18.85 -22.88 11.78
N VAL F 52 18.73 -21.57 11.93
CA VAL F 52 19.82 -20.75 12.46
C VAL F 52 19.41 -19.95 13.68
N ARG F 53 20.13 -20.15 14.79
CA ARG F 53 19.91 -19.37 15.99
C ARG F 53 20.77 -18.11 15.96
N ASP F 54 20.10 -16.96 16.03
CA ASP F 54 20.79 -15.68 15.99
C ASP F 54 20.45 -14.85 17.23
N GLY F 55 21.26 -14.99 18.27
CA GLY F 55 21.00 -14.30 19.52
C GLY F 55 19.73 -14.82 20.17
N GLY F 56 18.72 -13.96 20.26
CA GLY F 56 17.47 -14.32 20.89
C GLY F 56 16.37 -14.64 19.91
N ARG F 57 16.74 -15.04 18.69
CA ARG F 57 15.76 -15.36 17.66
C ARG F 57 16.25 -16.48 16.75
N VAL F 58 15.33 -17.08 15.99
CA VAL F 58 15.65 -18.18 15.09
C VAL F 58 15.34 -17.80 13.65
N LEU F 59 16.23 -18.16 12.73
CA LEU F 59 16.01 -17.94 11.30
C LEU F 59 15.88 -19.27 10.56
N VAL F 60 14.98 -19.33 9.58
CA VAL F 60 14.73 -20.56 8.86
C VAL F 60 15.03 -20.44 7.37
N VAL F 61 15.72 -21.44 6.82
CA VAL F 61 15.95 -21.51 5.39
C VAL F 61 15.20 -22.68 4.78
N ASP F 62 14.28 -22.37 3.87
CA ASP F 62 13.46 -23.34 3.15
C ASP F 62 12.42 -24.03 4.03
N THR F 63 11.27 -24.34 3.44
CA THR F 63 10.23 -25.08 4.13
C THR F 63 10.44 -26.57 3.93
N ALA F 64 9.52 -27.36 4.45
CA ALA F 64 9.48 -28.78 4.15
C ALA F 64 8.60 -28.98 2.93
N TRP F 65 8.34 -30.23 2.57
CA TRP F 65 7.52 -30.52 1.40
C TRP F 65 6.10 -30.00 1.57
N THR F 66 5.55 -30.12 2.78
CA THR F 66 4.17 -29.78 3.02
C THR F 66 4.03 -28.81 4.19
N ASP F 67 2.83 -28.28 4.37
CA ASP F 67 2.53 -27.39 5.47
C ASP F 67 2.66 -28.11 6.80
N ASP F 68 2.10 -29.32 6.86
CA ASP F 68 2.11 -30.11 8.09
C ASP F 68 3.53 -30.46 8.52
N GLN F 69 4.37 -30.84 7.57
CA GLN F 69 5.78 -31.12 7.89
C GLN F 69 6.49 -29.84 8.32
N THR F 70 6.14 -28.73 7.67
CA THR F 70 6.73 -27.43 8.00
C THR F 70 6.31 -27.01 9.40
N ALA F 71 5.07 -27.30 9.76
CA ALA F 71 4.57 -27.01 11.10
C ALA F 71 5.34 -27.80 12.17
N GLN F 72 5.76 -29.02 11.81
CA GLN F 72 6.53 -29.87 12.72
C GLN F 72 7.92 -29.28 12.99
N ILE F 73 8.48 -28.60 12.01
CA ILE F 73 9.74 -27.90 12.18
C ILE F 73 9.63 -26.84 13.26
N LEU F 74 8.57 -26.05 13.16
CA LEU F 74 8.34 -24.94 14.07
C LEU F 74 8.14 -25.38 15.51
N ASN F 75 7.42 -26.47 15.70
CA ASN F 75 7.18 -27.02 17.03
C ASN F 75 8.45 -27.59 17.65
N TRP F 76 9.27 -28.22 16.80
CA TRP F 76 10.56 -28.73 17.25
C TRP F 76 11.45 -27.58 17.69
N ILE F 77 11.45 -26.50 16.92
CA ILE F 77 12.18 -25.30 17.28
C ILE F 77 11.69 -24.79 18.62
N LYS F 78 10.37 -24.75 18.77
CA LYS F 78 9.78 -24.26 20.00
C LYS F 78 10.16 -25.14 21.20
N GLN F 79 10.24 -26.44 20.96
CA GLN F 79 10.55 -27.40 22.02
C GLN F 79 12.05 -27.43 22.38
N GLU F 80 12.91 -27.44 21.35
CA GLU F 80 14.34 -27.66 21.55
C GLU F 80 15.16 -26.38 21.70
N ILE F 81 14.66 -25.29 21.13
CA ILE F 81 15.38 -24.03 21.15
C ILE F 81 14.62 -22.98 21.98
N ASN F 82 13.30 -23.01 21.87
CA ASN F 82 12.42 -22.09 22.61
C ASN F 82 12.79 -20.63 22.38
N LEU F 83 12.97 -20.27 21.11
CA LEU F 83 13.18 -18.90 20.70
C LEU F 83 12.27 -18.59 19.52
N PRO F 84 11.79 -17.35 19.42
CA PRO F 84 10.87 -16.98 18.34
C PRO F 84 11.51 -17.05 16.96
N VAL F 85 10.80 -17.59 15.98
CA VAL F 85 11.30 -17.60 14.61
C VAL F 85 10.99 -16.24 13.98
N ALA F 86 12.04 -15.46 13.73
CA ALA F 86 11.86 -14.10 13.26
C ALA F 86 11.47 -14.06 11.78
N LEU F 87 12.15 -14.86 10.98
CA LEU F 87 11.90 -14.85 9.53
C LEU F 87 12.32 -16.13 8.84
N ALA F 88 11.86 -16.29 7.61
CA ALA F 88 12.24 -17.44 6.80
C ALA F 88 12.59 -17.01 5.39
N VAL F 89 13.58 -17.69 4.81
CA VAL F 89 14.01 -17.46 3.43
C VAL F 89 13.88 -18.76 2.64
N VAL F 90 13.21 -18.70 1.48
CA VAL F 90 13.08 -19.86 0.61
C VAL F 90 13.90 -19.66 -0.66
N THR F 91 14.51 -20.73 -1.17
CA THR F 91 15.56 -20.60 -2.18
C THR F 91 15.06 -20.63 -3.64
N HIS F 92 13.93 -21.29 -3.92
CA HIS F 92 13.28 -21.18 -5.23
C HIS F 92 11.87 -21.74 -5.20
N ALA F 93 11.14 -21.54 -6.30
CA ALA F 93 9.71 -21.84 -6.34
C ALA F 93 9.42 -23.29 -6.74
N HIS F 94 9.90 -24.23 -5.94
CA HIS F 94 9.53 -25.64 -6.10
C HIS F 94 9.03 -26.18 -4.76
N GLN F 95 8.38 -27.34 -4.79
CA GLN F 95 7.69 -27.86 -3.62
C GLN F 95 8.62 -28.17 -2.45
N ASP F 96 9.81 -28.68 -2.72
CA ASP F 96 10.69 -29.08 -1.63
C ASP F 96 11.21 -27.87 -0.87
N LYS F 97 11.10 -26.68 -1.46
CA LYS F 97 11.58 -25.46 -0.83
C LYS F 97 10.46 -24.53 -0.37
N MET F 98 9.35 -24.52 -1.10
CA MET F 98 8.25 -23.60 -0.80
C MET F 98 6.92 -24.32 -0.52
N GLY F 99 6.96 -25.64 -0.42
CA GLY F 99 5.74 -26.42 -0.24
C GLY F 99 4.97 -26.13 1.03
N GLY F 100 5.66 -25.61 2.04
CA GLY F 100 5.04 -25.35 3.33
C GLY F 100 4.90 -23.89 3.71
N MET F 101 4.73 -23.02 2.71
CA MET F 101 4.60 -21.59 2.97
C MET F 101 3.40 -21.23 3.86
N ASP F 102 2.29 -21.94 3.67
CA ASP F 102 1.07 -21.68 4.43
C ASP F 102 1.29 -21.87 5.93
N ALA F 103 2.09 -22.87 6.28
CA ALA F 103 2.40 -23.14 7.68
C ALA F 103 3.18 -22.00 8.30
N LEU F 104 4.10 -21.41 7.53
CA LEU F 104 4.91 -20.31 8.03
C LEU F 104 4.03 -19.09 8.28
N HIS F 105 3.14 -18.80 7.34
CA HIS F 105 2.27 -17.65 7.46
C HIS F 105 1.28 -17.81 8.60
N ALA F 106 0.81 -19.04 8.82
CA ALA F 106 -0.11 -19.32 9.91
C ALA F 106 0.56 -19.12 11.27
N ALA F 107 1.87 -19.33 11.32
CA ALA F 107 2.62 -19.19 12.57
C ALA F 107 3.12 -17.77 12.75
N GLY F 108 2.78 -16.90 11.80
CA GLY F 108 3.16 -15.50 11.89
C GLY F 108 4.60 -15.19 11.59
N ILE F 109 5.22 -16.00 10.74
CA ILE F 109 6.61 -15.82 10.39
C ILE F 109 6.75 -15.02 9.10
N ALA F 110 7.52 -13.93 9.15
CA ALA F 110 7.79 -13.11 7.98
C ALA F 110 8.58 -13.93 6.96
N THR F 111 8.10 -13.97 5.72
CA THR F 111 8.74 -14.80 4.72
C THR F 111 9.35 -13.98 3.58
N TYR F 112 10.52 -14.42 3.12
CA TYR F 112 11.26 -13.73 2.09
C TYR F 112 11.63 -14.69 0.97
N ALA F 113 11.59 -14.20 -0.26
CA ALA F 113 12.00 -14.98 -1.42
C ALA F 113 12.48 -14.07 -2.53
N ASN F 114 13.19 -14.63 -3.49
CA ASN F 114 13.55 -13.92 -4.71
C ASN F 114 12.27 -13.40 -5.38
N ALA F 115 12.31 -12.16 -5.85
CA ALA F 115 11.17 -11.55 -6.52
C ALA F 115 10.68 -12.43 -7.68
N LEU F 116 11.64 -13.03 -8.38
CA LEU F 116 11.31 -13.93 -9.48
C LEU F 116 10.60 -15.18 -8.97
N SER F 117 11.05 -15.68 -7.82
CA SER F 117 10.44 -16.84 -7.17
C SER F 117 8.98 -16.57 -6.84
N ASN F 118 8.71 -15.38 -6.32
CA ASN F 118 7.35 -14.97 -5.98
C ASN F 118 6.46 -14.78 -7.21
N GLN F 119 7.04 -14.29 -8.29
CA GLN F 119 6.31 -14.10 -9.53
C GLN F 119 5.94 -15.44 -10.17
N LEU F 120 6.84 -16.41 -10.02
CA LEU F 120 6.63 -17.75 -10.58
C LEU F 120 5.79 -18.64 -9.68
N ALA F 121 5.72 -18.29 -8.39
CA ALA F 121 5.07 -19.14 -7.39
C ALA F 121 3.64 -19.57 -7.76
N PRO F 122 2.77 -18.63 -8.19
CA PRO F 122 1.42 -19.10 -8.53
C PRO F 122 1.41 -20.07 -9.72
N GLN F 123 2.26 -19.85 -10.71
CA GLN F 123 2.36 -20.74 -11.86
C GLN F 123 2.89 -22.11 -11.45
N GLU F 124 3.71 -22.15 -10.42
CA GLU F 124 4.31 -23.40 -9.95
C GLU F 124 3.44 -24.06 -8.87
N GLY F 125 2.29 -23.47 -8.58
CA GLY F 125 1.39 -23.98 -7.56
C GLY F 125 1.88 -23.77 -6.15
N MET F 126 2.71 -22.75 -5.95
CA MET F 126 3.24 -22.42 -4.64
C MET F 126 2.62 -21.13 -4.10
N VAL F 127 2.61 -20.99 -2.78
CA VAL F 127 2.18 -19.75 -2.13
C VAL F 127 3.37 -18.78 -2.06
N ALA F 128 3.19 -17.57 -2.57
CA ALA F 128 4.26 -16.59 -2.60
C ALA F 128 4.68 -16.14 -1.21
N ALA F 129 5.94 -15.76 -1.08
CA ALA F 129 6.44 -15.19 0.16
C ALA F 129 5.88 -13.79 0.36
N GLN F 130 5.91 -13.30 1.59
CA GLN F 130 5.33 -12.02 1.91
C GLN F 130 6.20 -10.85 1.44
N HIS F 131 7.49 -11.11 1.26
CA HIS F 131 8.42 -10.09 0.81
C HIS F 131 9.29 -10.59 -0.33
N SER F 132 9.76 -9.67 -1.17
CA SER F 132 10.59 -10.04 -2.30
C SER F 132 12.01 -9.52 -2.16
N LEU F 133 12.98 -10.39 -2.43
CA LEU F 133 14.38 -10.02 -2.45
C LEU F 133 14.81 -9.65 -3.86
N THR F 134 15.60 -8.58 -3.99
CA THR F 134 16.20 -8.22 -5.27
C THR F 134 17.71 -8.27 -5.14
N PHE F 135 18.39 -8.40 -6.28
CA PHE F 135 19.83 -8.62 -6.28
C PHE F 135 20.55 -7.68 -7.24
N ALA F 136 21.79 -7.36 -6.90
CA ALA F 136 22.64 -6.55 -7.77
C ALA F 136 23.20 -7.39 -8.90
N ALA F 137 23.95 -6.78 -9.80
CA ALA F 137 24.51 -7.47 -10.95
C ALA F 137 25.57 -8.50 -10.56
N ASN F 138 26.16 -8.33 -9.37
CA ASN F 138 27.19 -9.25 -8.90
C ASN F 138 26.60 -10.39 -8.07
N GLY F 139 25.28 -10.42 -7.97
CA GLY F 139 24.60 -11.54 -7.33
C GLY F 139 24.23 -11.33 -5.88
N TRP F 140 24.81 -10.33 -5.23
CA TRP F 140 24.51 -10.09 -3.82
C TRP F 140 23.17 -9.40 -3.64
N VAL F 141 22.48 -9.78 -2.57
CA VAL F 141 21.15 -9.28 -2.29
C VAL F 141 21.21 -7.78 -1.99
N GLU F 142 20.22 -7.05 -2.45
CA GLU F 142 20.08 -5.65 -2.08
C GLU F 142 19.65 -5.61 -0.62
N PRO F 143 20.53 -5.09 0.25
CA PRO F 143 20.30 -5.13 1.71
C PRO F 143 19.00 -4.48 2.15
N ALA F 144 18.50 -3.50 1.40
CA ALA F 144 17.25 -2.84 1.72
C ALA F 144 16.06 -3.81 1.70
N THR F 145 16.16 -4.82 0.83
CA THR F 145 15.08 -5.78 0.68
C THR F 145 15.22 -6.92 1.68
N ALA F 146 16.38 -6.99 2.35
CA ALA F 146 16.63 -8.00 3.37
C ALA F 146 16.97 -7.37 4.72
N PRO F 147 15.97 -6.74 5.37
CA PRO F 147 16.22 -6.04 6.62
C PRO F 147 16.39 -6.98 7.81
N ASN F 148 17.41 -6.74 8.63
CA ASN F 148 17.62 -7.48 9.86
C ASN F 148 17.79 -8.98 9.64
N PHE F 149 18.61 -9.35 8.64
CA PHE F 149 18.83 -10.75 8.30
C PHE F 149 19.94 -11.39 9.14
N GLY F 150 20.59 -10.59 9.98
CA GLY F 150 21.64 -11.10 10.85
C GLY F 150 22.79 -11.75 10.09
N PRO F 151 23.10 -13.00 10.44
CA PRO F 151 24.21 -13.75 9.82
C PRO F 151 23.88 -14.31 8.43
N LEU F 152 22.63 -14.18 7.99
CA LEU F 152 22.24 -14.69 6.68
C LEU F 152 22.75 -13.80 5.57
N LYS F 153 23.66 -14.34 4.75
CA LYS F 153 24.15 -13.61 3.59
C LYS F 153 23.58 -14.23 2.32
N VAL F 154 22.60 -13.56 1.71
CA VAL F 154 21.89 -14.11 0.56
C VAL F 154 22.58 -13.74 -0.75
N PHE F 155 22.77 -14.75 -1.59
CA PHE F 155 23.47 -14.57 -2.87
C PHE F 155 22.73 -15.26 -4.01
N TYR F 156 22.52 -14.53 -5.11
CA TYR F 156 21.94 -15.10 -6.31
C TYR F 156 23.05 -15.41 -7.32
N PRO F 157 23.33 -16.71 -7.52
CA PRO F 157 24.45 -17.16 -8.34
C PRO F 157 24.19 -17.09 -9.85
N GLY F 158 22.95 -16.81 -10.24
CA GLY F 158 22.57 -16.85 -11.65
C GLY F 158 21.73 -18.08 -11.89
N PRO F 159 21.12 -18.19 -13.08
CA PRO F 159 20.27 -19.33 -13.38
C PRO F 159 21.06 -20.65 -13.39
N GLY F 160 20.51 -21.68 -12.74
CA GLY F 160 21.16 -22.97 -12.67
C GLY F 160 20.14 -24.07 -12.59
N HIS F 161 19.87 -24.53 -11.37
CA HIS F 161 18.80 -25.51 -11.15
C HIS F 161 17.47 -24.93 -11.63
N THR F 162 17.22 -23.67 -11.29
CA THR F 162 16.12 -22.89 -11.85
C THR F 162 16.65 -21.49 -12.16
N SER F 163 15.80 -20.63 -12.71
CA SER F 163 16.20 -19.26 -13.02
C SER F 163 16.19 -18.37 -11.77
N ASP F 164 15.48 -18.82 -10.74
CA ASP F 164 15.27 -18.00 -9.55
C ASP F 164 16.02 -18.50 -8.32
N ASN F 165 16.67 -19.65 -8.44
CA ASN F 165 17.38 -20.27 -7.32
C ASN F 165 18.38 -19.33 -6.63
N ILE F 166 18.29 -19.24 -5.31
CA ILE F 166 19.22 -18.43 -4.56
C ILE F 166 19.95 -19.26 -3.52
N THR F 167 21.02 -18.70 -2.97
CA THR F 167 21.86 -19.39 -2.00
C THR F 167 22.06 -18.53 -0.75
N VAL F 168 22.42 -19.18 0.35
CA VAL F 168 22.56 -18.49 1.63
C VAL F 168 23.83 -18.89 2.38
N GLY F 169 24.61 -17.91 2.80
CA GLY F 169 25.76 -18.15 3.65
C GLY F 169 25.49 -17.75 5.09
N ILE F 170 26.12 -18.43 6.03
CA ILE F 170 25.95 -18.11 7.44
C ILE F 170 27.20 -17.42 7.98
N ASP F 171 27.10 -16.13 8.24
CA ASP F 171 28.23 -15.36 8.72
C ASP F 171 28.62 -15.85 10.11
N GLY F 172 29.92 -15.86 10.40
CA GLY F 172 30.43 -16.35 11.67
C GLY F 172 30.57 -17.86 11.73
N THR F 173 30.21 -18.54 10.65
CA THR F 173 30.33 -20.00 10.57
C THR F 173 31.06 -20.41 9.29
N ASP F 174 31.30 -21.72 9.16
CA ASP F 174 31.95 -22.25 7.96
C ASP F 174 30.91 -22.71 6.93
N ILE F 175 29.64 -22.41 7.19
CA ILE F 175 28.55 -23.03 6.46
C ILE F 175 27.93 -22.14 5.39
N ALA F 176 27.71 -22.73 4.22
CA ALA F 176 26.98 -22.09 3.14
C ALA F 176 25.95 -23.07 2.56
N PHE F 177 24.79 -22.54 2.18
CA PHE F 177 23.70 -23.38 1.69
C PHE F 177 23.47 -23.20 0.20
N GLY F 178 23.63 -24.29 -0.56
CA GLY F 178 23.51 -24.23 -2.01
C GLY F 178 22.16 -24.68 -2.55
N GLY F 179 21.30 -25.18 -1.67
CA GLY F 179 19.98 -25.63 -2.07
C GLY F 179 20.00 -26.76 -3.08
N CYS F 180 19.16 -26.66 -4.11
CA CYS F 180 19.08 -27.68 -5.15
C CYS F 180 20.08 -27.42 -6.28
N LEU F 181 20.74 -26.27 -6.22
CA LEU F 181 21.77 -25.93 -7.21
C LEU F 181 22.97 -26.88 -7.11
N ILE F 182 23.38 -27.15 -5.89
CA ILE F 182 24.58 -27.96 -5.65
C ILE F 182 24.27 -29.42 -5.33
N LYS F 183 24.93 -30.34 -6.02
CA LYS F 183 24.87 -31.76 -5.69
C LYS F 183 26.19 -32.17 -5.02
N ASP F 184 26.20 -33.30 -4.33
CA ASP F 184 27.40 -33.69 -3.61
C ASP F 184 28.51 -34.17 -4.54
N SER F 185 29.71 -34.29 -4.00
CA SER F 185 30.90 -34.56 -4.80
C SER F 185 30.93 -35.96 -5.42
N LYS F 186 30.08 -36.86 -4.95
CA LYS F 186 30.01 -38.20 -5.53
C LYS F 186 28.80 -38.37 -6.43
N ALA F 187 28.03 -37.29 -6.61
CA ALA F 187 26.80 -37.38 -7.39
C ALA F 187 27.11 -37.70 -8.85
N LYS F 188 26.20 -38.46 -9.44
CA LYS F 188 26.30 -38.90 -10.82
C LYS F 188 25.47 -38.05 -11.77
N SER F 189 24.50 -37.30 -11.23
CA SER F 189 23.70 -36.39 -12.05
C SER F 189 23.35 -35.13 -11.26
N LEU F 190 22.79 -34.14 -11.94
CA LEU F 190 22.35 -32.89 -11.30
C LEU F 190 20.87 -32.93 -10.96
N GLY F 191 20.26 -34.11 -11.03
CA GLY F 191 18.87 -34.27 -10.67
C GLY F 191 17.92 -33.69 -11.69
N ASN F 192 16.86 -33.03 -11.20
CA ASN F 192 15.84 -32.44 -12.05
C ASN F 192 16.36 -31.27 -12.88
N LEU F 193 16.44 -31.47 -14.20
CA LEU F 193 16.88 -30.43 -15.11
C LEU F 193 15.72 -29.92 -15.96
N GLY F 194 14.50 -30.17 -15.50
CA GLY F 194 13.30 -29.77 -16.22
C GLY F 194 13.17 -28.27 -16.42
N ASP F 195 13.48 -27.51 -15.38
CA ASP F 195 13.40 -26.05 -15.42
C ASP F 195 14.79 -25.40 -15.37
N ALA F 196 15.81 -26.16 -15.74
CA ALA F 196 17.19 -25.72 -15.56
C ALA F 196 17.72 -24.89 -16.73
N ASP F 197 18.75 -24.10 -16.44
CA ASP F 197 19.49 -23.36 -17.45
C ASP F 197 20.81 -24.09 -17.70
N THR F 198 20.81 -24.97 -18.70
CA THR F 198 21.97 -25.84 -18.95
C THR F 198 23.19 -25.06 -19.45
N GLU F 199 22.96 -23.88 -20.01
CA GLU F 199 24.04 -23.08 -20.55
C GLU F 199 24.77 -22.33 -19.43
N HIS F 200 24.03 -21.92 -18.41
CA HIS F 200 24.59 -21.05 -17.37
C HIS F 200 24.81 -21.76 -16.04
N TYR F 201 24.44 -23.03 -15.97
CA TYR F 201 24.51 -23.80 -14.72
C TYR F 201 25.91 -23.82 -14.10
N ALA F 202 26.91 -24.15 -14.92
CA ALA F 202 28.29 -24.28 -14.45
C ALA F 202 28.82 -22.97 -13.86
N ALA F 203 28.60 -21.87 -14.58
CA ALA F 203 29.06 -20.56 -14.13
C ALA F 203 28.36 -20.16 -12.83
N SER F 204 27.10 -20.54 -12.70
CA SER F 204 26.32 -20.23 -11.51
C SER F 204 26.83 -21.00 -10.29
N ALA F 205 27.18 -22.27 -10.49
CA ALA F 205 27.74 -23.09 -9.43
C ALA F 205 29.08 -22.54 -8.94
N ARG F 206 29.93 -22.13 -9.87
CA ARG F 206 31.24 -21.58 -9.54
C ARG F 206 31.11 -20.21 -8.88
N ALA F 207 30.09 -19.46 -9.28
CA ALA F 207 29.82 -18.15 -8.69
C ALA F 207 29.44 -18.30 -7.22
N PHE F 208 28.70 -19.35 -6.91
CA PHE F 208 28.33 -19.65 -5.53
C PHE F 208 29.58 -19.93 -4.70
N GLY F 209 30.49 -20.71 -5.25
CA GLY F 209 31.74 -21.01 -4.57
C GLY F 209 32.56 -19.75 -4.37
N ALA F 210 32.56 -18.88 -5.38
CA ALA F 210 33.32 -17.64 -5.32
C ALA F 210 32.68 -16.64 -4.36
N ALA F 211 31.36 -16.76 -4.17
CA ALA F 211 30.63 -15.87 -3.29
C ALA F 211 30.95 -16.15 -1.82
N PHE F 212 31.14 -17.42 -1.49
CA PHE F 212 31.45 -17.83 -0.12
C PHE F 212 32.74 -18.65 -0.07
N PRO F 213 33.89 -17.98 -0.26
CA PRO F 213 35.18 -18.65 -0.38
C PRO F 213 35.65 -19.36 0.90
N LYS F 214 35.23 -18.90 2.07
CA LYS F 214 35.75 -19.48 3.31
C LYS F 214 34.90 -20.66 3.74
N ALA F 215 33.71 -20.79 3.16
CA ALA F 215 32.80 -21.85 3.56
C ALA F 215 33.38 -23.23 3.28
N SER F 216 33.63 -23.99 4.33
CA SER F 216 34.20 -25.33 4.21
C SER F 216 33.12 -26.40 4.24
N MET F 217 31.99 -26.09 4.88
CA MET F 217 30.87 -27.01 4.92
C MET F 217 29.75 -26.56 4.01
N ILE F 218 29.52 -27.32 2.94
CA ILE F 218 28.50 -26.98 1.97
C ILE F 218 27.26 -27.85 2.19
N VAL F 219 26.16 -27.20 2.57
CA VAL F 219 24.90 -27.89 2.78
C VAL F 219 24.05 -27.80 1.51
N MET F 220 23.41 -28.91 1.14
CA MET F 220 22.59 -28.93 -0.06
C MET F 220 21.27 -29.62 0.24
N SER F 221 20.37 -29.59 -0.74
CA SER F 221 18.99 -30.05 -0.54
C SER F 221 18.85 -31.56 -0.38
N HIS F 222 19.62 -32.33 -1.14
CA HIS F 222 19.34 -33.75 -1.24
C HIS F 222 20.54 -34.64 -0.92
N SER F 223 21.41 -34.17 -0.05
CA SER F 223 22.53 -34.96 0.43
C SER F 223 23.05 -34.39 1.74
N ALA F 224 23.76 -35.21 2.49
CA ALA F 224 24.40 -34.77 3.72
C ALA F 224 25.42 -33.69 3.40
N PRO F 225 25.70 -32.80 4.38
CA PRO F 225 26.70 -31.74 4.20
C PRO F 225 28.04 -32.25 3.66
N ASP F 226 28.60 -31.53 2.70
CA ASP F 226 29.84 -31.92 2.06
C ASP F 226 30.87 -30.80 2.16
N SER F 227 32.07 -31.03 1.63
CA SER F 227 33.09 -29.99 1.55
C SER F 227 32.86 -29.15 0.30
N ARG F 228 33.82 -28.28 -0.02
CA ARG F 228 33.74 -27.42 -1.21
C ARG F 228 33.79 -28.23 -2.49
N ALA F 229 34.18 -29.49 -2.36
CA ALA F 229 34.28 -30.41 -3.50
C ALA F 229 32.93 -30.60 -4.19
N ALA F 230 31.85 -30.46 -3.43
CA ALA F 230 30.51 -30.57 -3.99
C ALA F 230 30.27 -29.48 -5.03
N ILE F 231 30.77 -28.28 -4.75
CA ILE F 231 30.63 -27.14 -5.65
C ILE F 231 31.37 -27.38 -6.96
N THR F 232 32.62 -27.79 -6.85
CA THR F 232 33.46 -28.01 -8.02
C THR F 232 32.95 -29.18 -8.85
N HIS F 233 32.53 -30.26 -8.18
CA HIS F 233 31.99 -31.43 -8.85
C HIS F 233 30.69 -31.11 -9.59
N THR F 234 29.85 -30.27 -8.97
CA THR F 234 28.61 -29.81 -9.58
C THR F 234 28.93 -29.01 -10.84
N ALA F 235 29.91 -28.12 -10.72
CA ALA F 235 30.33 -27.29 -11.84
C ALA F 235 30.85 -28.13 -13.00
N ARG F 236 31.59 -29.18 -12.68
CA ARG F 236 32.18 -30.04 -13.70
C ARG F 236 31.13 -30.91 -14.37
N MET F 237 30.13 -31.34 -13.60
CA MET F 237 28.99 -32.04 -14.18
C MET F 237 28.22 -31.10 -15.10
N ALA F 238 28.06 -29.85 -14.67
CA ALA F 238 27.31 -28.87 -15.43
C ALA F 238 28.06 -28.44 -16.70
N ASP F 239 29.39 -28.55 -16.67
CA ASP F 239 30.21 -28.21 -17.83
C ASP F 239 29.90 -29.07 -19.04
N LYS F 240 29.47 -30.30 -18.79
CA LYS F 240 29.16 -31.26 -19.85
C LYS F 240 27.74 -31.12 -20.37
N LEU F 241 27.00 -30.16 -19.82
CA LEU F 241 25.63 -29.92 -20.23
C LEU F 241 25.60 -28.94 -21.40
N ARG F 242 26.72 -28.25 -21.59
CA ARG F 242 26.83 -27.26 -22.65
C ARG F 242 27.22 -27.93 -23.96
N ASP G 15 24.59 29.51 -18.38
CA ASP G 15 25.54 29.72 -17.29
C ASP G 15 26.12 31.13 -17.33
N GLN G 16 26.18 31.79 -16.17
CA GLN G 16 26.77 33.13 -16.09
C GLN G 16 28.06 33.11 -15.27
N ARG G 17 29.12 33.67 -15.85
CA ARG G 17 30.43 33.68 -15.21
C ARG G 17 30.77 35.01 -14.56
N PHE G 18 31.12 34.97 -13.28
CA PHE G 18 31.61 36.15 -12.57
C PHE G 18 32.93 35.81 -11.88
N GLY G 19 34.04 36.30 -12.42
CA GLY G 19 35.35 35.93 -11.90
C GLY G 19 35.67 34.47 -12.13
N ASP G 20 35.99 33.76 -11.04
CA ASP G 20 36.31 32.34 -11.11
C ASP G 20 35.09 31.47 -10.82
N LEU G 21 33.91 32.08 -10.79
CA LEU G 21 32.69 31.34 -10.48
C LEU G 21 31.67 31.31 -11.60
N VAL G 22 30.85 30.26 -11.59
CA VAL G 22 29.80 30.05 -12.58
C VAL G 22 28.44 29.99 -11.86
N PHE G 23 27.46 30.68 -12.41
CA PHE G 23 26.12 30.69 -11.80
C PHE G 23 25.06 30.16 -12.77
N ARG G 24 24.19 29.29 -12.27
CA ARG G 24 23.11 28.73 -13.08
C ARG G 24 21.77 28.91 -12.38
N GLN G 25 20.83 29.53 -13.06
CA GLN G 25 19.48 29.71 -12.52
C GLN G 25 18.67 28.43 -12.63
N LEU G 26 18.11 27.99 -11.51
CA LEU G 26 17.32 26.76 -11.45
C LEU G 26 15.84 27.06 -11.30
N ALA G 27 15.55 28.24 -10.77
CA ALA G 27 14.18 28.65 -10.48
C ALA G 27 14.10 30.16 -10.43
N PRO G 28 12.89 30.74 -10.54
CA PRO G 28 12.72 32.19 -10.49
C PRO G 28 13.44 32.89 -9.33
N ASN G 29 13.59 32.20 -8.20
CA ASN G 29 14.28 32.80 -7.06
C ASN G 29 15.45 31.97 -6.53
N VAL G 30 15.92 31.01 -7.33
CA VAL G 30 17.02 30.16 -6.88
C VAL G 30 18.13 30.04 -7.93
N TRP G 31 19.37 30.29 -7.50
CA TRP G 31 20.53 30.12 -8.36
C TRP G 31 21.51 29.13 -7.74
N GLN G 32 22.25 28.42 -8.59
CA GLN G 32 23.34 27.57 -8.13
C GLN G 32 24.70 28.22 -8.40
N HIS G 33 25.52 28.35 -7.36
CA HIS G 33 26.87 28.87 -7.54
C HIS G 33 27.91 27.75 -7.53
N THR G 34 28.89 27.85 -8.42
CA THR G 34 29.90 26.80 -8.56
C THR G 34 31.31 27.38 -8.52
N SER G 35 32.14 26.84 -7.64
CA SER G 35 33.54 27.25 -7.55
C SER G 35 34.49 26.06 -7.69
N TYR G 36 35.75 26.34 -8.01
CA TYR G 36 36.73 25.29 -8.26
C TYR G 36 37.99 25.47 -7.41
N LEU G 37 38.53 24.38 -6.91
CA LEU G 37 39.84 24.41 -6.27
C LEU G 37 40.67 23.29 -6.85
N ASP G 38 41.76 23.66 -7.51
CA ASP G 38 42.66 22.67 -8.08
C ASP G 38 43.64 22.20 -7.01
N MET G 39 43.60 20.90 -6.72
CA MET G 39 44.43 20.31 -5.67
C MET G 39 45.52 19.45 -6.30
N PRO G 40 46.73 19.47 -5.72
CA PRO G 40 47.89 18.76 -6.27
C PRO G 40 47.63 17.28 -6.50
N GLY G 41 47.59 16.88 -7.78
CA GLY G 41 47.42 15.48 -8.12
C GLY G 41 46.02 15.03 -8.44
N PHE G 42 45.02 15.92 -8.36
CA PHE G 42 43.65 15.49 -8.64
C PHE G 42 42.96 16.29 -9.74
N GLY G 43 43.47 17.49 -10.02
CA GLY G 43 42.86 18.36 -11.01
C GLY G 43 41.69 19.18 -10.49
N ALA G 44 40.80 19.60 -11.39
CA ALA G 44 39.71 20.52 -11.03
C ALA G 44 38.56 19.85 -10.31
N VAL G 45 38.26 20.32 -9.10
CA VAL G 45 37.10 19.84 -8.36
C VAL G 45 36.05 20.95 -8.22
N ALA G 46 34.84 20.67 -8.70
CA ALA G 46 33.75 21.63 -8.64
C ALA G 46 33.02 21.50 -7.30
N SER G 47 32.47 22.62 -6.82
CA SER G 47 31.65 22.61 -5.61
C SER G 47 30.46 23.53 -5.77
N ASN G 48 29.27 23.01 -5.48
CA ASN G 48 28.03 23.76 -5.66
C ASN G 48 27.39 24.22 -4.36
N GLY G 49 26.76 25.39 -4.43
CA GLY G 49 25.92 25.88 -3.35
C GLY G 49 24.70 26.55 -3.94
N LEU G 50 23.85 27.10 -3.10
CA LEU G 50 22.61 27.71 -3.57
C LEU G 50 22.51 29.19 -3.20
N ILE G 51 21.86 29.95 -4.07
CA ILE G 51 21.52 31.33 -3.79
C ILE G 51 20.01 31.50 -3.91
N VAL G 52 19.39 32.04 -2.87
CA VAL G 52 17.93 32.15 -2.83
C VAL G 52 17.44 33.58 -2.60
N ARG G 53 16.60 34.06 -3.52
CA ARG G 53 15.97 35.36 -3.36
C ARG G 53 14.69 35.23 -2.56
N ASP G 54 14.64 35.91 -1.42
CA ASP G 54 13.49 35.84 -0.52
C ASP G 54 12.90 37.21 -0.25
N GLY G 55 11.92 37.60 -1.08
CA GLY G 55 11.31 38.91 -0.96
C GLY G 55 12.32 39.99 -1.29
N GLY G 56 12.67 40.79 -0.29
CA GLY G 56 13.60 41.88 -0.46
C GLY G 56 14.99 41.57 0.07
N ARG G 57 15.31 40.29 0.18
CA ARG G 57 16.62 39.88 0.71
C ARG G 57 17.10 38.59 0.04
N VAL G 58 18.39 38.30 0.19
CA VAL G 58 19.00 37.12 -0.41
C VAL G 58 19.54 36.16 0.65
N LEU G 59 19.31 34.86 0.42
CA LEU G 59 19.81 33.82 1.31
C LEU G 59 20.86 32.95 0.59
N VAL G 60 21.91 32.57 1.30
CA VAL G 60 23.01 31.80 0.71
C VAL G 60 23.21 30.45 1.40
N VAL G 61 23.36 29.39 0.61
CA VAL G 61 23.68 28.08 1.17
C VAL G 61 25.09 27.67 0.75
N ASP G 62 25.96 27.51 1.75
CA ASP G 62 27.36 27.13 1.59
C ASP G 62 28.21 28.21 0.93
N THR G 63 29.46 28.29 1.35
CA THR G 63 30.42 29.20 0.75
C THR G 63 31.13 28.54 -0.42
N ALA G 64 32.09 29.25 -1.01
CA ALA G 64 32.96 28.66 -2.01
C ALA G 64 34.19 28.07 -1.30
N TRP G 65 35.15 27.59 -2.07
CA TRP G 65 36.37 27.00 -1.50
C TRP G 65 37.17 28.01 -0.68
N THR G 66 37.23 29.25 -1.15
CA THR G 66 38.06 30.27 -0.52
C THR G 66 37.30 31.55 -0.22
N ASP G 67 37.95 32.45 0.53
CA ASP G 67 37.38 33.76 0.83
C ASP G 67 37.21 34.59 -0.44
N ASP G 68 38.22 34.58 -1.30
CA ASP G 68 38.17 35.35 -2.54
C ASP G 68 37.02 34.90 -3.43
N GLN G 69 36.86 33.59 -3.56
CA GLN G 69 35.77 33.05 -4.38
C GLN G 69 34.41 33.37 -3.78
N THR G 70 34.32 33.33 -2.46
CA THR G 70 33.09 33.65 -1.75
C THR G 70 32.74 35.13 -1.91
N ALA G 71 33.77 35.97 -1.91
CA ALA G 71 33.58 37.39 -2.13
C ALA G 71 33.02 37.62 -3.53
N GLN G 72 33.43 36.77 -4.47
CA GLN G 72 32.95 36.88 -5.85
C GLN G 72 31.47 36.52 -5.94
N ILE G 73 31.02 35.60 -5.08
CA ILE G 73 29.61 35.28 -5.00
C ILE G 73 28.79 36.50 -4.59
N LEU G 74 29.26 37.18 -3.55
CA LEU G 74 28.55 38.34 -3.02
C LEU G 74 28.46 39.48 -4.03
N ASN G 75 29.54 39.69 -4.78
CA ASN G 75 29.56 40.73 -5.80
C ASN G 75 28.66 40.42 -6.98
N TRP G 76 28.61 39.14 -7.36
CA TRP G 76 27.71 38.72 -8.42
C TRP G 76 26.27 38.93 -7.99
N ILE G 77 25.97 38.55 -6.76
CA ILE G 77 24.64 38.75 -6.18
C ILE G 77 24.26 40.22 -6.19
N LYS G 78 25.20 41.06 -5.76
CA LYS G 78 24.98 42.49 -5.63
C LYS G 78 24.74 43.11 -7.02
N GLN G 79 25.42 42.58 -8.03
CA GLN G 79 25.30 43.09 -9.40
C GLN G 79 24.02 42.57 -10.08
N GLU G 80 23.73 41.28 -9.93
CA GLU G 80 22.66 40.63 -10.69
C GLU G 80 21.30 40.67 -9.99
N ILE G 81 21.31 40.77 -8.67
CA ILE G 81 20.07 40.74 -7.88
C ILE G 81 19.87 42.07 -7.17
N ASN G 82 20.98 42.65 -6.70
CA ASN G 82 20.98 43.93 -6.00
C ASN G 82 20.06 43.95 -4.78
N LEU G 83 20.15 42.91 -3.96
CA LEU G 83 19.44 42.83 -2.70
C LEU G 83 20.42 42.39 -1.61
N PRO G 84 20.23 42.89 -0.38
CA PRO G 84 21.14 42.55 0.72
C PRO G 84 21.07 41.09 1.10
N VAL G 85 22.23 40.47 1.33
CA VAL G 85 22.28 39.10 1.80
C VAL G 85 22.03 39.05 3.30
N ALA G 86 20.88 38.50 3.70
CA ALA G 86 20.48 38.51 5.09
C ALA G 86 21.23 37.47 5.92
N LEU G 87 21.36 36.27 5.37
CA LEU G 87 22.02 35.19 6.10
C LEU G 87 22.58 34.12 5.17
N ALA G 88 23.45 33.28 5.73
CA ALA G 88 24.01 32.15 5.01
C ALA G 88 24.01 30.91 5.89
N VAL G 89 23.77 29.76 5.27
CA VAL G 89 23.81 28.49 5.97
C VAL G 89 24.88 27.58 5.35
N VAL G 90 25.76 27.04 6.17
CA VAL G 90 26.79 26.13 5.68
C VAL G 90 26.49 24.71 6.16
N THR G 91 26.76 23.72 5.31
CA THR G 91 26.21 22.39 5.53
C THR G 91 27.10 21.44 6.35
N HIS G 92 28.41 21.64 6.33
CA HIS G 92 29.31 20.94 7.25
C HIS G 92 30.72 21.52 7.27
N ALA G 93 31.54 21.04 8.19
CA ALA G 93 32.85 21.64 8.45
C ALA G 93 33.96 21.07 7.56
N HIS G 94 33.81 21.24 6.26
CA HIS G 94 34.88 20.95 5.32
C HIS G 94 35.10 22.19 4.47
N GLN G 95 36.22 22.26 3.75
CA GLN G 95 36.61 23.49 3.07
C GLN G 95 35.64 23.93 1.98
N ASP G 96 35.09 22.98 1.23
CA ASP G 96 34.25 23.33 0.10
C ASP G 96 32.92 23.93 0.54
N LYS G 97 32.59 23.80 1.83
CA LYS G 97 31.34 24.34 2.36
C LYS G 97 31.57 25.53 3.30
N MET G 98 32.69 25.53 4.01
CA MET G 98 32.94 26.58 5.00
C MET G 98 34.24 27.35 4.75
N GLY G 99 34.88 27.12 3.62
CA GLY G 99 36.16 27.76 3.33
C GLY G 99 36.14 29.27 3.25
N GLY G 100 34.98 29.84 2.96
CA GLY G 100 34.89 31.28 2.78
C GLY G 100 34.08 31.99 3.85
N MET G 101 34.10 31.45 5.06
CA MET G 101 33.34 32.03 6.17
C MET G 101 33.78 33.47 6.46
N ASP G 102 35.09 33.72 6.32
CA ASP G 102 35.64 35.03 6.59
C ASP G 102 35.06 36.09 5.68
N ALA G 103 34.84 35.74 4.41
CA ALA G 103 34.27 36.66 3.44
C ALA G 103 32.85 37.08 3.81
N LEU G 104 32.08 36.12 4.34
CA LEU G 104 30.71 36.41 4.74
C LEU G 104 30.65 37.37 5.92
N HIS G 105 31.51 37.13 6.91
CA HIS G 105 31.53 37.95 8.11
C HIS G 105 32.06 39.35 7.80
N ALA G 106 33.01 39.44 6.87
CA ALA G 106 33.54 40.74 6.45
C ALA G 106 32.45 41.55 5.76
N ALA G 107 31.51 40.87 5.12
CA ALA G 107 30.42 41.53 4.42
C ALA G 107 29.23 41.77 5.33
N GLY G 108 29.37 41.37 6.59
CA GLY G 108 28.33 41.59 7.57
C GLY G 108 27.14 40.67 7.44
N ILE G 109 27.39 39.46 6.94
CA ILE G 109 26.33 38.49 6.75
C ILE G 109 26.24 37.53 7.94
N ALA G 110 25.06 37.43 8.53
CA ALA G 110 24.82 36.52 9.64
C ALA G 110 24.94 35.08 9.14
N THR G 111 25.75 34.28 9.82
CA THR G 111 26.02 32.93 9.37
C THR G 111 25.50 31.89 10.36
N TYR G 112 24.96 30.80 9.82
CA TYR G 112 24.37 29.74 10.64
C TYR G 112 24.93 28.37 10.25
N ALA G 113 25.13 27.52 11.24
CA ALA G 113 25.59 26.15 11.01
C ALA G 113 25.11 25.20 12.10
N ASN G 114 25.18 23.90 11.82
CA ASN G 114 24.97 22.89 12.84
C ASN G 114 25.92 23.15 14.00
N ALA G 115 25.42 23.03 15.23
CA ALA G 115 26.22 23.24 16.43
C ALA G 115 27.48 22.38 16.41
N LEU G 116 27.33 21.15 15.92
CA LEU G 116 28.45 20.22 15.81
C LEU G 116 29.49 20.70 14.80
N SER G 117 29.02 21.29 13.69
CA SER G 117 29.91 21.82 12.66
C SER G 117 30.81 22.92 13.23
N ASN G 118 30.21 23.79 14.03
CA ASN G 118 30.95 24.88 14.66
C ASN G 118 31.94 24.35 15.70
N GLN G 119 31.57 23.27 16.38
CA GLN G 119 32.43 22.65 17.37
C GLN G 119 33.64 22.00 16.72
N LEU G 120 33.43 21.44 15.53
CA LEU G 120 34.50 20.77 14.79
C LEU G 120 35.36 21.74 13.98
N ALA G 121 34.79 22.90 13.68
CA ALA G 121 35.41 23.86 12.76
C ALA G 121 36.88 24.21 13.08
N PRO G 122 37.19 24.56 14.34
CA PRO G 122 38.60 24.90 14.59
C PRO G 122 39.54 23.71 14.39
N GLN G 123 39.08 22.52 14.75
CA GLN G 123 39.86 21.31 14.57
C GLN G 123 40.08 21.03 13.08
N GLU G 124 39.11 21.46 12.27
CA GLU G 124 39.15 21.24 10.83
C GLU G 124 39.84 22.39 10.11
N GLY G 125 40.31 23.37 10.89
CA GLY G 125 40.96 24.54 10.31
C GLY G 125 39.99 25.48 9.63
N MET G 126 38.73 25.42 10.06
CA MET G 126 37.68 26.28 9.52
C MET G 126 37.26 27.34 10.52
N VAL G 127 36.74 28.45 10.02
CA VAL G 127 36.17 29.48 10.87
C VAL G 127 34.72 29.12 11.19
N ALA G 128 34.39 29.09 12.48
CA ALA G 128 33.04 28.70 12.91
C ALA G 128 32.02 29.75 12.50
N ALA G 129 30.77 29.31 12.32
CA ALA G 129 29.67 30.24 12.04
C ALA G 129 29.34 31.05 13.28
N GLN G 130 28.65 32.17 13.09
CA GLN G 130 28.34 33.07 14.19
C GLN G 130 27.21 32.53 15.07
N HIS G 131 26.38 31.69 14.48
CA HIS G 131 25.26 31.11 15.21
C HIS G 131 25.17 29.60 15.00
N SER G 132 24.60 28.90 15.97
CA SER G 132 24.52 27.45 15.92
C SER G 132 23.09 26.96 15.75
N LEU G 133 22.90 26.04 14.82
CA LEU G 133 21.61 25.38 14.65
C LEU G 133 21.59 24.08 15.45
N THR G 134 20.49 23.83 16.14
CA THR G 134 20.28 22.56 16.82
C THR G 134 19.04 21.86 16.27
N PHE G 135 18.97 20.55 16.46
CA PHE G 135 17.93 19.74 15.81
C PHE G 135 17.22 18.81 16.77
N ALA G 136 15.95 18.51 16.46
CA ALA G 136 15.18 17.54 17.24
C ALA G 136 15.58 16.12 16.89
N ALA G 137 14.99 15.15 17.57
CA ALA G 137 15.31 13.74 17.35
C ALA G 137 14.86 13.29 15.96
N ASN G 138 13.91 14.01 15.38
CA ASN G 138 13.40 13.64 14.05
C ASN G 138 14.17 14.32 12.93
N GLY G 139 15.20 15.07 13.30
CA GLY G 139 16.10 15.67 12.32
C GLY G 139 15.80 17.12 11.96
N TRP G 140 14.63 17.60 12.31
CA TRP G 140 14.25 18.97 11.98
C TRP G 140 14.88 19.99 12.92
N VAL G 141 15.23 21.14 12.35
CA VAL G 141 15.90 22.20 13.09
C VAL G 141 15.00 22.77 14.18
N GLU G 142 15.60 23.09 15.32
CA GLU G 142 14.90 23.81 16.36
C GLU G 142 14.70 25.27 15.94
N PRO G 143 13.45 25.68 15.71
CA PRO G 143 13.11 26.99 15.13
C PRO G 143 13.66 28.19 15.91
N ALA G 144 13.85 28.05 17.21
CA ALA G 144 14.42 29.13 18.02
C ALA G 144 15.84 29.45 17.59
N THR G 145 16.55 28.43 17.12
CA THR G 145 17.95 28.59 16.74
C THR G 145 18.09 29.03 15.28
N ALA G 146 16.98 29.01 14.54
CA ALA G 146 16.98 29.45 13.15
C ALA G 146 16.03 30.61 12.91
N PRO G 147 16.36 31.80 13.43
CA PRO G 147 15.46 32.95 13.32
C PRO G 147 15.41 33.59 11.91
N ASN G 148 14.17 33.75 11.43
CA ASN G 148 13.73 34.38 10.18
C ASN G 148 14.48 33.78 8.99
N PHE G 149 14.44 32.45 8.87
CA PHE G 149 15.09 31.73 7.79
C PHE G 149 14.25 31.70 6.52
N GLY G 150 13.05 32.26 6.61
CA GLY G 150 12.14 32.32 5.47
C GLY G 150 11.79 30.97 4.89
N PRO G 151 12.02 30.77 3.59
CA PRO G 151 11.71 29.54 2.88
C PRO G 151 12.70 28.40 3.16
N LEU G 152 13.78 28.69 3.87
CA LEU G 152 14.78 27.68 4.17
C LEU G 152 14.32 26.72 5.28
N LYS G 153 14.12 25.45 4.92
CA LYS G 153 13.82 24.41 5.89
C LYS G 153 15.01 23.47 6.08
N VAL G 154 15.69 23.63 7.21
CA VAL G 154 16.92 22.89 7.49
C VAL G 154 16.65 21.54 8.17
N PHE G 155 17.27 20.48 7.66
CA PHE G 155 17.06 19.14 8.16
C PHE G 155 18.39 18.39 8.37
N TYR G 156 18.55 17.79 9.54
CA TYR G 156 19.71 16.95 9.83
C TYR G 156 19.36 15.47 9.73
N PRO G 157 19.83 14.81 8.65
CA PRO G 157 19.47 13.43 8.30
C PRO G 157 20.17 12.37 9.12
N GLY G 158 21.14 12.78 9.95
CA GLY G 158 21.97 11.85 10.68
C GLY G 158 23.35 11.80 10.05
N PRO G 159 24.30 11.13 10.72
CA PRO G 159 25.67 11.05 10.21
C PRO G 159 25.75 10.30 8.89
N GLY G 160 26.50 10.85 7.94
CA GLY G 160 26.65 10.24 6.63
C GLY G 160 28.00 10.56 6.04
N HIS G 161 28.05 11.58 5.19
CA HIS G 161 29.33 12.07 4.68
C HIS G 161 30.20 12.51 5.85
N THR G 162 29.59 13.21 6.80
CA THR G 162 30.24 13.50 8.08
C THR G 162 29.23 13.28 9.19
N SER G 163 29.64 13.51 10.43
CA SER G 163 28.70 13.38 11.53
C SER G 163 27.84 14.64 11.61
N ASP G 164 28.27 15.71 10.96
CA ASP G 164 27.56 16.98 11.08
C ASP G 164 26.81 17.48 9.83
N ASN G 165 26.90 16.80 8.69
CA ASN G 165 26.17 17.28 7.50
C ASN G 165 24.71 17.55 7.73
N ILE G 166 24.29 18.71 7.25
CA ILE G 166 22.90 19.07 7.28
C ILE G 166 22.44 19.30 5.85
N THR G 167 21.13 19.35 5.67
CA THR G 167 20.52 19.53 4.37
C THR G 167 19.53 20.67 4.48
N VAL G 168 19.17 21.25 3.33
CA VAL G 168 18.33 22.44 3.32
C VAL G 168 17.19 22.32 2.31
N GLY G 169 15.97 22.62 2.77
CA GLY G 169 14.85 22.66 1.85
C GLY G 169 14.44 24.09 1.52
N ILE G 170 14.00 24.28 0.29
CA ILE G 170 13.55 25.59 -0.18
C ILE G 170 12.04 25.60 -0.36
N ASP G 171 11.34 26.28 0.55
CA ASP G 171 9.87 26.34 0.48
C ASP G 171 9.34 27.11 -0.72
N GLY G 172 8.22 26.64 -1.23
CA GLY G 172 7.60 27.27 -2.38
C GLY G 172 8.27 26.83 -3.66
N THR G 173 9.27 25.96 -3.54
CA THR G 173 9.97 25.48 -4.71
C THR G 173 10.08 23.96 -4.81
N ASP G 174 10.70 23.56 -5.90
CA ASP G 174 10.99 22.19 -6.25
C ASP G 174 12.33 21.66 -5.76
N ILE G 175 13.06 22.48 -5.00
CA ILE G 175 14.47 22.21 -4.74
C ILE G 175 14.81 21.70 -3.35
N ALA G 176 15.66 20.68 -3.31
CA ALA G 176 16.26 20.23 -2.06
C ALA G 176 17.76 20.09 -2.25
N PHE G 177 18.51 20.51 -1.24
CA PHE G 177 19.96 20.51 -1.32
C PHE G 177 20.57 19.48 -0.38
N GLY G 178 21.28 18.51 -0.94
CA GLY G 178 21.83 17.42 -0.16
C GLY G 178 23.30 17.62 0.20
N GLY G 179 23.90 18.67 -0.36
CA GLY G 179 25.31 18.94 -0.09
C GLY G 179 26.21 17.82 -0.56
N CYS G 180 27.17 17.45 0.28
CA CYS G 180 28.13 16.39 -0.06
C CYS G 180 27.59 15.02 0.31
N LEU G 181 26.48 14.97 1.02
CA LEU G 181 25.84 13.71 1.39
C LEU G 181 25.26 12.96 0.19
N ILE G 182 24.59 13.70 -0.70
CA ILE G 182 23.89 13.12 -1.83
C ILE G 182 24.66 13.23 -3.16
N LYS G 183 24.78 12.11 -3.86
CA LYS G 183 25.32 12.09 -5.22
C LYS G 183 24.20 11.89 -6.23
N ASP G 184 24.46 12.21 -7.49
CA ASP G 184 23.42 12.11 -8.52
C ASP G 184 23.14 10.65 -8.85
N SER G 185 22.05 10.41 -9.57
CA SER G 185 21.59 9.05 -9.84
C SER G 185 22.53 8.28 -10.76
N LYS G 186 23.45 8.99 -11.40
CA LYS G 186 24.41 8.37 -12.32
C LYS G 186 25.81 8.24 -11.73
N ALA G 187 25.99 8.69 -10.50
CA ALA G 187 27.30 8.65 -9.86
C ALA G 187 27.75 7.22 -9.60
N LYS G 188 29.06 6.96 -9.63
CA LYS G 188 29.53 5.62 -9.29
C LYS G 188 30.19 5.61 -7.88
N SER G 189 30.38 6.78 -7.26
CA SER G 189 30.91 6.76 -5.89
C SER G 189 30.27 7.78 -4.97
N LEU G 190 30.51 7.64 -3.67
CA LEU G 190 30.02 8.59 -2.67
C LEU G 190 31.10 9.60 -2.34
N GLY G 191 32.18 9.56 -3.12
CA GLY G 191 33.28 10.48 -2.94
C GLY G 191 34.11 10.21 -1.70
N ASN G 192 34.50 11.27 -1.01
CA ASN G 192 35.32 11.18 0.19
C ASN G 192 34.61 10.54 1.37
N LEU G 193 35.07 9.36 1.78
CA LEU G 193 34.48 8.67 2.93
C LEU G 193 35.42 8.68 4.14
N GLY G 194 36.38 9.61 4.13
CA GLY G 194 37.36 9.70 5.21
C GLY G 194 36.78 9.99 6.58
N ASP G 195 35.81 10.90 6.63
CA ASP G 195 35.17 11.27 7.89
C ASP G 195 33.73 10.76 7.92
N ALA G 196 33.44 9.76 7.10
CA ALA G 196 32.06 9.31 6.90
C ALA G 196 31.61 8.26 7.91
N ASP G 197 30.30 8.18 8.11
CA ASP G 197 29.67 7.15 8.91
C ASP G 197 29.03 6.11 7.99
N THR G 198 29.78 5.05 7.67
CA THR G 198 29.34 4.05 6.70
C THR G 198 28.15 3.24 7.20
N GLU G 199 27.95 3.22 8.51
CA GLU G 199 26.87 2.45 9.12
C GLU G 199 25.51 3.13 8.99
N HIS G 200 25.51 4.46 9.11
CA HIS G 200 24.25 5.20 9.14
C HIS G 200 24.01 6.00 7.87
N TYR G 201 24.96 5.93 6.93
CA TYR G 201 24.90 6.70 5.68
C TYR G 201 23.61 6.45 4.90
N ALA G 202 23.26 5.18 4.71
CA ALA G 202 22.09 4.81 3.92
C ALA G 202 20.81 5.39 4.53
N ALA G 203 20.64 5.23 5.84
CA ALA G 203 19.47 5.75 6.52
C ALA G 203 19.45 7.26 6.45
N SER G 204 20.62 7.88 6.51
CA SER G 204 20.72 9.33 6.44
C SER G 204 20.30 9.82 5.06
N ALA G 205 20.71 9.10 4.02
CA ALA G 205 20.32 9.45 2.67
C ALA G 205 18.81 9.35 2.51
N ARG G 206 18.24 8.26 3.03
CA ARG G 206 16.80 8.04 2.94
C ARG G 206 16.03 9.00 3.82
N ALA G 207 16.60 9.39 4.95
CA ALA G 207 15.97 10.37 5.82
C ALA G 207 15.87 11.71 5.11
N PHE G 208 16.89 12.03 4.31
CA PHE G 208 16.89 13.25 3.52
C PHE G 208 15.74 13.21 2.50
N GLY G 209 15.58 12.07 1.86
CA GLY G 209 14.51 11.89 0.89
C GLY G 209 13.12 11.99 1.50
N ALA G 210 12.95 11.43 2.68
CA ALA G 210 11.66 11.43 3.36
C ALA G 210 11.31 12.81 3.93
N ALA G 211 12.34 13.60 4.22
CA ALA G 211 12.16 14.93 4.79
C ALA G 211 11.55 15.92 3.79
N PHE G 212 11.91 15.79 2.52
CA PHE G 212 11.39 16.70 1.51
C PHE G 212 10.68 15.96 0.37
N PRO G 213 9.48 15.41 0.67
CA PRO G 213 8.75 14.56 -0.27
C PRO G 213 8.27 15.33 -1.51
N LYS G 214 8.11 16.64 -1.38
CA LYS G 214 7.55 17.48 -2.44
C LYS G 214 8.64 18.03 -3.37
N ALA G 215 9.89 17.99 -2.90
CA ALA G 215 11.04 18.47 -3.66
C ALA G 215 11.31 17.64 -4.92
N SER G 216 11.23 18.28 -6.08
CA SER G 216 11.46 17.57 -7.34
C SER G 216 12.89 17.70 -7.88
N MET G 217 13.55 18.80 -7.52
CA MET G 217 14.92 19.07 -7.97
C MET G 217 15.92 18.89 -6.83
N ILE G 218 16.80 17.89 -6.95
CA ILE G 218 17.81 17.67 -5.93
C ILE G 218 19.16 18.26 -6.35
N VAL G 219 19.58 19.30 -5.64
CA VAL G 219 20.86 19.95 -5.89
C VAL G 219 21.92 19.41 -4.95
N MET G 220 23.11 19.15 -5.47
CA MET G 220 24.19 18.60 -4.65
C MET G 220 25.53 19.29 -4.92
N SER G 221 26.53 18.91 -4.14
CA SER G 221 27.81 19.60 -4.14
C SER G 221 28.64 19.43 -5.41
N HIS G 222 28.64 18.24 -6.00
CA HIS G 222 29.60 17.96 -7.07
C HIS G 222 28.99 17.44 -8.37
N SER G 223 27.73 17.81 -8.64
CA SER G 223 27.10 17.50 -9.91
C SER G 223 25.89 18.41 -10.12
N ALA G 224 25.44 18.50 -11.38
CA ALA G 224 24.26 19.29 -11.71
C ALA G 224 23.02 18.77 -10.99
N PRO G 225 22.04 19.65 -10.75
CA PRO G 225 20.77 19.29 -10.10
C PRO G 225 20.08 18.10 -10.75
N ASP G 226 19.57 17.18 -9.93
CA ASP G 226 18.94 15.96 -10.40
C ASP G 226 17.52 15.85 -9.83
N SER G 227 16.80 14.80 -10.21
CA SER G 227 15.49 14.53 -9.64
C SER G 227 15.63 13.79 -8.30
N ARG G 228 14.50 13.32 -7.77
CA ARG G 228 14.49 12.61 -6.49
C ARG G 228 15.25 11.29 -6.58
N ALA G 229 15.53 10.87 -7.81
CA ALA G 229 16.29 9.65 -8.08
C ALA G 229 17.70 9.69 -7.52
N ALA G 230 18.26 10.89 -7.42
CA ALA G 230 19.60 11.07 -6.87
C ALA G 230 19.66 10.59 -5.43
N ILE G 231 18.60 10.84 -4.68
CA ILE G 231 18.49 10.43 -3.29
C ILE G 231 18.50 8.93 -3.16
N THR G 232 17.66 8.26 -3.96
CA THR G 232 17.53 6.81 -3.92
C THR G 232 18.83 6.11 -4.30
N HIS G 233 19.46 6.61 -5.36
CA HIS G 233 20.70 6.07 -5.87
C HIS G 233 21.79 6.25 -4.81
N THR G 234 21.75 7.36 -4.09
CA THR G 234 22.66 7.61 -2.98
C THR G 234 22.46 6.57 -1.87
N ALA G 235 21.21 6.32 -1.49
CA ALA G 235 20.90 5.36 -0.43
C ALA G 235 21.34 3.93 -0.78
N ARG G 236 21.15 3.55 -2.03
CA ARG G 236 21.44 2.19 -2.46
C ARG G 236 22.92 1.91 -2.55
N MET G 237 23.67 2.95 -2.92
CA MET G 237 25.13 2.87 -2.89
C MET G 237 25.66 2.70 -1.48
N ALA G 238 25.06 3.48 -0.61
CA ALA G 238 25.40 3.51 0.80
C ALA G 238 24.96 2.21 1.46
N ASP G 239 23.96 1.57 0.88
CA ASP G 239 23.48 0.28 1.37
C ASP G 239 24.58 -0.77 1.32
N LYS G 240 25.51 -0.63 0.38
CA LYS G 240 26.59 -1.60 0.21
C LYS G 240 27.77 -1.32 1.15
N LEU G 241 27.65 -0.29 1.98
CA LEU G 241 28.72 0.04 2.92
C LEU G 241 28.57 -0.71 4.25
N ARG G 242 27.37 -1.21 4.52
CA ARG G 242 27.12 -1.91 5.79
C ARG G 242 27.47 -3.39 5.68
N ASP H 15 -14.54 -11.38 -14.24
CA ASP H 15 -15.67 -12.15 -14.74
C ASP H 15 -15.73 -12.10 -16.26
N GLN H 16 -15.96 -13.24 -16.89
CA GLN H 16 -16.15 -13.29 -18.33
C GLN H 16 -17.57 -13.71 -18.67
N ARG H 17 -18.23 -12.90 -19.51
CA ARG H 17 -19.61 -13.16 -19.88
C ARG H 17 -19.64 -13.85 -21.23
N PHE H 18 -20.28 -15.01 -21.28
CA PHE H 18 -20.41 -15.77 -22.52
C PHE H 18 -21.88 -16.09 -22.75
N GLY H 19 -22.49 -15.39 -23.70
CA GLY H 19 -23.93 -15.48 -23.89
C GLY H 19 -24.64 -14.90 -22.67
N ASP H 20 -25.52 -15.69 -22.07
CA ASP H 20 -26.20 -15.27 -20.84
C ASP H 20 -25.52 -15.88 -19.62
N LEU H 21 -24.30 -16.39 -19.83
CA LEU H 21 -23.58 -17.04 -18.76
C LEU H 21 -22.35 -16.26 -18.36
N VAL H 22 -21.95 -16.40 -17.10
CA VAL H 22 -20.77 -15.71 -16.59
C VAL H 22 -19.76 -16.73 -16.05
N PHE H 23 -18.50 -16.54 -16.41
CA PHE H 23 -17.44 -17.43 -15.94
C PHE H 23 -16.40 -16.63 -15.17
N ARG H 24 -16.01 -17.14 -14.01
CA ARG H 24 -14.99 -16.49 -13.19
C ARG H 24 -13.90 -17.47 -12.83
N GLN H 25 -12.66 -17.11 -13.14
CA GLN H 25 -11.53 -17.96 -12.77
C GLN H 25 -11.22 -17.76 -11.28
N LEU H 26 -11.16 -18.86 -10.54
CA LEU H 26 -10.96 -18.82 -9.10
C LEU H 26 -9.54 -19.25 -8.74
N ALA H 27 -8.93 -20.00 -9.63
CA ALA H 27 -7.59 -20.54 -9.46
C ALA H 27 -7.05 -20.85 -10.85
N PRO H 28 -5.73 -21.03 -11.00
CA PRO H 28 -5.15 -21.34 -12.31
C PRO H 28 -5.86 -22.46 -13.07
N ASN H 29 -6.44 -23.43 -12.37
CA ASN H 29 -7.10 -24.54 -13.04
C ASN H 29 -8.56 -24.74 -12.62
N VAL H 30 -9.15 -23.73 -11.99
CA VAL H 30 -10.53 -23.83 -11.52
C VAL H 30 -11.35 -22.61 -11.94
N TRP H 31 -12.49 -22.85 -12.57
CA TRP H 31 -13.40 -21.78 -12.94
C TRP H 31 -14.79 -22.00 -12.35
N GLN H 32 -15.47 -20.90 -12.05
CA GLN H 32 -16.86 -20.97 -11.64
C GLN H 32 -17.75 -20.56 -12.80
N HIS H 33 -18.71 -21.42 -13.15
CA HIS H 33 -19.67 -21.08 -14.19
C HIS H 33 -21.00 -20.69 -13.56
N THR H 34 -21.63 -19.65 -14.10
CA THR H 34 -22.86 -19.13 -13.53
C THR H 34 -23.95 -18.99 -14.60
N SER H 35 -25.11 -19.58 -14.32
CA SER H 35 -26.23 -19.46 -15.23
C SER H 35 -27.45 -18.87 -14.52
N TYR H 36 -28.39 -18.36 -15.30
CA TYR H 36 -29.56 -17.68 -14.76
C TYR H 36 -30.85 -18.28 -15.30
N LEU H 37 -31.86 -18.34 -14.44
CA LEU H 37 -33.19 -18.76 -14.84
C LEU H 37 -34.22 -17.75 -14.35
N ASP H 38 -35.02 -17.24 -15.25
CA ASP H 38 -36.02 -16.25 -14.89
C ASP H 38 -37.20 -16.93 -14.21
N MET H 39 -37.40 -16.60 -12.94
CA MET H 39 -38.49 -17.16 -12.16
C MET H 39 -39.47 -16.06 -11.78
N PRO H 40 -40.77 -16.38 -11.81
CA PRO H 40 -41.86 -15.44 -11.56
C PRO H 40 -41.75 -14.69 -10.23
N GLY H 41 -41.51 -13.39 -10.30
CA GLY H 41 -41.47 -12.55 -9.13
C GLY H 41 -40.11 -12.31 -8.52
N PHE H 42 -39.08 -12.94 -9.07
CA PHE H 42 -37.73 -12.78 -8.54
C PHE H 42 -36.77 -12.25 -9.58
N GLY H 43 -37.12 -12.42 -10.85
CA GLY H 43 -36.21 -12.05 -11.92
C GLY H 43 -35.22 -13.17 -12.12
N ALA H 44 -34.03 -12.83 -12.61
CA ALA H 44 -33.03 -13.84 -12.92
C ALA H 44 -32.40 -14.37 -11.64
N VAL H 45 -32.45 -15.69 -11.49
CA VAL H 45 -31.85 -16.36 -10.33
C VAL H 45 -30.58 -17.08 -10.77
N ALA H 46 -29.47 -16.76 -10.09
CA ALA H 46 -28.18 -17.32 -10.44
C ALA H 46 -27.94 -18.69 -9.84
N SER H 47 -27.16 -19.50 -10.56
CA SER H 47 -26.75 -20.82 -10.08
C SER H 47 -25.30 -21.05 -10.47
N ASN H 48 -24.49 -21.47 -9.50
CA ASN H 48 -23.06 -21.64 -9.73
C ASN H 48 -22.64 -23.11 -9.79
N GLY H 49 -21.65 -23.39 -10.63
CA GLY H 49 -21.01 -24.69 -10.69
C GLY H 49 -19.52 -24.51 -10.88
N LEU H 50 -18.79 -25.62 -11.00
CA LEU H 50 -17.35 -25.55 -11.15
C LEU H 50 -16.84 -26.19 -12.43
N ILE H 51 -15.77 -25.61 -12.97
CA ILE H 51 -15.05 -26.20 -14.09
C ILE H 51 -13.60 -26.37 -13.66
N VAL H 52 -13.09 -27.60 -13.77
CA VAL H 52 -11.75 -27.91 -13.29
C VAL H 52 -10.87 -28.54 -14.38
N ARG H 53 -9.74 -27.91 -14.66
CA ARG H 53 -8.76 -28.45 -15.60
C ARG H 53 -7.79 -29.39 -14.87
N ASP H 54 -7.76 -30.65 -15.30
CA ASP H 54 -6.91 -31.66 -14.69
C ASP H 54 -5.98 -32.29 -15.71
N GLY H 55 -4.79 -31.73 -15.86
CA GLY H 55 -3.83 -32.23 -16.84
C GLY H 55 -4.32 -31.99 -18.25
N GLY H 56 -4.62 -33.06 -18.96
CA GLY H 56 -5.08 -32.97 -20.34
C GLY H 56 -6.58 -33.16 -20.48
N ARG H 57 -7.32 -32.91 -19.41
CA ARG H 57 -8.77 -33.08 -19.44
C ARG H 57 -9.46 -32.07 -18.54
N VAL H 58 -10.76 -31.91 -18.75
CA VAL H 58 -11.56 -30.97 -17.96
C VAL H 58 -12.64 -31.74 -17.20
N LEU H 59 -12.84 -31.38 -15.94
CA LEU H 59 -13.89 -31.96 -15.11
C LEU H 59 -14.93 -30.90 -14.75
N VAL H 60 -16.20 -31.28 -14.77
CA VAL H 60 -17.29 -30.33 -14.53
C VAL H 60 -18.11 -30.70 -13.30
N VAL H 61 -18.41 -29.71 -12.47
CA VAL H 61 -19.31 -29.92 -11.33
C VAL H 61 -20.60 -29.14 -11.57
N ASP H 62 -21.70 -29.89 -11.64
CA ASP H 62 -23.06 -29.37 -11.87
C ASP H 62 -23.30 -28.82 -13.26
N THR H 63 -24.53 -28.98 -13.72
CA THR H 63 -24.96 -28.42 -15.00
C THR H 63 -25.49 -27.01 -14.80
N ALA H 64 -25.98 -26.40 -15.88
CA ALA H 64 -26.70 -25.14 -15.76
C ALA H 64 -28.19 -25.46 -15.59
N TRP H 65 -29.03 -24.42 -15.60
CA TRP H 65 -30.46 -24.63 -15.43
C TRP H 65 -31.05 -25.47 -16.56
N THR H 66 -30.59 -25.24 -17.78
CA THR H 66 -31.17 -25.89 -18.95
C THR H 66 -30.12 -26.57 -19.83
N ASP H 67 -30.60 -27.35 -20.80
CA ASP H 67 -29.72 -27.99 -21.77
C ASP H 67 -28.99 -26.96 -22.63
N ASP H 68 -29.73 -25.94 -23.08
CA ASP H 68 -29.13 -24.91 -23.93
C ASP H 68 -28.01 -24.15 -23.21
N GLN H 69 -28.25 -23.80 -21.95
CA GLN H 69 -27.24 -23.10 -21.15
C GLN H 69 -26.02 -23.98 -20.90
N THR H 70 -26.28 -25.27 -20.66
CA THR H 70 -25.21 -26.24 -20.42
C THR H 70 -24.37 -26.42 -21.68
N ALA H 71 -25.04 -26.39 -22.83
CA ALA H 71 -24.32 -26.47 -24.10
C ALA H 71 -23.37 -25.28 -24.22
N GLN H 72 -23.80 -24.12 -23.70
CA GLN H 72 -22.99 -22.90 -23.72
C GLN H 72 -21.75 -23.02 -22.84
N ILE H 73 -21.88 -23.76 -21.74
CA ILE H 73 -20.73 -24.04 -20.86
C ILE H 73 -19.67 -24.82 -21.64
N LEU H 74 -20.13 -25.85 -22.34
CA LEU H 74 -19.25 -26.69 -23.15
C LEU H 74 -18.62 -25.86 -24.27
N ASN H 75 -19.39 -24.93 -24.82
CA ASN H 75 -18.89 -24.06 -25.87
C ASN H 75 -17.81 -23.13 -25.33
N TRP H 76 -18.01 -22.63 -24.13
CA TRP H 76 -17.00 -21.79 -23.46
C TRP H 76 -15.73 -22.57 -23.12
N ILE H 77 -15.90 -23.77 -22.57
CA ILE H 77 -14.77 -24.64 -22.22
C ILE H 77 -13.87 -24.87 -23.41
N LYS H 78 -14.53 -25.17 -24.52
CA LYS H 78 -13.87 -25.45 -25.76
C LYS H 78 -13.10 -24.24 -26.26
N GLN H 79 -13.67 -23.05 -26.08
CA GLN H 79 -13.07 -21.84 -26.59
C GLN H 79 -11.89 -21.46 -25.72
N GLU H 80 -12.05 -21.53 -24.40
CA GLU H 80 -11.05 -21.02 -23.48
C GLU H 80 -10.02 -22.06 -23.04
N ILE H 81 -10.39 -23.33 -23.06
CA ILE H 81 -9.49 -24.37 -22.58
C ILE H 81 -9.05 -25.34 -23.68
N ASN H 82 -9.98 -25.68 -24.57
CA ASN H 82 -9.72 -26.60 -25.68
C ASN H 82 -9.15 -27.94 -25.22
N LEU H 83 -9.79 -28.52 -24.22
CA LEU H 83 -9.46 -29.87 -23.75
C LEU H 83 -10.76 -30.65 -23.60
N PRO H 84 -10.71 -31.97 -23.85
CA PRO H 84 -11.92 -32.79 -23.77
C PRO H 84 -12.46 -32.87 -22.33
N VAL H 85 -13.78 -32.77 -22.19
CA VAL H 85 -14.42 -32.91 -20.90
C VAL H 85 -14.59 -34.39 -20.57
N ALA H 86 -13.85 -34.86 -19.57
CA ALA H 86 -13.81 -36.29 -19.26
C ALA H 86 -15.05 -36.77 -18.51
N LEU H 87 -15.48 -35.99 -17.51
CA LEU H 87 -16.62 -36.39 -16.70
C LEU H 87 -17.29 -35.20 -16.05
N ALA H 88 -18.50 -35.43 -15.55
CA ALA H 88 -19.24 -34.42 -14.81
C ALA H 88 -19.87 -35.01 -13.57
N VAL H 89 -19.89 -34.23 -12.49
CA VAL H 89 -20.54 -34.65 -11.25
C VAL H 89 -21.65 -33.65 -10.88
N VAL H 90 -22.84 -34.16 -10.61
CA VAL H 90 -23.94 -33.30 -10.19
C VAL H 90 -24.26 -33.54 -8.71
N THR H 91 -24.60 -32.46 -7.99
CA THR H 91 -24.60 -32.50 -6.54
C THR H 91 -25.92 -32.95 -5.90
N HIS H 92 -27.04 -32.71 -6.58
CA HIS H 92 -28.33 -33.28 -6.16
C HIS H 92 -29.39 -33.13 -7.26
N ALA H 93 -30.55 -33.75 -7.03
CA ALA H 93 -31.58 -33.86 -8.05
C ALA H 93 -32.54 -32.67 -8.10
N HIS H 94 -31.99 -31.48 -8.37
CA HIS H 94 -32.81 -30.30 -8.63
C HIS H 94 -32.38 -29.69 -9.96
N GLN H 95 -33.20 -28.78 -10.49
CA GLN H 95 -33.01 -28.26 -11.84
C GLN H 95 -31.71 -27.49 -12.03
N ASP H 96 -31.31 -26.70 -11.03
CA ASP H 96 -30.12 -25.87 -11.20
C ASP H 96 -28.84 -26.70 -11.22
N LYS H 97 -28.94 -27.96 -10.79
CA LYS H 97 -27.77 -28.82 -10.73
C LYS H 97 -27.80 -29.94 -11.78
N MET H 98 -29.00 -30.38 -12.14
CA MET H 98 -29.15 -31.48 -13.09
C MET H 98 -30.00 -31.11 -14.31
N GLY H 99 -30.32 -29.83 -14.44
CA GLY H 99 -31.18 -29.38 -15.52
C GLY H 99 -30.63 -29.59 -16.92
N GLY H 100 -29.31 -29.69 -17.04
CA GLY H 100 -28.68 -29.81 -18.34
C GLY H 100 -27.99 -31.13 -18.62
N MET H 101 -28.50 -32.22 -18.03
CA MET H 101 -27.89 -33.54 -18.19
C MET H 101 -27.84 -34.00 -19.65
N ASP H 102 -28.90 -33.67 -20.39
CA ASP H 102 -29.00 -34.07 -21.80
C ASP H 102 -27.88 -33.50 -22.65
N ALA H 103 -27.51 -32.26 -22.39
CA ALA H 103 -26.44 -31.61 -23.14
C ALA H 103 -25.12 -32.32 -22.91
N LEU H 104 -24.91 -32.78 -21.68
CA LEU H 104 -23.69 -33.50 -21.32
C LEU H 104 -23.64 -34.85 -22.03
N HIS H 105 -24.76 -35.55 -22.03
CA HIS H 105 -24.83 -36.86 -22.64
C HIS H 105 -24.70 -36.75 -24.16
N ALA H 106 -25.25 -35.68 -24.73
CA ALA H 106 -25.14 -35.44 -26.16
C ALA H 106 -23.69 -35.19 -26.57
N ALA H 107 -22.91 -34.63 -25.65
CA ALA H 107 -21.51 -34.32 -25.92
C ALA H 107 -20.60 -35.48 -25.57
N GLY H 108 -21.19 -36.59 -25.12
CA GLY H 108 -20.43 -37.79 -24.82
C GLY H 108 -19.66 -37.71 -23.51
N ILE H 109 -20.18 -36.93 -22.56
CA ILE H 109 -19.52 -36.76 -21.28
C ILE H 109 -20.10 -37.72 -20.25
N ALA H 110 -19.23 -38.53 -19.63
CA ALA H 110 -19.66 -39.46 -18.59
C ALA H 110 -20.13 -38.68 -17.38
N THR H 111 -21.33 -39.01 -16.89
CA THR H 111 -21.88 -38.25 -15.79
C THR H 111 -22.04 -39.10 -14.54
N TYR H 112 -21.78 -38.48 -13.38
CA TYR H 112 -21.84 -39.18 -12.12
C TYR H 112 -22.72 -38.45 -11.12
N ALA H 113 -23.47 -39.21 -10.34
CA ALA H 113 -24.30 -38.63 -9.29
C ALA H 113 -24.47 -39.63 -8.18
N ASN H 114 -24.90 -39.14 -7.02
CA ASN H 114 -25.32 -39.98 -5.93
C ASN H 114 -26.42 -40.92 -6.42
N ALA H 115 -26.36 -42.18 -5.98
CA ALA H 115 -27.35 -43.17 -6.37
C ALA H 115 -28.77 -42.69 -6.06
N LEU H 116 -28.91 -42.01 -4.92
CA LEU H 116 -30.20 -41.47 -4.53
C LEU H 116 -30.67 -40.37 -5.50
N SER H 117 -29.73 -39.54 -5.94
CA SER H 117 -30.04 -38.48 -6.92
C SER H 117 -30.60 -39.08 -8.21
N ASN H 118 -29.98 -40.16 -8.66
CA ASN H 118 -30.44 -40.84 -9.87
C ASN H 118 -31.80 -41.49 -9.65
N GLN H 119 -32.03 -41.98 -8.44
CA GLN H 119 -33.29 -42.61 -8.08
C GLN H 119 -34.41 -41.56 -8.03
N LEU H 120 -34.05 -40.36 -7.58
CA LEU H 120 -35.02 -39.28 -7.44
C LEU H 120 -35.24 -38.53 -8.75
N ALA H 121 -34.27 -38.63 -9.66
CA ALA H 121 -34.27 -37.82 -10.88
C ALA H 121 -35.58 -37.84 -11.69
N PRO H 122 -36.15 -39.03 -11.98
CA PRO H 122 -37.39 -39.00 -12.78
C PRO H 122 -38.56 -38.31 -12.06
N GLN H 123 -38.66 -38.48 -10.76
CA GLN H 123 -39.71 -37.86 -9.97
C GLN H 123 -39.59 -36.33 -10.00
N GLU H 124 -38.35 -35.86 -10.09
CA GLU H 124 -38.08 -34.43 -10.08
C GLU H 124 -38.07 -33.87 -11.51
N GLY H 125 -38.33 -34.74 -12.47
CA GLY H 125 -38.33 -34.34 -13.87
C GLY H 125 -36.94 -34.09 -14.43
N MET H 126 -35.94 -34.72 -13.83
CA MET H 126 -34.56 -34.58 -14.28
C MET H 126 -34.11 -35.87 -14.95
N VAL H 127 -33.15 -35.77 -15.87
CA VAL H 127 -32.53 -36.94 -16.47
C VAL H 127 -31.43 -37.45 -15.56
N ALA H 128 -31.48 -38.73 -15.22
CA ALA H 128 -30.52 -39.34 -14.31
C ALA H 128 -29.12 -39.38 -14.91
N ALA H 129 -28.10 -39.34 -14.04
CA ALA H 129 -26.74 -39.51 -14.49
C ALA H 129 -26.51 -40.96 -14.92
N GLN H 130 -25.49 -41.17 -15.73
CA GLN H 130 -25.20 -42.50 -16.29
C GLN H 130 -24.55 -43.43 -15.27
N HIS H 131 -23.94 -42.84 -14.24
CA HIS H 131 -23.29 -43.64 -13.20
C HIS H 131 -23.74 -43.21 -11.81
N SER H 132 -23.74 -44.16 -10.87
CA SER H 132 -24.18 -43.90 -9.51
C SER H 132 -23.03 -43.94 -8.53
N LEU H 133 -22.94 -42.93 -7.68
CA LEU H 133 -21.94 -42.90 -6.62
C LEU H 133 -22.54 -43.47 -5.35
N THR H 134 -21.75 -44.27 -4.65
CA THR H 134 -22.16 -44.75 -3.34
C THR H 134 -21.16 -44.26 -2.31
N PHE H 135 -21.57 -44.21 -1.06
CA PHE H 135 -20.76 -43.60 -0.04
C PHE H 135 -20.66 -44.52 1.18
N ALA H 136 -19.52 -44.43 1.87
CA ALA H 136 -19.31 -45.19 3.09
C ALA H 136 -20.05 -44.54 4.26
N ALA H 137 -19.99 -45.19 5.42
CA ALA H 137 -20.67 -44.70 6.60
C ALA H 137 -20.07 -43.39 7.09
N ASN H 138 -18.83 -43.11 6.70
CA ASN H 138 -18.18 -41.86 7.11
C ASN H 138 -18.42 -40.73 6.12
N GLY H 139 -19.21 -41.03 5.08
CA GLY H 139 -19.61 -40.00 4.12
C GLY H 139 -18.76 -39.91 2.86
N TRP H 140 -17.58 -40.52 2.89
CA TRP H 140 -16.67 -40.45 1.75
C TRP H 140 -17.09 -41.40 0.64
N VAL H 141 -16.90 -40.96 -0.60
CA VAL H 141 -17.32 -41.74 -1.76
C VAL H 141 -16.51 -43.02 -1.85
N GLU H 142 -17.17 -44.11 -2.22
CA GLU H 142 -16.49 -45.36 -2.50
C GLU H 142 -15.71 -45.22 -3.81
N PRO H 143 -14.38 -45.30 -3.74
CA PRO H 143 -13.48 -45.03 -4.87
C PRO H 143 -13.76 -45.88 -6.11
N ALA H 144 -14.30 -47.08 -5.93
CA ALA H 144 -14.65 -47.93 -7.06
C ALA H 144 -15.72 -47.27 -7.91
N THR H 145 -16.59 -46.49 -7.27
CA THR H 145 -17.69 -45.85 -7.98
C THR H 145 -17.28 -44.50 -8.56
N ALA H 146 -16.13 -44.00 -8.13
CA ALA H 146 -15.63 -42.73 -8.66
C ALA H 146 -14.24 -42.91 -9.26
N PRO H 147 -14.14 -43.65 -10.38
CA PRO H 147 -12.84 -43.95 -10.98
C PRO H 147 -12.24 -42.77 -11.71
N ASN H 148 -10.94 -42.52 -11.49
CA ASN H 148 -10.19 -41.50 -12.23
C ASN H 148 -10.79 -40.10 -12.09
N PHE H 149 -11.14 -39.74 -10.87
CA PHE H 149 -11.73 -38.44 -10.60
C PHE H 149 -10.69 -37.34 -10.40
N GLY H 150 -9.42 -37.73 -10.44
CA GLY H 150 -8.33 -36.79 -10.28
C GLY H 150 -8.38 -36.08 -8.95
N PRO H 151 -8.38 -34.73 -8.96
CA PRO H 151 -8.42 -33.90 -7.76
C PRO H 151 -9.79 -33.81 -7.10
N LEU H 152 -10.83 -34.35 -7.74
CA LEU H 152 -12.19 -34.28 -7.19
C LEU H 152 -12.41 -35.22 -6.00
N LYS H 153 -12.65 -34.65 -4.84
CA LYS H 153 -12.98 -35.43 -3.65
C LYS H 153 -14.46 -35.29 -3.32
N VAL H 154 -15.23 -36.35 -3.59
CA VAL H 154 -16.68 -36.29 -3.36
C VAL H 154 -17.02 -36.78 -1.96
N PHE H 155 -17.83 -35.98 -1.26
CA PHE H 155 -18.20 -36.29 0.13
C PHE H 155 -19.70 -36.09 0.35
N TYR H 156 -20.33 -37.08 0.96
CA TYR H 156 -21.74 -36.97 1.33
C TYR H 156 -21.86 -36.64 2.82
N PRO H 157 -22.24 -35.40 3.13
CA PRO H 157 -22.27 -34.89 4.51
C PRO H 157 -23.49 -35.32 5.31
N GLY H 158 -24.45 -35.97 4.65
CA GLY H 158 -25.72 -36.29 5.27
C GLY H 158 -26.83 -35.38 4.75
N PRO H 159 -28.09 -35.69 5.09
CA PRO H 159 -29.22 -34.91 4.60
C PRO H 159 -29.25 -33.47 5.12
N GLY H 160 -29.49 -32.51 4.24
CA GLY H 160 -29.53 -31.12 4.61
C GLY H 160 -30.49 -30.36 3.72
N HIS H 161 -29.96 -29.73 2.67
CA HIS H 161 -30.81 -29.08 1.67
C HIS H 161 -31.74 -30.10 1.04
N THR H 162 -31.19 -31.26 0.71
CA THR H 162 -31.97 -32.42 0.27
C THR H 162 -31.40 -33.69 0.92
N SER H 163 -32.02 -34.82 0.66
CA SER H 163 -31.55 -36.08 1.22
C SER H 163 -30.35 -36.61 0.46
N ASP H 164 -30.15 -36.13 -0.77
CA ASP H 164 -29.13 -36.69 -1.64
C ASP H 164 -27.96 -35.73 -1.88
N ASN H 165 -28.06 -34.50 -1.37
CA ASN H 165 -27.04 -33.48 -1.62
C ASN H 165 -25.62 -33.94 -1.26
N ILE H 166 -24.71 -33.77 -2.22
CA ILE H 166 -23.31 -34.10 -2.01
C ILE H 166 -22.43 -32.88 -2.25
N THR H 167 -21.18 -32.97 -1.80
CA THR H 167 -20.23 -31.88 -1.90
C THR H 167 -18.91 -32.35 -2.51
N VAL H 168 -18.13 -31.40 -3.03
CA VAL H 168 -16.87 -31.74 -3.71
C VAL H 168 -15.70 -30.83 -3.29
N GLY H 169 -14.59 -31.44 -2.93
CA GLY H 169 -13.36 -30.73 -2.67
C GLY H 169 -12.35 -30.89 -3.81
N ILE H 170 -11.55 -29.86 -4.06
CA ILE H 170 -10.56 -29.85 -5.13
C ILE H 170 -9.12 -29.93 -4.61
N ASP H 171 -8.43 -31.04 -4.83
CA ASP H 171 -7.04 -31.19 -4.37
C ASP H 171 -6.11 -30.18 -5.04
N GLY H 172 -5.11 -29.72 -4.29
CA GLY H 172 -4.16 -28.75 -4.81
C GLY H 172 -4.69 -27.33 -4.74
N THR H 173 -5.92 -27.17 -4.28
CA THR H 173 -6.50 -25.84 -4.15
C THR H 173 -7.08 -25.60 -2.76
N ASP H 174 -7.48 -24.36 -2.54
CA ASP H 174 -8.12 -23.95 -1.29
C ASP H 174 -9.63 -24.03 -1.40
N ILE H 175 -10.11 -24.64 -2.48
CA ILE H 175 -11.52 -24.57 -2.87
C ILE H 175 -12.32 -25.82 -2.50
N ALA H 176 -13.50 -25.61 -1.93
CA ALA H 176 -14.47 -26.67 -1.69
C ALA H 176 -15.84 -26.22 -2.16
N PHE H 177 -16.61 -27.14 -2.74
CA PHE H 177 -17.92 -26.79 -3.28
C PHE H 177 -19.04 -27.40 -2.46
N GLY H 178 -19.88 -26.55 -1.89
CA GLY H 178 -20.94 -26.99 -1.00
C GLY H 178 -22.29 -27.09 -1.68
N GLY H 179 -22.36 -26.66 -2.94
CA GLY H 179 -23.60 -26.70 -3.68
C GLY H 179 -24.70 -25.85 -3.05
N CYS H 180 -25.90 -26.41 -2.98
CA CYS H 180 -27.05 -25.69 -2.41
C CYS H 180 -27.14 -25.86 -0.90
N LEU H 181 -26.30 -26.72 -0.35
CA LEU H 181 -26.24 -26.96 1.09
C LEU H 181 -25.76 -25.71 1.82
N ILE H 182 -24.74 -25.06 1.28
CA ILE H 182 -24.12 -23.90 1.92
C ILE H 182 -24.58 -22.57 1.34
N LYS H 183 -25.00 -21.67 2.23
CA LYS H 183 -25.29 -20.28 1.87
C LYS H 183 -24.18 -19.38 2.40
N ASP H 184 -24.07 -18.16 1.87
CA ASP H 184 -22.99 -17.27 2.28
C ASP H 184 -23.23 -16.71 3.67
N SER H 185 -22.20 -16.09 4.25
CA SER H 185 -22.25 -15.67 5.64
C SER H 185 -23.24 -14.53 5.92
N LYS H 186 -23.72 -13.86 4.87
CA LYS H 186 -24.67 -12.77 5.07
C LYS H 186 -26.09 -13.19 4.69
N ALA H 187 -26.27 -14.47 4.34
CA ALA H 187 -27.58 -14.93 3.91
C ALA H 187 -28.56 -14.81 5.06
N LYS H 188 -29.82 -14.53 4.71
CA LYS H 188 -30.86 -14.32 5.70
C LYS H 188 -31.66 -15.60 5.92
N SER H 189 -31.64 -16.48 4.94
CA SER H 189 -32.33 -17.76 5.03
C SER H 189 -31.56 -18.86 4.29
N LEU H 190 -32.01 -20.10 4.47
CA LEU H 190 -31.40 -21.24 3.80
C LEU H 190 -32.10 -21.54 2.48
N GLY H 191 -32.94 -20.61 2.05
CA GLY H 191 -33.63 -20.75 0.77
C GLY H 191 -34.72 -21.81 0.81
N ASN H 192 -34.82 -22.58 -0.26
CA ASN H 192 -35.83 -23.62 -0.37
C ASN H 192 -35.59 -24.75 0.62
N LEU H 193 -36.48 -24.87 1.60
CA LEU H 193 -36.39 -25.95 2.58
C LEU H 193 -37.49 -26.97 2.35
N GLY H 194 -38.04 -26.94 1.14
CA GLY H 194 -39.12 -27.83 0.75
C GLY H 194 -38.70 -29.29 0.82
N ASP H 195 -37.48 -29.57 0.39
CA ASP H 195 -36.98 -30.94 0.38
C ASP H 195 -35.92 -31.12 1.46
N ALA H 196 -35.92 -30.24 2.45
CA ALA H 196 -34.85 -30.19 3.45
C ALA H 196 -35.09 -31.11 4.63
N ASP H 197 -33.99 -31.51 5.27
CA ASP H 197 -34.02 -32.23 6.52
C ASP H 197 -33.65 -31.24 7.62
N THR H 198 -34.66 -30.62 8.21
CA THR H 198 -34.44 -29.54 9.17
C THR H 198 -33.78 -30.02 10.45
N GLU H 199 -33.89 -31.32 10.72
CA GLU H 199 -33.34 -31.90 11.93
C GLU H 199 -31.83 -32.13 11.84
N HIS H 200 -31.37 -32.52 10.65
CA HIS H 200 -29.97 -32.91 10.46
C HIS H 200 -29.17 -31.89 9.66
N TYR H 201 -29.80 -30.79 9.24
CA TYR H 201 -29.16 -29.79 8.38
C TYR H 201 -27.87 -29.26 9.00
N ALA H 202 -27.96 -28.83 10.26
CA ALA H 202 -26.82 -28.22 10.94
C ALA H 202 -25.62 -29.16 11.00
N ALA H 203 -25.87 -30.42 11.37
CA ALA H 203 -24.82 -31.43 11.46
C ALA H 203 -24.20 -31.71 10.10
N SER H 204 -25.03 -31.69 9.06
CA SER H 204 -24.54 -31.96 7.71
C SER H 204 -23.63 -30.84 7.23
N ALA H 205 -24.02 -29.59 7.50
CA ALA H 205 -23.22 -28.43 7.13
C ALA H 205 -21.86 -28.47 7.82
N ARG H 206 -21.86 -28.81 9.11
CA ARG H 206 -20.60 -28.89 9.86
C ARG H 206 -19.76 -30.08 9.41
N ALA H 207 -20.41 -31.16 9.00
CA ALA H 207 -19.71 -32.33 8.48
C ALA H 207 -18.94 -31.98 7.21
N PHE H 208 -19.54 -31.11 6.40
CA PHE H 208 -18.91 -30.63 5.18
C PHE H 208 -17.63 -29.86 5.52
N GLY H 209 -17.71 -29.00 6.52
CA GLY H 209 -16.55 -28.25 6.97
C GLY H 209 -15.46 -29.13 7.52
N ALA H 210 -15.85 -30.15 8.27
CA ALA H 210 -14.87 -31.06 8.89
C ALA H 210 -14.23 -31.94 7.84
N ALA H 211 -14.94 -32.18 6.75
CA ALA H 211 -14.42 -33.00 5.66
C ALA H 211 -13.31 -32.28 4.91
N PHE H 212 -13.45 -30.96 4.79
CA PHE H 212 -12.44 -30.16 4.11
C PHE H 212 -11.95 -29.02 4.99
N PRO H 213 -11.15 -29.35 6.03
CA PRO H 213 -10.71 -28.39 7.04
C PRO H 213 -9.75 -27.34 6.47
N LYS H 214 -9.07 -27.69 5.39
CA LYS H 214 -8.05 -26.82 4.81
C LYS H 214 -8.61 -25.85 3.79
N ALA H 215 -9.82 -26.11 3.30
CA ALA H 215 -10.45 -25.27 2.30
C ALA H 215 -10.78 -23.87 2.83
N SER H 216 -10.16 -22.85 2.26
CA SER H 216 -10.39 -21.47 2.69
C SER H 216 -11.42 -20.78 1.81
N MET H 217 -11.54 -21.24 0.57
CA MET H 217 -12.53 -20.67 -0.35
C MET H 217 -13.71 -21.63 -0.55
N ILE H 218 -14.88 -21.24 -0.07
CA ILE H 218 -16.07 -22.06 -0.19
C ILE H 218 -16.97 -21.59 -1.34
N VAL H 219 -17.11 -22.43 -2.35
CA VAL H 219 -17.96 -22.13 -3.50
C VAL H 219 -19.35 -22.74 -3.31
N MET H 220 -20.39 -21.97 -3.63
CA MET H 220 -21.75 -22.45 -3.48
C MET H 220 -22.64 -22.06 -4.65
N SER H 221 -23.86 -22.59 -4.64
CA SER H 221 -24.77 -22.47 -5.78
C SER H 221 -25.32 -21.07 -5.99
N HIS H 222 -25.63 -20.35 -4.92
CA HIS H 222 -26.41 -19.12 -5.07
C HIS H 222 -25.79 -17.88 -4.44
N SER H 223 -24.46 -17.84 -4.37
CA SER H 223 -23.75 -16.64 -3.95
C SER H 223 -22.31 -16.74 -4.42
N ALA H 224 -21.62 -15.60 -4.49
CA ALA H 224 -20.21 -15.56 -4.84
C ALA H 224 -19.40 -16.37 -3.83
N PRO H 225 -18.23 -16.88 -4.26
CA PRO H 225 -17.36 -17.62 -3.34
C PRO H 225 -17.11 -16.86 -2.04
N ASP H 226 -17.18 -17.55 -0.92
CA ASP H 226 -17.04 -16.94 0.38
C ASP H 226 -15.92 -17.62 1.17
N SER H 227 -15.69 -17.15 2.40
CA SER H 227 -14.75 -17.79 3.31
C SER H 227 -15.45 -18.93 4.03
N ARG H 228 -14.78 -19.52 5.01
CA ARG H 228 -15.36 -20.63 5.78
C ARG H 228 -16.55 -20.17 6.63
N ALA H 229 -16.74 -18.85 6.76
CA ALA H 229 -17.86 -18.30 7.51
C ALA H 229 -19.19 -18.74 6.92
N ALA H 230 -19.20 -19.02 5.62
CA ALA H 230 -20.40 -19.49 4.96
C ALA H 230 -20.85 -20.82 5.58
N ILE H 231 -19.88 -21.66 5.90
CA ILE H 231 -20.15 -22.94 6.57
C ILE H 231 -20.71 -22.70 7.98
N THR H 232 -20.03 -21.84 8.73
CA THR H 232 -20.41 -21.57 10.11
C THR H 232 -21.77 -20.89 10.21
N HIS H 233 -22.00 -19.90 9.36
CA HIS H 233 -23.26 -19.18 9.33
C HIS H 233 -24.42 -20.08 8.90
N THR H 234 -24.16 -20.94 7.91
CA THR H 234 -25.17 -21.89 7.45
C THR H 234 -25.57 -22.84 8.59
N ALA H 235 -24.57 -23.38 9.28
CA ALA H 235 -24.81 -24.29 10.40
C ALA H 235 -25.61 -23.61 11.50
N ARG H 236 -25.30 -22.34 11.76
CA ARG H 236 -25.96 -21.60 12.83
C ARG H 236 -27.38 -21.23 12.45
N MET H 237 -27.61 -20.95 11.17
CA MET H 237 -28.98 -20.75 10.68
C MET H 237 -29.80 -22.03 10.79
N ALA H 238 -29.17 -23.17 10.47
CA ALA H 238 -29.85 -24.46 10.51
C ALA H 238 -30.17 -24.87 11.94
N ASP H 239 -29.38 -24.37 12.89
CA ASP H 239 -29.62 -24.63 14.30
C ASP H 239 -30.98 -24.05 14.74
N LYS H 240 -31.42 -23.01 14.04
CA LYS H 240 -32.67 -22.34 14.38
C LYS H 240 -33.88 -23.08 13.78
N LEU H 241 -33.61 -24.16 13.06
CA LEU H 241 -34.68 -24.96 12.45
C LEU H 241 -35.14 -26.06 13.39
N ARG H 242 -34.29 -26.38 14.36
CA ARG H 242 -34.55 -27.46 15.30
C ARG H 242 -35.38 -26.99 16.49
ZN ZN I . -42.16 -4.92 -6.18
ZN ZN J . -40.76 -6.45 -2.52
CAA 8YL K . -43.41 -10.97 -5.72
CAU 8YL K . -43.04 -9.49 -5.85
OAJ 8YL K . -43.79 -8.74 -4.89
CBA 8YL K . -41.55 -9.22 -5.62
CAQ 8YL K . -41.32 -7.80 -6.14
OAI 8YL K . -41.87 -6.88 -5.49
OAF 8YL K . -40.63 -7.66 -7.18
CAZ 8YL K . -41.24 -9.26 -4.12
CAV 8YL K . -40.21 -10.31 -3.66
CAB 8YL K . -40.37 -11.67 -4.36
NAN 8YL K . -40.48 -8.07 -3.69
CAS 8YL K . -39.21 -8.38 -3.98
CAP 8YL K . -38.25 -7.46 -4.16
OAH 8YL K . -37.20 -7.71 -4.77
OAE 8YL K . -38.42 -6.31 -3.72
CAT 8YL K . -39.00 -9.70 -3.97
SAO 8YL K . -37.49 -10.59 -4.21
CG 8YL K . -37.26 -11.17 -2.54
CB 8YL K . -36.32 -12.36 -2.50
CD 8YL K . -36.43 -10.13 -1.84
N 8YL K . -35.21 -10.28 -2.64
CA 8YL K . -34.93 -11.71 -2.41
C 8YL K . -33.98 -12.31 -3.47
O 8YL K . -34.13 -12.07 -4.65
NAY 8YL K . -33.01 -13.10 -2.98
CAD 8YL K . -32.07 -13.71 -3.94
CAC 8YL K . -32.92 -13.34 -1.53
S SO4 L . -22.60 8.18 -3.10
O1 SO4 L . -21.86 9.12 -3.94
O2 SO4 L . -22.19 8.33 -1.71
O3 SO4 L . -22.31 6.82 -3.54
O4 SO4 L . -24.03 8.44 -3.20
ZN ZN M . 29.28 2.13 22.80
ZN ZN N . 30.91 0.47 26.31
CAA 8YL O . 28.10 -3.90 22.96
CAU 8YL O . 28.42 -2.40 22.97
OAJ 8YL O . 27.72 -1.79 24.06
CBA 8YL O . 29.93 -2.12 23.12
CAQ 8YL O . 30.13 -0.66 22.68
OAI 8YL O . 29.88 0.22 23.54
OAF 8YL O . 30.53 -0.46 21.52
CAZ 8YL O . 30.29 -2.25 24.60
CAV 8YL O . 31.38 -3.28 24.93
CAB 8YL O . 31.28 -4.57 24.10
NAN 8YL O . 31.00 -1.05 25.08
CAS 8YL O . 32.29 -1.27 24.78
CAP 8YL O . 33.21 -0.33 24.68
OAH 8YL O . 34.15 -0.42 23.86
OAE 8YL O . 33.15 0.70 25.40
CAT 8YL O . 32.56 -2.58 24.68
SAO 8YL O . 34.11 -3.33 24.41
CG 8YL O . 34.65 -3.38 26.10
CB 8YL O . 34.97 -4.81 26.55
CD 8YL O . 35.95 -2.62 26.30
N 8YL O . 36.55 -3.34 27.44
CA 8YL O . 36.45 -4.74 27.00
C 8YL O . 37.38 -5.22 25.86
O 8YL O . 37.81 -4.45 24.99
NAY 8YL O . 37.73 -6.52 25.88
CAD 8YL O . 38.62 -7.00 24.81
CAC 8YL O . 37.21 -7.43 26.93
S SO4 P . 48.65 15.57 26.42
O1 SO4 P . 49.29 16.57 25.57
O2 SO4 P . 49.33 15.53 27.71
O3 SO4 P . 48.74 14.26 25.77
O4 SO4 P . 47.25 15.92 26.62
ZN ZN Q . -13.30 3.96 24.08
ZN ZN R . -10.03 6.07 22.51
CAA 8YL S . -14.90 9.92 22.95
CAU 8YL S . -14.47 8.46 23.16
OAJ 8YL S . -14.22 7.88 21.87
CBA 8YL S . -13.22 8.32 24.04
CAQ 8YL S . -13.19 6.86 24.51
OAI 8YL S . -13.48 6.63 25.69
OAF 8YL S . -12.88 6.00 23.65
CAZ 8YL S . -11.97 8.57 23.18
CAV 8YL S . -11.06 9.75 23.59
CAB 8YL S . -11.82 11.02 23.99
NAN 8YL S . -11.00 7.50 23.41
CAS 8YL S . -10.31 7.90 24.49
CAP 8YL S . -9.62 7.08 25.30
OAH 8YL S . -9.56 7.29 26.53
OAE 8YL S . -9.01 6.10 24.81
CAT 8YL S . -10.33 9.22 24.64
SAO 8YL S . -9.47 10.17 25.86
CG 8YL S . -7.87 10.15 25.07
CB 8YL S . -7.64 11.55 24.49
CD 8YL S . -6.73 10.03 26.08
N 8YL S . -6.74 11.39 26.64
CA 8YL S . -6.57 12.15 25.40
C 8YL S . -6.85 13.64 25.66
O 8YL S . -7.64 13.97 26.53
NAY 8YL S . -6.18 14.52 24.88
CAD 8YL S . -6.43 15.95 25.11
CAC 8YL S . -5.24 14.05 23.86
S SO4 T . 4.94 -5.81 36.00
O1 SO4 T . 6.27 -5.85 35.41
O2 SO4 T . 4.85 -6.81 37.06
O3 SO4 T . 3.94 -6.10 34.98
O4 SO4 T . 4.68 -4.49 36.56
ZN ZN U . 17.68 -13.02 -27.63
ZN ZN V . 16.16 -11.28 -31.15
CAA 8YL W . 21.69 -13.38 -32.21
CAU 8YL W . 20.69 -13.38 -31.04
OAJ 8YL W . 20.48 -12.02 -30.61
CBA 8YL W . 19.34 -14.00 -31.43
CAQ 8YL W . 18.52 -14.07 -30.14
OAI 8YL W . 18.33 -12.99 -29.53
OAF 8YL W . 18.08 -15.19 -29.80
CAZ 8YL W . 18.65 -13.08 -32.44
CAV 8YL W . 18.24 -13.74 -33.76
CAB 8YL W . 19.28 -14.75 -34.27
NAN 8YL W . 17.30 -12.70 -31.99
CAS 8YL W . 16.51 -13.73 -32.39
CAP 8YL W . 15.33 -14.01 -31.84
OAH 8YL W . 14.84 -15.16 -31.90
OAE 8YL W . 14.70 -13.12 -31.23
CAT 8YL W . 17.03 -14.37 -33.44
SAO 8YL W . 16.35 -15.72 -34.37
CG 8YL W . 16.01 -14.87 -35.90
CB 8YL W . 15.36 -15.87 -36.84
CD 8YL W . 14.94 -13.81 -35.70
N 8YL W . 13.72 -14.62 -35.79
CA 8YL W . 13.98 -15.26 -37.09
C 8YL W . 12.99 -16.36 -37.47
O 8YL W . 12.45 -17.04 -36.60
NAY 8YL W . 12.77 -16.54 -38.79
CAD 8YL W . 11.83 -17.61 -39.19
CAC 8YL W . 13.45 -15.69 -39.79
S SO4 X . -5.73 -16.48 -25.46
O1 SO4 X . -5.18 -17.63 -26.18
O2 SO4 X . -4.64 -15.59 -25.06
O3 SO4 X . -6.66 -15.77 -26.33
O4 SO4 X . -6.42 -16.94 -24.26
S SO4 Y . 23.29 0.69 -9.88
O1 SO4 Y . 23.57 -0.48 -9.05
O2 SO4 Y . 24.41 0.95 -10.77
O3 SO4 Y . 22.09 0.45 -10.67
O4 SO4 Y . 23.08 1.84 -9.00
ZN ZN Z . -2.71 32.77 -14.44
ZN ZN AA . -5.83 31.81 -11.75
CAA 8YL BA . -0.62 31.44 -8.70
CAU 8YL BA . -1.04 31.88 -10.11
OAJ 8YL BA . -1.49 30.74 -10.83
CBA 8YL BA . -2.15 32.95 -10.09
CAQ 8YL BA . -2.36 33.35 -11.55
OAI 8YL BA . -2.02 34.50 -11.90
OAF 8YL BA . -2.89 32.49 -12.30
CAZ 8YL BA . -3.44 32.33 -9.54
CAV 8YL BA . -4.05 33.02 -8.30
CAB 8YL BA . -3.02 33.39 -7.22
NAN 8YL BA . -4.57 32.59 -10.44
CAS 8YL BA . -4.95 33.84 -10.12
CAP 8YL BA . -5.59 34.64 -10.97
OAH 8YL BA . -5.66 35.88 -10.80
OAE 8YL BA . -6.15 34.15 -11.97
CAT 8YL BA . -4.65 34.14 -8.85
SAO 8YL BA . -4.99 35.63 -7.94
CG 8YL BA . -6.61 35.19 -7.30
CB 8YL BA . -6.99 35.97 -6.03
CD 8YL BA . -7.71 35.60 -8.26
N 8YL BA . -8.85 35.38 -7.35
CA 8YL BA . -8.49 36.26 -6.23
C 8YL BA . -8.65 37.75 -6.59
O 8YL BA . -7.66 38.43 -6.88
NAY 8YL BA . -9.90 38.25 -6.54
CAD 8YL BA . -10.08 39.67 -6.88
CAC 8YL BA . -11.03 37.38 -6.18
S SO4 CA . -20.95 45.38 -13.92
O1 SO4 CA . -20.49 44.98 -12.60
O2 SO4 CA . -20.20 46.56 -14.36
O3 SO4 CA . -20.74 44.29 -14.86
O4 SO4 CA . -22.37 45.69 -13.86
ZN ZN DA . 13.77 -27.28 -7.61
ZN ZN EA . 15.46 -30.20 -4.93
CAA 8YL FA . 9.78 -31.83 -6.67
CAU 8YL FA . 10.82 -30.72 -6.89
OAJ 8YL FA . 10.97 -29.97 -5.67
CBA 8YL FA . 12.20 -31.27 -7.32
CAQ 8YL FA . 12.97 -30.04 -7.80
OAI 8YL FA . 13.26 -29.97 -9.01
OAF 8YL FA . 13.25 -29.19 -6.94
CAZ 8YL FA . 12.92 -31.90 -6.13
CAV 8YL FA . 13.33 -33.38 -6.32
CAB 8YL FA . 12.26 -34.23 -6.98
NAN 8YL FA . 14.28 -31.37 -5.97
CAS 8YL FA . 15.00 -32.06 -6.88
CAP 8YL FA . 16.14 -31.62 -7.43
OAH 8YL FA . 16.54 -32.03 -8.54
OAE 8YL FA . 16.82 -30.76 -6.82
CAT 8YL FA . 14.47 -33.26 -7.11
SAO 8YL FA . 15.05 -34.54 -8.19
CG 8YL FA . 15.90 -35.61 -7.04
CB 8YL FA . 16.08 -36.95 -7.71
CD 8YL FA . 17.34 -35.23 -6.82
N 8YL FA . 17.77 -36.45 -6.13
CA 8YL FA . 17.32 -37.54 -7.02
C 8YL FA . 18.35 -37.91 -8.11
O 8YL FA . 19.09 -37.06 -8.60
NAY 8YL FA . 18.40 -39.21 -8.47
CAD 8YL FA . 19.37 -39.60 -9.50
CAC 8YL FA . 17.49 -40.18 -7.84
S SO4 GA . 33.73 -37.98 -12.51
O1 SO4 GA . 33.04 -37.74 -11.25
O2 SO4 GA . 35.17 -38.06 -12.27
O3 SO4 GA . 33.46 -36.88 -13.43
O4 SO4 GA . 33.27 -39.23 -13.10
ZN ZN HA . 32.90 17.14 3.25
ZN ZN IA . 32.29 17.86 -0.83
CAA 8YL JA . 38.16 18.89 0.33
CAU 8YL JA . 36.92 18.39 1.06
OAJ 8YL JA . 35.99 19.47 1.19
CBA 8YL JA . 36.23 17.23 0.31
CAQ 8YL JA . 35.17 16.67 1.28
OAI 8YL JA . 35.52 15.74 2.02
OAF 8YL JA . 34.04 17.21 1.26
CAZ 8YL JA . 35.59 17.78 -0.98
CAV 8YL JA . 36.03 17.06 -2.27
CAB 8YL JA . 37.54 16.77 -2.30
NAN 8YL JA . 34.16 17.42 -1.07
CAS 8YL JA . 34.19 16.15 -1.51
CAP 8YL JA . 33.22 15.25 -1.30
OAH 8YL JA . 33.51 14.06 -1.06
OAE 8YL JA . 32.03 15.60 -1.31
CAT 8YL JA . 35.28 15.91 -2.23
SAO 8YL JA . 35.74 14.40 -3.04
CG 8YL JA . 35.42 14.87 -4.73
CB 8YL JA . 36.15 13.86 -5.62
CD 8YL JA . 33.95 14.68 -5.12
N 8YL JA . 33.93 13.30 -5.62
CA 8YL JA . 35.05 13.40 -6.57
C 8YL JA . 35.48 12.07 -7.23
O 8YL JA . 35.71 11.08 -6.54
NAY 8YL JA . 35.60 12.10 -8.57
CAD 8YL JA . 36.02 10.87 -9.26
CAC 8YL JA . 35.31 13.34 -9.31
ZN ZN KA . -31.68 -27.90 -4.60
ZN ZN LA . -30.08 -24.43 -5.54
CAA 8YL MA . -35.34 -24.53 -8.61
CAU 8YL MA . -34.56 -25.35 -7.57
OAJ 8YL MA . -33.34 -25.82 -8.17
CBA 8YL MA . -34.23 -24.53 -6.32
CAQ 8YL MA . -33.83 -25.54 -5.25
OAI 8YL MA . -32.66 -25.98 -5.29
OAF 8YL MA . -34.70 -25.87 -4.41
CAZ 8YL MA . -33.07 -23.58 -6.63
CAV 8YL MA . -33.35 -22.10 -6.35
CAB 8YL MA . -34.76 -21.66 -6.79
NAN 8YL MA . -31.97 -23.73 -5.66
CAS 8YL MA . -32.37 -23.00 -4.61
CAP 8YL MA . -31.97 -23.19 -3.35
OAH 8YL MA . -32.71 -22.93 -2.38
OAE 8YL MA . -30.82 -23.64 -3.13
CAT 8YL MA . -33.20 -22.01 -4.98
SAO 8YL MA . -33.93 -20.75 -3.97
CG 8YL MA . -32.76 -19.44 -4.25
CB 8YL MA . -33.36 -18.10 -3.86
CD 8YL MA . -31.70 -19.62 -3.19
N 8YL MA . -32.54 -19.35 -2.03
CA 8YL MA . -33.01 -17.99 -2.36
C 8YL MA . -34.24 -17.54 -1.57
O 8YL MA . -35.38 -17.75 -1.99
NAY 8YL MA . -34.01 -16.90 -0.41
CAD 8YL MA . -35.16 -16.44 0.38
CAC 8YL MA . -32.61 -16.68 0.03
#